data_4EQY
#
_entry.id   4EQY
#
_cell.length_a   109.440
_cell.length_b   90.490
_cell.length_c   109.520
_cell.angle_alpha   90.000
_cell.angle_beta   111.030
_cell.angle_gamma   90.000
#
_symmetry.space_group_name_H-M   'P 1 21 1'
#
loop_
_entity.id
_entity.type
_entity.pdbx_description
1 polymer 'Acyl-[acyl-carrier-protein]--UDP-N-acetylglucosamine O-acyltransferase'
2 polymer 'HIS-HIS-HIS peptide'
3 water water
#
loop_
_entity_poly.entity_id
_entity_poly.type
_entity_poly.pdbx_seq_one_letter_code
_entity_poly.pdbx_strand_id
1 'polypeptide(L)'
;MAHHHHHHMGTLEAQTQGPGSMSRIHPTAIIEPGAQLHETVEVGPYAIVGSNVTIGARTTIGSHSVIEGHTTIGEDNRIG
HYASVGGRPQDMKYKDEPTRLVIGDRNTIREFTTIHTGTVQDAGVTTLGDDNWIMAYVHIGHDCRVGSHVVLSSNAQMAG
HVEIGDWAIVGGMSGVHQYVRIGAHSMLGGASALVQDIPPFVIAAGNKAEPHGINVEGLRRRGFSPDAISALRSAYRILY
KNSLSLEEAKVQLSELAQAGGDGDAAVKALVDFVESSQRGIIR
;
A,B,C,E,F,G
2 'polypeptide(L)' HHH X
#
# COMPACT_ATOMS: atom_id res chain seq x y z
N SER A 23 -3.31 -0.31 -28.68
CA SER A 23 -2.55 -0.16 -29.95
C SER A 23 -1.06 -0.07 -29.66
N ARG A 24 -0.26 -0.61 -30.55
CA ARG A 24 1.17 -0.76 -30.30
C ARG A 24 1.89 0.56 -30.15
N ILE A 25 1.47 1.55 -30.94
CA ILE A 25 1.97 2.92 -30.84
C ILE A 25 1.01 3.80 -30.10
N HIS A 26 1.43 4.34 -28.95
CA HIS A 26 0.52 5.15 -28.14
C HIS A 26 0.06 6.35 -28.95
N PRO A 27 -1.21 6.76 -28.80
CA PRO A 27 -1.66 7.91 -29.61
C PRO A 27 -0.93 9.23 -29.35
N THR A 28 -0.24 9.34 -28.19
CA THR A 28 0.53 10.54 -27.89
C THR A 28 1.98 10.47 -28.30
N ALA A 29 2.43 9.31 -28.80
CA ALA A 29 3.75 9.16 -29.38
C ALA A 29 3.77 9.86 -30.73
N ILE A 30 4.91 10.47 -31.06
CA ILE A 30 5.09 11.17 -32.34
C ILE A 30 6.06 10.37 -33.17
N ILE A 31 5.55 9.74 -34.22
CA ILE A 31 6.42 9.02 -35.18
C ILE A 31 6.59 9.92 -36.42
N GLU A 32 7.79 10.45 -36.64
CA GLU A 32 7.98 11.45 -37.70
C GLU A 32 7.86 10.79 -39.03
N PRO A 33 7.20 11.46 -40.03
CA PRO A 33 7.12 10.87 -41.35
C PRO A 33 8.49 10.45 -41.84
N GLY A 34 8.63 9.21 -42.30
CA GLY A 34 9.88 8.68 -42.83
C GLY A 34 10.52 7.62 -41.91
N ALA A 35 10.16 7.63 -40.63
CA ALA A 35 10.64 6.61 -39.70
C ALA A 35 10.13 5.26 -40.17
N GLN A 36 10.96 4.24 -40.04
CA GLN A 36 10.59 2.89 -40.49
C GLN A 36 10.56 1.96 -39.31
N LEU A 37 9.35 1.61 -38.89
CA LEU A 37 9.14 0.74 -37.75
C LEU A 37 8.49 -0.53 -38.21
N HIS A 38 9.03 -1.67 -37.82
CA HIS A 38 8.36 -2.96 -38.03
C HIS A 38 7.01 -2.92 -37.38
N GLU A 39 6.04 -3.65 -37.95
CA GLU A 39 4.66 -3.65 -37.46
C GLU A 39 4.53 -4.04 -35.99
N THR A 40 5.50 -4.78 -35.45
CA THR A 40 5.43 -5.23 -34.06
C THR A 40 6.17 -4.29 -33.08
N VAL A 41 6.73 -3.19 -33.54
CA VAL A 41 7.41 -2.27 -32.60
C VAL A 41 6.33 -1.62 -31.72
N GLU A 42 6.60 -1.51 -30.42
CA GLU A 42 5.73 -0.78 -29.52
C GLU A 42 6.40 0.51 -29.06
N VAL A 43 5.62 1.58 -28.95
CA VAL A 43 6.13 2.87 -28.54
C VAL A 43 5.15 3.45 -27.54
N GLY A 44 5.64 3.80 -26.35
CA GLY A 44 4.82 4.28 -25.24
C GLY A 44 4.50 5.75 -25.33
N PRO A 45 3.71 6.26 -24.36
CA PRO A 45 3.21 7.64 -24.35
C PRO A 45 4.32 8.66 -24.40
N TYR A 46 4.10 9.71 -25.19
CA TYR A 46 4.95 10.90 -25.19
C TYR A 46 6.35 10.61 -25.72
N ALA A 47 6.56 9.45 -26.33
CA ALA A 47 7.84 9.16 -26.97
C ALA A 47 7.87 9.75 -28.37
N ILE A 48 9.07 10.01 -28.88
CA ILE A 48 9.26 10.56 -30.24
C ILE A 48 10.24 9.70 -31.01
N VAL A 49 9.92 9.38 -32.26
CA VAL A 49 10.81 8.64 -33.14
C VAL A 49 11.03 9.46 -34.40
N GLY A 50 12.29 9.73 -34.70
CA GLY A 50 12.68 10.66 -35.76
C GLY A 50 12.61 10.05 -37.15
N SER A 51 12.65 10.94 -38.15
CA SER A 51 12.43 10.59 -39.53
C SER A 51 13.47 9.64 -40.14
N ASN A 52 14.68 9.58 -39.56
CA ASN A 52 15.77 8.79 -40.10
C ASN A 52 16.07 7.54 -39.26
N VAL A 53 15.10 7.14 -38.45
CA VAL A 53 15.26 6.01 -37.54
C VAL A 53 14.62 4.77 -38.15
N THR A 54 15.26 3.62 -37.98
CA THR A 54 14.72 2.31 -38.36
CA THR A 54 14.63 2.34 -38.29
C THR A 54 14.71 1.45 -37.10
N ILE A 55 13.60 0.79 -36.81
CA ILE A 55 13.45 -0.07 -35.65
C ILE A 55 12.89 -1.43 -36.08
N GLY A 56 13.58 -2.47 -35.67
CA GLY A 56 13.24 -3.83 -36.04
C GLY A 56 12.26 -4.54 -35.09
N ALA A 57 11.89 -5.76 -35.48
CA ALA A 57 10.74 -6.46 -34.87
C ALA A 57 10.84 -6.62 -33.35
N ARG A 58 9.71 -6.37 -32.70
CA ARG A 58 9.48 -6.65 -31.26
C ARG A 58 10.28 -5.77 -30.31
N THR A 59 10.92 -4.72 -30.81
CA THR A 59 11.58 -3.73 -29.97
C THR A 59 10.47 -2.86 -29.33
N THR A 60 10.65 -2.54 -28.05
CA THR A 60 9.75 -1.67 -27.31
C THR A 60 10.52 -0.45 -26.88
N ILE A 61 9.85 0.69 -27.02
CA ILE A 61 10.36 2.00 -26.65
C ILE A 61 9.46 2.54 -25.56
N GLY A 62 10.03 2.85 -24.40
CA GLY A 62 9.26 3.36 -23.29
C GLY A 62 8.89 4.80 -23.41
N SER A 63 8.00 5.21 -22.51
CA SER A 63 7.49 6.57 -22.48
C SER A 63 8.58 7.60 -22.38
N HIS A 64 8.31 8.74 -23.00
CA HIS A 64 9.13 9.96 -22.91
C HIS A 64 10.49 9.81 -23.61
N SER A 65 10.73 8.67 -24.26
CA SER A 65 11.98 8.48 -24.92
C SER A 65 12.07 9.22 -26.29
N VAL A 66 13.28 9.63 -26.65
CA VAL A 66 13.51 10.38 -27.91
C VAL A 66 14.55 9.61 -28.72
N ILE A 67 14.08 8.99 -29.80
CA ILE A 67 14.94 8.23 -30.69
C ILE A 67 15.13 9.07 -31.96
N GLU A 68 16.38 9.37 -32.32
CA GLU A 68 16.63 10.35 -33.35
C GLU A 68 17.94 10.00 -34.06
N GLY A 69 18.39 10.89 -34.95
CA GLY A 69 19.56 10.67 -35.77
C GLY A 69 19.33 9.67 -36.86
N HIS A 70 20.39 9.36 -37.60
CA HIS A 70 20.40 8.28 -38.59
C HIS A 70 20.72 7.00 -37.89
N THR A 71 19.69 6.42 -37.32
CA THR A 71 19.83 5.40 -36.30
C THR A 71 19.10 4.11 -36.72
N THR A 72 19.79 2.99 -36.64
CA THR A 72 19.24 1.66 -36.91
C THR A 72 19.24 0.84 -35.63
N ILE A 73 18.07 0.34 -35.27
CA ILE A 73 17.89 -0.46 -34.05
C ILE A 73 17.34 -1.80 -34.50
N GLY A 74 17.92 -2.86 -33.96
CA GLY A 74 17.52 -4.24 -34.26
C GLY A 74 16.24 -4.75 -33.59
N GLU A 75 16.21 -6.07 -33.36
CA GLU A 75 15.03 -6.78 -32.86
C GLU A 75 15.12 -7.09 -31.40
N ASP A 76 13.96 -7.18 -30.75
CA ASP A 76 13.86 -7.63 -29.35
C ASP A 76 14.62 -6.74 -28.33
N ASN A 77 14.75 -5.45 -28.64
CA ASN A 77 15.38 -4.52 -27.74
C ASN A 77 14.34 -3.99 -26.77
N ARG A 78 14.78 -3.74 -25.55
CA ARG A 78 13.90 -3.19 -24.53
C ARG A 78 14.48 -1.86 -24.09
N ILE A 79 13.93 -0.78 -24.62
CA ILE A 79 14.45 0.58 -24.38
C ILE A 79 13.46 1.25 -23.45
N GLY A 80 13.93 1.73 -22.30
CA GLY A 80 13.04 2.13 -21.23
C GLY A 80 12.59 3.57 -21.40
N HIS A 81 12.27 4.21 -20.28
CA HIS A 81 11.78 5.62 -20.28
C HIS A 81 12.91 6.61 -20.31
N TYR A 82 12.68 7.78 -20.90
CA TYR A 82 13.65 8.86 -20.91
C TYR A 82 14.97 8.37 -21.50
N ALA A 83 14.90 7.53 -22.52
CA ALA A 83 16.12 7.11 -23.20
C ALA A 83 16.38 8.03 -24.40
N SER A 84 17.56 8.66 -24.42
CA SER A 84 17.98 9.53 -25.52
C SER A 84 18.88 8.71 -26.41
N VAL A 85 18.34 8.25 -27.54
CA VAL A 85 19.05 7.36 -28.42
C VAL A 85 19.21 8.02 -29.80
N GLY A 86 20.48 8.29 -30.18
CA GLY A 86 20.80 8.84 -31.48
C GLY A 86 20.96 10.34 -31.51
N GLY A 87 21.10 10.98 -30.35
CA GLY A 87 21.44 12.40 -30.26
C GLY A 87 22.78 12.71 -30.90
N ARG A 88 23.01 13.97 -31.23
CA ARG A 88 24.24 14.33 -31.93
C ARG A 88 25.46 14.31 -31.01
N PRO A 89 26.65 14.15 -31.60
CA PRO A 89 27.86 14.14 -30.79
C PRO A 89 27.99 15.41 -29.96
N GLN A 90 28.62 15.28 -28.81
CA GLN A 90 29.17 16.41 -28.05
C GLN A 90 30.65 16.52 -28.45
N ASP A 91 30.88 17.10 -29.59
CA ASP A 91 32.23 17.28 -30.12
C ASP A 91 32.12 18.61 -30.77
N MET A 92 33.01 19.53 -30.41
CA MET A 92 32.84 20.88 -30.90
C MET A 92 33.08 20.98 -32.40
N LYS A 93 33.77 20.00 -32.98
CA LYS A 93 33.95 19.94 -34.43
C LYS A 93 32.71 19.46 -35.21
N TYR A 94 31.71 18.88 -34.52
CA TYR A 94 30.50 18.36 -35.20
C TYR A 94 29.73 19.48 -35.96
N LYS A 95 29.44 19.25 -37.23
CA LYS A 95 28.75 20.26 -38.07
C LYS A 95 27.51 19.66 -38.78
N ASP A 96 26.66 19.03 -37.97
CA ASP A 96 25.37 18.42 -38.36
C ASP A 96 25.41 17.42 -39.50
N GLU A 97 26.52 16.71 -39.64
CA GLU A 97 26.62 15.66 -40.62
C GLU A 97 25.64 14.49 -40.28
N PRO A 98 25.11 13.78 -41.31
CA PRO A 98 24.14 12.71 -41.04
C PRO A 98 24.89 11.42 -40.65
N THR A 99 25.55 11.47 -39.51
CA THR A 99 26.32 10.34 -39.01
C THR A 99 25.37 9.33 -38.35
N ARG A 100 25.88 8.15 -38.01
CA ARG A 100 25.03 7.01 -37.72
C ARG A 100 25.21 6.43 -36.34
N LEU A 101 24.18 5.73 -35.89
CA LEU A 101 24.22 4.91 -34.67
C LEU A 101 23.57 3.61 -35.08
N VAL A 102 24.26 2.51 -34.78
CA VAL A 102 23.75 1.18 -35.09
C VAL A 102 23.67 0.37 -33.79
N ILE A 103 22.48 -0.16 -33.48
CA ILE A 103 22.26 -0.97 -32.29
C ILE A 103 21.70 -2.30 -32.76
N GLY A 104 22.23 -3.39 -32.20
CA GLY A 104 21.83 -4.76 -32.54
C GLY A 104 20.55 -5.19 -31.89
N ASP A 105 20.56 -6.46 -31.46
CA ASP A 105 19.38 -7.18 -30.98
C ASP A 105 19.48 -7.51 -29.49
N ARG A 106 18.33 -7.58 -28.84
CA ARG A 106 18.22 -8.10 -27.47
C ARG A 106 18.99 -7.27 -26.44
N ASN A 107 19.09 -5.96 -26.71
CA ASN A 107 19.70 -5.03 -25.74
C ASN A 107 18.67 -4.44 -24.79
N THR A 108 19.07 -4.27 -23.53
CA THR A 108 18.22 -3.62 -22.54
C THR A 108 18.90 -2.32 -22.24
N ILE A 109 18.14 -1.22 -22.42
CA ILE A 109 18.62 0.12 -22.24
C ILE A 109 17.66 0.82 -21.28
N ARG A 110 18.18 1.26 -20.14
CA ARG A 110 17.33 1.80 -19.10
C ARG A 110 17.25 3.34 -19.14
N GLU A 111 16.83 3.95 -18.03
CA GLU A 111 16.38 5.35 -18.03
C GLU A 111 17.54 6.37 -17.97
N PHE A 112 17.30 7.57 -18.53
CA PHE A 112 18.25 8.69 -18.49
C PHE A 112 19.59 8.31 -19.13
N THR A 113 19.50 7.50 -20.17
CA THR A 113 20.67 7.05 -20.96
C THR A 113 20.85 7.95 -22.16
N THR A 114 22.09 8.07 -22.61
CA THR A 114 22.44 8.86 -23.77
C THR A 114 23.38 8.03 -24.65
N ILE A 115 22.99 7.83 -25.89
CA ILE A 115 23.82 7.12 -26.88
C ILE A 115 23.87 7.99 -28.14
N HIS A 116 25.06 8.43 -28.53
CA HIS A 116 25.21 9.43 -29.58
C HIS A 116 25.65 8.84 -30.89
N THR A 117 25.32 9.52 -31.99
CA THR A 117 25.82 9.15 -33.33
C THR A 117 27.31 9.43 -33.42
N GLY A 118 27.89 9.03 -34.56
CA GLY A 118 29.30 9.18 -34.84
C GLY A 118 29.75 10.54 -35.37
N THR A 119 31.03 10.62 -35.67
CA THR A 119 31.64 11.81 -36.27
C THR A 119 32.34 11.48 -37.58
N VAL A 120 32.35 12.43 -38.51
CA VAL A 120 33.01 12.20 -39.82
C VAL A 120 34.55 12.14 -39.71
N GLN A 121 35.10 12.62 -38.61
CA GLN A 121 36.54 12.56 -38.35
C GLN A 121 37.05 11.16 -38.04
N ASP A 122 36.16 10.26 -37.59
CA ASP A 122 36.49 8.87 -37.30
C ASP A 122 35.93 8.03 -38.43
N ALA A 123 34.88 7.23 -38.19
CA ALA A 123 34.23 6.45 -39.28
C ALA A 123 32.75 6.78 -39.43
N GLY A 124 32.30 7.86 -38.80
CA GLY A 124 30.93 8.29 -38.96
C GLY A 124 29.88 7.42 -38.27
N VAL A 125 30.29 6.55 -37.35
CA VAL A 125 29.30 5.65 -36.70
C VAL A 125 29.64 5.27 -35.27
N THR A 126 28.60 5.22 -34.44
CA THR A 126 28.63 4.59 -33.13
C THR A 126 27.93 3.23 -33.24
N THR A 127 28.52 2.19 -32.66
CA THR A 127 27.96 0.84 -32.79
C THR A 127 27.82 0.13 -31.42
N LEU A 128 26.68 -0.53 -31.27
CA LEU A 128 26.40 -1.45 -30.16
C LEU A 128 25.96 -2.78 -30.75
N GLY A 129 26.48 -3.87 -30.24
CA GLY A 129 26.11 -5.18 -30.75
C GLY A 129 24.81 -5.70 -30.12
N ASP A 130 24.86 -6.94 -29.65
CA ASP A 130 23.68 -7.67 -29.18
C ASP A 130 23.79 -8.04 -27.71
N ASP A 131 22.66 -8.31 -27.06
CA ASP A 131 22.64 -8.88 -25.70
C ASP A 131 23.34 -8.03 -24.62
N ASN A 132 23.38 -6.71 -24.84
CA ASN A 132 24.00 -5.83 -23.88
C ASN A 132 23.03 -5.33 -22.84
N TRP A 133 23.57 -5.01 -21.67
CA TRP A 133 22.74 -4.58 -20.51
C TRP A 133 23.25 -3.21 -20.17
N ILE A 134 22.46 -2.20 -20.49
CA ILE A 134 22.86 -0.81 -20.32
CA ILE A 134 22.84 -0.79 -20.38
C ILE A 134 21.96 -0.17 -19.27
N MET A 135 22.54 0.13 -18.12
CA MET A 135 21.74 0.55 -16.99
C MET A 135 21.48 2.06 -17.03
N ALA A 136 20.71 2.54 -16.05
CA ALA A 136 20.35 3.92 -16.01
C ALA A 136 21.60 4.84 -15.93
N TYR A 137 21.46 6.02 -16.51
CA TYR A 137 22.46 7.12 -16.49
C TYR A 137 23.72 6.80 -17.30
N VAL A 138 23.69 5.71 -18.03
CA VAL A 138 24.86 5.36 -18.84
C VAL A 138 24.94 6.29 -20.06
N HIS A 139 26.18 6.71 -20.37
CA HIS A 139 26.48 7.61 -21.49
C HIS A 139 27.47 6.95 -22.45
N ILE A 140 27.08 6.82 -23.71
CA ILE A 140 27.93 6.21 -24.76
C ILE A 140 28.17 7.34 -25.77
N GLY A 141 29.34 7.93 -25.69
CA GLY A 141 29.69 9.03 -26.58
C GLY A 141 29.92 8.62 -28.03
N HIS A 142 30.09 9.66 -28.85
CA HIS A 142 30.31 9.46 -30.26
C HIS A 142 31.42 8.51 -30.57
N ASP A 143 31.17 7.66 -31.56
CA ASP A 143 32.19 6.79 -32.20
C ASP A 143 32.61 5.59 -31.33
N CYS A 144 31.92 5.38 -30.23
CA CYS A 144 32.18 4.20 -29.44
C CYS A 144 31.84 2.95 -30.27
N ARG A 145 32.58 1.87 -30.01
CA ARG A 145 32.35 0.58 -30.65
C ARG A 145 32.17 -0.42 -29.50
N VAL A 146 30.92 -0.79 -29.20
CA VAL A 146 30.58 -1.68 -28.09
C VAL A 146 30.13 -3.05 -28.68
N GLY A 147 30.66 -4.13 -28.13
CA GLY A 147 30.36 -5.46 -28.63
C GLY A 147 29.06 -6.03 -28.09
N SER A 148 29.13 -7.28 -27.63
CA SER A 148 27.96 -8.05 -27.23
C SER A 148 28.14 -8.61 -25.85
N HIS A 149 27.03 -8.85 -25.15
CA HIS A 149 27.05 -9.34 -23.78
C HIS A 149 27.77 -8.43 -22.81
N VAL A 150 27.86 -7.13 -23.11
CA VAL A 150 28.55 -6.16 -22.26
C VAL A 150 27.59 -5.67 -21.18
N VAL A 151 28.08 -5.47 -19.97
CA VAL A 151 27.26 -4.84 -18.93
C VAL A 151 27.86 -3.48 -18.63
N LEU A 152 27.04 -2.43 -18.79
CA LEU A 152 27.43 -1.07 -18.40
C LEU A 152 26.51 -0.66 -17.22
N SER A 153 27.07 -0.63 -16.03
CA SER A 153 26.32 -0.46 -14.80
C SER A 153 25.95 1.02 -14.63
N SER A 154 25.12 1.30 -13.64
CA SER A 154 24.54 2.64 -13.57
C SER A 154 25.57 3.80 -13.56
N ASN A 155 25.32 4.79 -14.41
CA ASN A 155 26.17 5.98 -14.53
C ASN A 155 27.60 5.68 -14.97
N ALA A 156 27.85 4.53 -15.57
CA ALA A 156 29.10 4.33 -16.33
C ALA A 156 29.09 5.28 -17.54
N GLN A 157 30.15 6.06 -17.71
CA GLN A 157 30.14 7.05 -18.81
C GLN A 157 31.41 6.87 -19.66
N MET A 158 31.19 6.73 -20.96
CA MET A 158 32.28 6.54 -21.94
C MET A 158 32.35 7.74 -22.86
N ALA A 159 33.48 8.44 -22.87
CA ALA A 159 33.64 9.54 -23.75
C ALA A 159 33.81 8.95 -25.18
N GLY A 160 34.24 9.74 -26.12
CA GLY A 160 34.18 9.28 -27.48
C GLY A 160 35.17 8.16 -27.75
N HIS A 161 34.93 7.42 -28.83
CA HIS A 161 35.94 6.54 -29.40
C HIS A 161 36.40 5.46 -28.45
N VAL A 162 35.55 5.02 -27.54
CA VAL A 162 35.90 3.91 -26.62
C VAL A 162 35.45 2.58 -27.26
N GLU A 163 36.34 1.60 -27.25
CA GLU A 163 36.04 0.23 -27.69
C GLU A 163 35.79 -0.63 -26.49
N ILE A 164 34.73 -1.41 -26.55
CA ILE A 164 34.38 -2.29 -25.43
C ILE A 164 34.14 -3.68 -25.98
N GLY A 165 35.03 -4.60 -25.59
CA GLY A 165 34.99 -5.97 -26.05
C GLY A 165 33.86 -6.79 -25.50
N ASP A 166 33.57 -7.92 -26.17
CA ASP A 166 32.46 -8.77 -25.74
C ASP A 166 32.60 -9.20 -24.28
N TRP A 167 31.47 -9.25 -23.57
CA TRP A 167 31.40 -9.76 -22.18
C TRP A 167 32.03 -8.88 -21.12
N ALA A 168 32.60 -7.74 -21.50
CA ALA A 168 33.19 -6.85 -20.52
C ALA A 168 32.11 -6.29 -19.58
N ILE A 169 32.53 -6.03 -18.37
CA ILE A 169 31.66 -5.43 -17.35
C ILE A 169 32.29 -4.13 -16.86
N VAL A 170 31.49 -3.07 -16.84
CA VAL A 170 31.96 -1.76 -16.34
C VAL A 170 31.09 -1.38 -15.17
N GLY A 171 31.75 -1.16 -14.02
CA GLY A 171 31.07 -0.87 -12.77
C GLY A 171 30.44 0.51 -12.76
N GLY A 172 29.53 0.68 -11.84
CA GLY A 172 28.71 1.90 -11.74
C GLY A 172 29.57 3.11 -11.34
N MET A 173 29.16 4.30 -11.78
CA MET A 173 29.84 5.58 -11.48
C MET A 173 31.28 5.59 -11.94
N SER A 174 31.56 4.86 -13.02
CA SER A 174 32.92 4.82 -13.57
C SER A 174 32.97 5.67 -14.85
N GLY A 175 34.12 6.31 -15.08
CA GLY A 175 34.34 7.13 -16.25
C GLY A 175 35.48 6.54 -17.08
N VAL A 176 35.29 6.51 -18.39
CA VAL A 176 36.31 5.93 -19.34
C VAL A 176 36.74 7.00 -20.35
N HIS A 177 38.04 7.30 -20.35
CA HIS A 177 38.60 8.37 -21.18
C HIS A 177 38.44 8.08 -22.65
N GLN A 178 38.34 9.15 -23.46
CA GLN A 178 38.29 8.94 -24.90
C GLN A 178 39.50 8.12 -25.42
N TYR A 179 39.24 7.26 -26.41
CA TYR A 179 40.22 6.39 -27.06
C TYR A 179 40.72 5.18 -26.25
N VAL A 180 40.20 5.01 -25.06
CA VAL A 180 40.49 3.84 -24.26
C VAL A 180 39.82 2.61 -24.88
N ARG A 181 40.51 1.48 -24.81
CA ARG A 181 39.97 0.18 -25.21
C ARG A 181 39.84 -0.74 -23.98
N ILE A 182 38.69 -1.37 -23.88
CA ILE A 182 38.34 -2.28 -22.78
C ILE A 182 38.27 -3.66 -23.37
N GLY A 183 39.16 -4.54 -22.93
CA GLY A 183 39.29 -5.84 -23.52
C GLY A 183 38.08 -6.73 -23.25
N ALA A 184 37.81 -7.66 -24.19
CA ALA A 184 36.85 -8.74 -23.96
C ALA A 184 37.05 -9.41 -22.61
N HIS A 185 35.92 -9.70 -21.93
CA HIS A 185 35.91 -10.44 -20.66
C HIS A 185 36.61 -9.78 -19.47
N SER A 186 36.89 -8.47 -19.59
CA SER A 186 37.52 -7.72 -18.53
C SER A 186 36.43 -7.19 -17.59
N MET A 187 36.84 -6.66 -16.43
CA MET A 187 35.91 -6.01 -15.51
C MET A 187 36.57 -4.75 -14.91
N LEU A 188 35.83 -3.65 -14.94
CA LEU A 188 36.26 -2.41 -14.29
C LEU A 188 35.38 -2.20 -13.06
N GLY A 189 35.98 -2.09 -11.89
CA GLY A 189 35.24 -1.89 -10.65
C GLY A 189 34.47 -0.59 -10.65
N GLY A 190 33.49 -0.50 -9.79
CA GLY A 190 32.74 0.75 -9.60
C GLY A 190 33.62 1.91 -9.15
N ALA A 191 33.18 3.10 -9.50
CA ALA A 191 33.79 4.36 -9.08
C ALA A 191 35.22 4.42 -9.52
N SER A 192 35.50 3.95 -10.73
CA SER A 192 36.85 3.94 -11.21
C SER A 192 36.96 4.94 -12.36
N ALA A 193 38.19 5.41 -12.53
CA ALA A 193 38.54 6.30 -13.63
C ALA A 193 39.59 5.56 -14.47
N LEU A 194 39.24 5.28 -15.73
CA LEU A 194 40.07 4.48 -16.61
C LEU A 194 40.62 5.38 -17.72
N VAL A 195 41.94 5.58 -17.70
CA VAL A 195 42.63 6.39 -18.73
C VAL A 195 43.59 5.66 -19.64
N GLN A 196 43.74 4.36 -19.44
CA GLN A 196 44.53 3.49 -20.35
C GLN A 196 43.77 2.19 -20.55
N ASP A 197 44.24 1.37 -21.50
CA ASP A 197 43.49 0.19 -21.92
C ASP A 197 43.43 -0.90 -20.81
N ILE A 198 42.30 -1.58 -20.67
CA ILE A 198 42.26 -2.77 -19.83
C ILE A 198 42.39 -3.99 -20.71
N PRO A 199 43.45 -4.82 -20.49
CA PRO A 199 43.59 -5.98 -21.35
C PRO A 199 42.42 -6.96 -21.18
N PRO A 200 42.13 -7.76 -22.23
CA PRO A 200 41.10 -8.76 -22.06
C PRO A 200 41.37 -9.66 -20.84
N PHE A 201 40.31 -10.14 -20.20
CA PHE A 201 40.36 -11.11 -19.14
C PHE A 201 40.85 -10.56 -17.79
N VAL A 202 41.07 -9.23 -17.70
CA VAL A 202 41.70 -8.60 -16.51
C VAL A 202 40.63 -7.85 -15.74
N ILE A 203 40.74 -7.90 -14.41
CA ILE A 203 39.99 -7.03 -13.48
C ILE A 203 40.82 -5.78 -13.16
N ALA A 204 40.15 -4.62 -13.12
CA ALA A 204 40.83 -3.39 -12.77
C ALA A 204 39.90 -2.58 -11.90
N ALA A 205 40.47 -1.70 -11.10
CA ALA A 205 39.69 -0.83 -10.24
C ALA A 205 40.55 0.35 -9.78
N GLY A 206 39.88 1.44 -9.41
CA GLY A 206 40.51 2.59 -8.76
C GLY A 206 40.44 3.87 -9.58
N ASN A 207 40.90 4.97 -8.98
CA ASN A 207 40.95 6.27 -9.66
C ASN A 207 42.35 6.81 -9.41
N LYS A 208 43.27 6.64 -10.38
CA LYS A 208 43.04 5.94 -11.69
C LYS A 208 43.04 4.40 -11.61
N ALA A 209 42.43 3.73 -12.59
CA ALA A 209 42.27 2.28 -12.49
C ALA A 209 43.61 1.53 -12.70
N GLU A 210 43.84 0.52 -11.84
CA GLU A 210 45.00 -0.37 -11.88
C GLU A 210 44.53 -1.83 -11.97
N PRO A 211 45.36 -2.70 -12.57
CA PRO A 211 45.02 -4.10 -12.71
C PRO A 211 45.11 -4.89 -11.37
N HIS A 212 44.19 -5.82 -11.16
CA HIS A 212 44.05 -6.64 -9.95
C HIS A 212 43.73 -8.09 -10.32
N GLY A 213 44.42 -8.61 -11.31
CA GLY A 213 44.38 -10.04 -11.67
C GLY A 213 43.43 -10.42 -12.80
N ILE A 214 43.35 -11.71 -13.03
CA ILE A 214 42.45 -12.29 -14.02
C ILE A 214 41.03 -12.33 -13.45
N ASN A 215 40.06 -12.17 -14.34
CA ASN A 215 38.63 -12.27 -14.05
C ASN A 215 38.25 -13.71 -13.93
N VAL A 216 38.77 -14.38 -12.91
CA VAL A 216 38.71 -15.85 -12.84
C VAL A 216 37.27 -16.39 -12.80
N GLU A 217 36.45 -15.81 -11.93
CA GLU A 217 35.10 -16.41 -11.74
C GLU A 217 34.19 -16.10 -12.91
N GLY A 218 34.35 -14.90 -13.49
CA GLY A 218 33.65 -14.58 -14.73
C GLY A 218 33.92 -15.59 -15.84
N LEU A 219 35.20 -15.88 -16.06
CA LEU A 219 35.63 -16.81 -17.11
C LEU A 219 35.07 -18.22 -16.88
N ARG A 220 35.12 -18.67 -15.63
CA ARG A 220 34.62 -20.01 -15.27
C ARG A 220 33.13 -20.12 -15.55
N ARG A 221 32.36 -19.11 -15.16
CA ARG A 221 30.92 -19.13 -15.39
C ARG A 221 30.58 -19.07 -16.88
N ARG A 222 31.49 -18.54 -17.71
CA ARG A 222 31.29 -18.45 -19.14
C ARG A 222 31.80 -19.65 -19.93
N GLY A 223 32.30 -20.67 -19.24
CA GLY A 223 32.70 -21.89 -19.89
C GLY A 223 34.16 -22.05 -20.23
N PHE A 224 35.02 -21.15 -19.74
CA PHE A 224 36.47 -21.31 -19.94
C PHE A 224 36.99 -22.47 -19.09
N SER A 225 37.84 -23.32 -19.69
CA SER A 225 38.32 -24.48 -18.96
C SER A 225 39.31 -24.09 -17.85
N PRO A 226 39.50 -24.99 -16.86
CA PRO A 226 40.53 -24.75 -15.84
C PRO A 226 41.92 -24.49 -16.44
N ASP A 227 42.31 -25.24 -17.48
CA ASP A 227 43.65 -25.04 -18.06
C ASP A 227 43.79 -23.69 -18.78
N ALA A 228 42.71 -23.23 -19.40
CA ALA A 228 42.71 -21.92 -20.08
C ALA A 228 42.89 -20.78 -19.05
N ILE A 229 42.19 -20.89 -17.91
CA ILE A 229 42.31 -19.91 -16.86
C ILE A 229 43.71 -19.92 -16.23
N SER A 230 44.28 -21.12 -16.05
CA SER A 230 45.63 -21.23 -15.48
CA SER A 230 45.64 -21.26 -15.51
C SER A 230 46.65 -20.56 -16.43
N ALA A 231 46.49 -20.75 -17.74
CA ALA A 231 47.37 -20.11 -18.72
C ALA A 231 47.23 -18.59 -18.63
N LEU A 232 46.00 -18.11 -18.46
CA LEU A 232 45.78 -16.67 -18.34
C LEU A 232 46.36 -16.09 -17.05
N ARG A 233 46.29 -16.84 -15.96
CA ARG A 233 46.99 -16.43 -14.71
C ARG A 233 48.51 -16.33 -14.88
N SER A 234 49.07 -17.27 -15.62
CA SER A 234 50.48 -17.25 -15.91
CA SER A 234 50.49 -17.25 -15.93
C SER A 234 50.82 -16.01 -16.79
N ALA A 235 49.96 -15.71 -17.78
CA ALA A 235 50.14 -14.59 -18.67
C ALA A 235 50.15 -13.28 -17.90
N TYR A 236 49.24 -13.18 -16.95
CA TYR A 236 49.12 -12.00 -16.08
C TYR A 236 50.42 -11.78 -15.30
N ARG A 237 51.01 -12.85 -14.79
CA ARG A 237 52.27 -12.70 -14.06
C ARG A 237 53.40 -12.25 -14.97
N ILE A 238 53.45 -12.86 -16.15
CA ILE A 238 54.43 -12.45 -17.18
C ILE A 238 54.34 -10.96 -17.51
N LEU A 239 53.11 -10.49 -17.68
CA LEU A 239 52.91 -9.13 -18.09
C LEU A 239 53.17 -8.12 -16.94
N TYR A 240 52.74 -8.47 -15.74
CA TYR A 240 52.68 -7.51 -14.64
C TYR A 240 53.54 -7.80 -13.40
N LYS A 241 53.90 -9.06 -13.14
CA LYS A 241 54.44 -9.42 -11.82
C LYS A 241 55.87 -9.92 -11.79
N ASN A 242 56.47 -10.08 -12.97
CA ASN A 242 57.76 -10.73 -13.12
C ASN A 242 58.92 -9.79 -13.47
N SER A 243 58.70 -8.49 -13.33
CA SER A 243 59.74 -7.46 -13.58
C SER A 243 60.24 -7.43 -15.02
N LEU A 244 59.39 -7.76 -15.99
CA LEU A 244 59.85 -7.78 -17.38
C LEU A 244 59.51 -6.46 -18.02
N SER A 245 60.34 -6.02 -18.96
CA SER A 245 60.00 -4.90 -19.79
C SER A 245 58.78 -5.31 -20.64
N LEU A 246 58.12 -4.33 -21.23
CA LEU A 246 57.03 -4.62 -22.14
C LEU A 246 57.53 -5.51 -23.28
N GLU A 247 58.69 -5.19 -23.83
CA GLU A 247 59.26 -5.97 -24.94
C GLU A 247 59.48 -7.43 -24.55
N GLU A 248 60.02 -7.64 -23.35
CA GLU A 248 60.27 -9.02 -22.84
C GLU A 248 58.96 -9.76 -22.58
N ALA A 249 57.98 -9.06 -22.01
CA ALA A 249 56.69 -9.66 -21.73
C ALA A 249 55.99 -10.11 -23.03
N LYS A 250 56.05 -9.28 -24.09
CA LYS A 250 55.45 -9.64 -25.39
C LYS A 250 56.08 -10.90 -25.97
N VAL A 251 57.40 -11.02 -25.87
CA VAL A 251 58.09 -12.25 -26.35
C VAL A 251 57.61 -13.48 -25.58
N GLN A 252 57.56 -13.38 -24.25
CA GLN A 252 57.18 -14.50 -23.42
C GLN A 252 55.71 -14.85 -23.59
N LEU A 253 54.84 -13.85 -23.70
CA LEU A 253 53.44 -14.09 -24.00
C LEU A 253 53.25 -14.78 -25.36
N SER A 254 54.01 -14.37 -26.37
CA SER A 254 53.90 -14.97 -27.69
CA SER A 254 53.96 -14.97 -27.71
C SER A 254 54.28 -16.46 -27.66
N GLU A 255 55.26 -16.81 -26.83
CA GLU A 255 55.63 -18.20 -26.60
C GLU A 255 54.57 -18.97 -25.79
N LEU A 256 54.05 -18.36 -24.71
CA LEU A 256 53.01 -19.00 -23.91
C LEU A 256 51.80 -19.29 -24.82
N ALA A 257 51.50 -18.37 -25.76
CA ALA A 257 50.37 -18.56 -26.70
C ALA A 257 50.53 -19.75 -27.63
N GLN A 258 51.74 -20.32 -27.70
CA GLN A 258 52.03 -21.47 -28.52
C GLN A 258 52.35 -22.72 -27.72
N ALA A 259 51.94 -22.76 -26.45
CA ALA A 259 52.19 -23.90 -25.54
C ALA A 259 51.49 -25.20 -25.97
N GLY A 260 50.42 -25.07 -26.75
CA GLY A 260 49.64 -26.21 -27.19
C GLY A 260 48.56 -26.62 -26.21
N GLY A 261 48.17 -25.69 -25.35
CA GLY A 261 47.12 -25.94 -24.35
C GLY A 261 45.81 -25.28 -24.70
N ASP A 262 44.80 -25.52 -23.87
CA ASP A 262 43.47 -24.93 -24.01
CA ASP A 262 43.51 -24.93 -24.14
C ASP A 262 43.55 -23.39 -24.05
N GLY A 263 44.56 -22.86 -23.35
CA GLY A 263 44.71 -21.43 -23.16
C GLY A 263 45.32 -20.67 -24.33
N ASP A 264 45.74 -21.41 -25.36
CA ASP A 264 46.51 -20.80 -26.45
C ASP A 264 45.79 -19.60 -27.11
N ALA A 265 44.55 -19.81 -27.55
CA ALA A 265 43.79 -18.73 -28.19
C ALA A 265 43.57 -17.52 -27.28
N ALA A 266 43.27 -17.74 -26.01
CA ALA A 266 43.06 -16.62 -25.08
C ALA A 266 44.36 -15.84 -24.86
N VAL A 267 45.46 -16.54 -24.67
CA VAL A 267 46.72 -15.83 -24.48
C VAL A 267 47.09 -15.06 -25.76
N LYS A 268 46.82 -15.65 -26.92
CA LYS A 268 47.09 -14.96 -28.17
C LYS A 268 46.28 -13.67 -28.25
N ALA A 269 45.01 -13.75 -27.86
CA ALA A 269 44.15 -12.54 -27.87
C ALA A 269 44.71 -11.47 -26.95
N LEU A 270 45.24 -11.90 -25.83
CA LEU A 270 45.85 -11.00 -24.86
C LEU A 270 47.05 -10.29 -25.44
N VAL A 271 47.97 -11.06 -26.03
CA VAL A 271 49.18 -10.44 -26.55
C VAL A 271 48.87 -9.58 -27.77
N ASP A 272 47.89 -9.98 -28.59
CA ASP A 272 47.52 -9.21 -29.76
C ASP A 272 46.94 -7.85 -29.31
N PHE A 273 46.15 -7.87 -28.23
CA PHE A 273 45.62 -6.64 -27.63
C PHE A 273 46.76 -5.72 -27.11
N VAL A 274 47.66 -6.30 -26.32
CA VAL A 274 48.79 -5.54 -25.77
C VAL A 274 49.60 -4.86 -26.91
N GLU A 275 49.86 -5.61 -27.97
CA GLU A 275 50.65 -5.11 -29.09
C GLU A 275 49.96 -4.00 -29.88
N SER A 276 48.62 -3.99 -29.89
CA SER A 276 47.86 -2.96 -30.62
C SER A 276 47.50 -1.70 -29.80
N SER A 277 47.92 -1.64 -28.53
CA SER A 277 47.54 -0.52 -27.66
C SER A 277 48.19 0.76 -28.18
N GLN A 278 47.45 1.84 -28.16
CA GLN A 278 47.97 3.16 -28.51
C GLN A 278 48.12 4.08 -27.29
N ARG A 279 47.13 4.11 -26.40
CA ARG A 279 47.30 4.79 -25.12
C ARG A 279 48.15 4.04 -24.10
N GLY A 280 48.49 2.77 -24.36
CA GLY A 280 49.18 1.92 -23.40
C GLY A 280 48.16 1.18 -22.54
N ILE A 281 48.64 0.17 -21.83
CA ILE A 281 47.82 -0.60 -20.91
C ILE A 281 47.95 -0.10 -19.47
N ILE A 282 46.90 -0.28 -18.68
CA ILE A 282 46.98 0.01 -17.28
C ILE A 282 48.11 -0.77 -16.56
N ARG A 283 48.72 -0.11 -15.57
CA ARG A 283 49.78 -0.70 -14.73
C ARG A 283 49.53 -0.38 -13.26
N SER B 23 -7.82 21.58 -12.30
CA SER B 23 -7.61 20.11 -12.16
C SER B 23 -6.42 19.81 -11.23
N ARG B 24 -6.66 19.02 -10.18
CA ARG B 24 -5.53 18.44 -9.42
C ARG B 24 -4.72 17.45 -10.29
N ILE B 25 -5.42 16.72 -11.18
CA ILE B 25 -4.77 15.85 -12.18
C ILE B 25 -4.79 16.54 -13.55
N HIS B 26 -3.62 16.87 -14.07
CA HIS B 26 -3.52 17.56 -15.34
C HIS B 26 -4.15 16.73 -16.43
N PRO B 27 -4.87 17.36 -17.40
CA PRO B 27 -5.56 16.53 -18.38
C PRO B 27 -4.65 15.69 -19.26
N THR B 28 -3.36 16.07 -19.36
CA THR B 28 -2.38 15.28 -20.11
C THR B 28 -1.66 14.17 -19.29
N ALA B 29 -1.92 14.12 -17.98
CA ALA B 29 -1.40 13.01 -17.16
C ALA B 29 -2.19 11.77 -17.49
N ILE B 30 -1.55 10.62 -17.37
CA ILE B 30 -2.18 9.34 -17.64
C ILE B 30 -2.21 8.59 -16.30
N ILE B 31 -3.41 8.39 -15.77
CA ILE B 31 -3.60 7.60 -14.54
C ILE B 31 -4.19 6.29 -15.00
N GLU B 32 -3.37 5.23 -15.04
CA GLU B 32 -3.85 3.94 -15.53
C GLU B 32 -4.94 3.37 -14.61
N PRO B 33 -6.03 2.81 -15.21
CA PRO B 33 -7.04 2.17 -14.39
C PRO B 33 -6.40 1.18 -13.42
N GLY B 34 -6.78 1.33 -12.15
CA GLY B 34 -6.26 0.54 -11.03
C GLY B 34 -5.44 1.38 -10.07
N ALA B 35 -4.85 2.47 -10.56
CA ALA B 35 -4.12 3.38 -9.67
C ALA B 35 -5.06 3.95 -8.60
N GLN B 36 -4.60 3.98 -7.34
CA GLN B 36 -5.45 4.45 -6.24
C GLN B 36 -4.84 5.72 -5.67
N LEU B 37 -5.43 6.89 -6.01
CA LEU B 37 -4.89 8.19 -5.59
C LEU B 37 -5.88 8.83 -4.65
N HIS B 38 -5.41 9.29 -3.50
CA HIS B 38 -6.27 10.09 -2.63
C HIS B 38 -6.81 11.28 -3.43
N GLU B 39 -8.03 11.75 -3.13
CA GLU B 39 -8.60 12.92 -3.83
C GLU B 39 -7.70 14.18 -3.80
N THR B 40 -6.83 14.32 -2.80
CA THR B 40 -5.95 15.47 -2.67
C THR B 40 -4.62 15.37 -3.43
N VAL B 41 -4.36 14.24 -4.09
CA VAL B 41 -3.08 14.03 -4.84
C VAL B 41 -3.11 14.88 -6.11
N GLU B 42 -1.98 15.55 -6.40
CA GLU B 42 -1.87 16.42 -7.56
C GLU B 42 -0.88 15.78 -8.50
N VAL B 43 -1.21 15.80 -9.78
CA VAL B 43 -0.36 15.16 -10.82
C VAL B 43 -0.20 16.08 -12.01
N GLY B 44 1.05 16.41 -12.33
CA GLY B 44 1.35 17.41 -13.33
C GLY B 44 1.31 16.89 -14.77
N PRO B 45 1.57 17.79 -15.73
CA PRO B 45 1.45 17.42 -17.14
C PRO B 45 2.39 16.33 -17.57
N TYR B 46 1.89 15.45 -18.41
CA TYR B 46 2.71 14.41 -19.03
C TYR B 46 3.29 13.40 -18.05
N ALA B 47 2.77 13.31 -16.84
CA ALA B 47 3.16 12.32 -15.84
C ALA B 47 2.27 11.09 -16.01
N ILE B 48 2.80 9.93 -15.64
CA ILE B 48 2.09 8.64 -15.74
C ILE B 48 2.09 7.98 -14.39
N VAL B 49 0.95 7.45 -14.01
CA VAL B 49 0.85 6.68 -12.77
C VAL B 49 0.32 5.32 -13.11
N GLY B 50 1.06 4.28 -12.76
CA GLY B 50 0.70 2.92 -13.16
C GLY B 50 -0.42 2.27 -12.35
N SER B 51 -0.96 1.21 -12.91
CA SER B 51 -2.14 0.53 -12.38
C SER B 51 -2.00 -0.08 -11.00
N ASN B 52 -0.77 -0.32 -10.54
CA ASN B 52 -0.52 -0.96 -9.24
C ASN B 52 0.05 0.01 -8.21
N VAL B 53 -0.11 1.33 -8.46
CA VAL B 53 0.37 2.35 -7.56
C VAL B 53 -0.73 2.84 -6.63
N THR B 54 -0.39 3.07 -5.36
CA THR B 54 -1.28 3.66 -4.40
CA THR B 54 -1.31 3.80 -4.47
C THR B 54 -0.56 4.94 -3.86
N ILE B 55 -1.25 6.07 -3.76
CA ILE B 55 -0.64 7.33 -3.35
C ILE B 55 -1.55 7.99 -2.32
N GLY B 56 -0.96 8.33 -1.18
CA GLY B 56 -1.69 8.97 -0.09
C GLY B 56 -1.83 10.47 -0.19
N ALA B 57 -2.60 11.01 0.76
CA ALA B 57 -3.07 12.40 0.75
C ALA B 57 -1.93 13.45 0.62
N ARG B 58 -2.21 14.42 -0.23
CA ARG B 58 -1.45 15.66 -0.32
C ARG B 58 -0.10 15.47 -0.96
N THR B 59 0.17 14.26 -1.47
CA THR B 59 1.35 14.04 -2.28
C THR B 59 1.21 14.72 -3.66
N THR B 60 2.30 15.34 -4.13
CA THR B 60 2.33 15.93 -5.45
C THR B 60 3.38 15.27 -6.32
N ILE B 61 3.00 15.10 -7.57
CA ILE B 61 3.85 14.46 -8.60
C ILE B 61 4.06 15.49 -9.71
N GLY B 62 5.31 15.80 -10.00
CA GLY B 62 5.64 16.82 -11.03
C GLY B 62 5.54 16.31 -12.46
N SER B 63 5.65 17.25 -13.40
CA SER B 63 5.51 16.93 -14.83
C SER B 63 6.52 15.87 -15.29
N HIS B 64 6.10 15.05 -16.25
CA HIS B 64 6.99 14.08 -16.91
C HIS B 64 7.45 12.92 -16.03
N SER B 65 6.96 12.83 -14.82
CA SER B 65 7.39 11.73 -13.93
C SER B 65 6.62 10.42 -14.26
N VAL B 66 7.23 9.29 -13.99
CA VAL B 66 6.59 7.98 -14.21
C VAL B 66 6.64 7.17 -12.91
N ILE B 67 5.46 6.96 -12.33
CA ILE B 67 5.30 6.26 -11.06
C ILE B 67 4.70 4.87 -11.45
N GLU B 68 5.41 3.80 -11.16
CA GLU B 68 5.03 2.45 -11.66
C GLU B 68 5.37 1.40 -10.62
N GLY B 69 5.22 0.14 -10.97
CA GLY B 69 5.48 -0.94 -10.04
C GLY B 69 4.36 -1.19 -9.08
N HIS B 70 4.55 -2.17 -8.19
CA HIS B 70 3.67 -2.40 -7.06
C HIS B 70 4.18 -1.51 -5.91
N THR B 71 3.71 -0.26 -5.97
CA THR B 71 4.31 0.87 -5.26
C THR B 71 3.29 1.58 -4.39
N THR B 72 3.64 1.77 -3.12
CA THR B 72 2.81 2.46 -2.12
C THR B 72 3.57 3.72 -1.72
N ILE B 73 2.94 4.89 -1.89
CA ILE B 73 3.49 6.18 -1.53
C ILE B 73 2.57 6.83 -0.50
N GLY B 74 3.21 7.37 0.54
CA GLY B 74 2.53 8.02 1.67
C GLY B 74 2.09 9.43 1.37
N GLU B 75 1.99 10.20 2.44
CA GLU B 75 1.36 11.50 2.42
C GLU B 75 2.39 12.65 2.39
N ASP B 76 2.00 13.78 1.78
CA ASP B 76 2.79 15.02 1.87
C ASP B 76 4.16 14.90 1.19
N ASN B 77 4.28 13.97 0.25
CA ASN B 77 5.50 13.85 -0.55
C ASN B 77 5.55 14.85 -1.70
N ARG B 78 6.73 15.40 -1.98
CA ARG B 78 6.91 16.36 -3.08
C ARG B 78 7.85 15.71 -4.09
N ILE B 79 7.26 15.10 -5.10
CA ILE B 79 8.00 14.37 -6.13
C ILE B 79 8.08 15.26 -7.39
N GLY B 80 9.29 15.49 -7.88
CA GLY B 80 9.53 16.55 -8.86
C GLY B 80 9.29 16.07 -10.28
N HIS B 81 9.99 16.67 -11.23
CA HIS B 81 9.89 16.35 -12.63
C HIS B 81 10.82 15.22 -12.97
N TYR B 82 10.47 14.44 -13.97
CA TYR B 82 11.34 13.36 -14.46
C TYR B 82 11.79 12.41 -13.32
N ALA B 83 10.87 12.06 -12.43
CA ALA B 83 11.18 11.15 -11.34
C ALA B 83 10.69 9.76 -11.73
N SER B 84 11.61 8.78 -11.73
CA SER B 84 11.24 7.39 -12.08
C SER B 84 11.12 6.63 -10.76
N VAL B 85 9.88 6.37 -10.34
CA VAL B 85 9.62 5.85 -9.00
C VAL B 85 8.90 4.54 -9.19
N GLY B 86 9.53 3.44 -8.78
CA GLY B 86 8.90 2.12 -8.90
C GLY B 86 9.27 1.33 -10.12
N GLY B 87 10.33 1.75 -10.80
CA GLY B 87 10.82 1.02 -11.96
C GLY B 87 11.37 -0.34 -11.58
N ARG B 88 11.50 -1.23 -12.55
CA ARG B 88 11.88 -2.59 -12.18
C ARG B 88 13.40 -2.68 -11.82
N PRO B 89 13.77 -3.73 -11.07
CA PRO B 89 15.18 -3.91 -10.75
C PRO B 89 16.09 -3.96 -11.96
N GLN B 90 17.33 -3.53 -11.77
CA GLN B 90 18.37 -3.67 -12.80
C GLN B 90 19.17 -4.96 -12.69
N ASP B 91 18.67 -5.88 -11.91
CA ASP B 91 19.24 -7.20 -11.65
C ASP B 91 18.92 -8.15 -12.81
N MET B 92 19.94 -8.75 -13.40
CA MET B 92 19.71 -9.62 -14.53
C MET B 92 18.87 -10.87 -14.22
N LYS B 93 18.75 -11.21 -12.94
CA LYS B 93 17.92 -12.31 -12.48
C LYS B 93 16.42 -11.98 -12.40
N TYR B 94 16.07 -10.69 -12.37
CA TYR B 94 14.63 -10.28 -12.38
C TYR B 94 13.79 -10.84 -13.50
N LYS B 95 12.66 -11.46 -13.16
CA LYS B 95 11.78 -12.07 -14.15
C LYS B 95 10.34 -11.58 -13.95
N ASP B 96 10.22 -10.26 -13.86
CA ASP B 96 8.95 -9.56 -13.89
C ASP B 96 8.00 -9.89 -12.74
N GLU B 97 8.55 -10.35 -11.64
CA GLU B 97 7.79 -10.61 -10.40
C GLU B 97 7.22 -9.30 -9.80
N PRO B 98 6.04 -9.39 -9.16
CA PRO B 98 5.32 -8.17 -8.69
C PRO B 98 5.93 -7.70 -7.38
N THR B 99 7.22 -7.42 -7.40
CA THR B 99 7.92 -6.94 -6.22
C THR B 99 7.53 -5.48 -5.92
N ARG B 100 7.92 -5.01 -4.74
CA ARG B 100 7.28 -3.86 -4.15
C ARG B 100 8.28 -2.71 -3.83
N LEU B 101 7.72 -1.51 -3.72
CA LEU B 101 8.41 -0.32 -3.25
C LEU B 101 7.40 0.37 -2.32
N VAL B 102 7.85 0.69 -1.10
CA VAL B 102 7.04 1.41 -0.13
C VAL B 102 7.79 2.65 0.30
N ILE B 103 7.11 3.82 0.25
CA ILE B 103 7.67 5.11 0.55
C ILE B 103 6.73 5.74 1.59
N GLY B 104 7.31 6.36 2.59
CA GLY B 104 6.56 7.02 3.67
C GLY B 104 6.13 8.43 3.32
N ASP B 105 6.30 9.34 4.29
CA ASP B 105 5.69 10.67 4.22
C ASP B 105 6.72 11.77 4.17
N ARG B 106 6.35 12.92 3.59
CA ARG B 106 7.12 14.16 3.71
C ARG B 106 8.53 14.05 3.10
N ASN B 107 8.66 13.21 2.08
CA ASN B 107 9.91 13.11 1.30
C ASN B 107 9.95 14.08 0.16
N THR B 108 11.15 14.61 -0.11
CA THR B 108 11.33 15.51 -1.25
C THR B 108 12.20 14.73 -2.19
N ILE B 109 11.71 14.51 -3.40
CA ILE B 109 12.39 13.70 -4.45
C ILE B 109 12.50 14.57 -5.71
N ARG B 110 13.73 14.82 -6.12
CA ARG B 110 14.01 15.76 -7.18
C ARG B 110 14.20 15.04 -8.55
N GLU B 111 14.82 15.74 -9.49
CA GLU B 111 14.75 15.40 -10.90
C GLU B 111 15.74 14.30 -11.28
N PHE B 112 15.34 13.51 -12.26
CA PHE B 112 16.21 12.43 -12.84
C PHE B 112 16.62 11.44 -11.75
N THR B 113 15.69 11.16 -10.88
CA THR B 113 15.89 10.18 -9.83
C THR B 113 15.36 8.80 -10.25
N THR B 114 15.95 7.76 -9.71
CA THR B 114 15.45 6.41 -9.93
C THR B 114 15.35 5.67 -8.60
N ILE B 115 14.18 5.10 -8.33
CA ILE B 115 13.97 4.28 -7.12
C ILE B 115 13.29 3.02 -7.59
N HIS B 116 13.91 1.85 -7.39
CA HIS B 116 13.42 0.59 -8.00
C HIS B 116 12.73 -0.29 -6.96
N THR B 117 11.83 -1.14 -7.44
CA THR B 117 11.20 -2.16 -6.58
C THR B 117 12.22 -3.25 -6.18
N GLY B 118 11.76 -4.20 -5.34
CA GLY B 118 12.65 -5.23 -4.81
C GLY B 118 12.85 -6.45 -5.70
N THR B 119 13.57 -7.43 -5.16
CA THR B 119 13.75 -8.71 -5.86
C THR B 119 13.37 -9.92 -4.97
N VAL B 120 12.89 -10.99 -5.60
CA VAL B 120 12.40 -12.17 -4.85
C VAL B 120 13.57 -12.91 -4.20
N GLN B 121 14.78 -12.75 -4.74
CA GLN B 121 15.98 -13.30 -4.10
C GLN B 121 16.35 -12.67 -2.78
N ASP B 122 15.87 -11.44 -2.49
CA ASP B 122 16.13 -10.82 -1.20
C ASP B 122 14.82 -10.86 -0.41
N ALA B 123 14.16 -9.73 -0.15
CA ALA B 123 12.88 -9.79 0.58
C ALA B 123 11.71 -9.21 -0.21
N GLY B 124 11.92 -8.94 -1.49
CA GLY B 124 10.87 -8.52 -2.39
C GLY B 124 10.40 -7.09 -2.24
N VAL B 125 11.15 -6.25 -1.51
CA VAL B 125 10.68 -4.90 -1.24
CA VAL B 125 10.68 -4.88 -1.19
C VAL B 125 11.81 -3.88 -1.03
N THR B 126 11.70 -2.75 -1.67
CA THR B 126 12.56 -1.60 -1.40
C THR B 126 11.77 -0.66 -0.50
N THR B 127 12.43 -0.01 0.46
CA THR B 127 11.69 0.87 1.38
C THR B 127 12.41 2.17 1.61
N LEU B 128 11.60 3.24 1.79
CA LEU B 128 12.09 4.57 2.13
CA LEU B 128 12.07 4.58 2.12
C LEU B 128 11.12 5.08 3.17
N GLY B 129 11.64 5.69 4.25
CA GLY B 129 10.85 6.17 5.35
C GLY B 129 10.29 7.56 5.13
N ASP B 130 10.48 8.40 6.15
CA ASP B 130 9.91 9.76 6.17
C ASP B 130 10.96 10.86 6.16
N ASP B 131 10.55 12.03 5.68
CA ASP B 131 11.29 13.29 5.86
C ASP B 131 12.68 13.24 5.20
N ASN B 132 12.80 12.51 4.11
CA ASN B 132 14.05 12.36 3.41
C ASN B 132 14.19 13.43 2.34
N TRP B 133 15.43 13.72 1.97
CA TRP B 133 15.74 14.73 1.01
C TRP B 133 16.56 14.07 -0.05
N ILE B 134 15.93 13.83 -1.19
CA ILE B 134 16.54 13.01 -2.26
C ILE B 134 16.78 13.95 -3.46
N MET B 135 18.03 14.29 -3.71
CA MET B 135 18.35 15.32 -4.64
C MET B 135 18.42 14.73 -6.06
N ALA B 136 18.71 15.59 -7.02
CA ALA B 136 18.69 15.19 -8.43
C ALA B 136 19.73 14.11 -8.70
N TYR B 137 19.40 13.22 -9.64
CA TYR B 137 20.29 12.13 -10.12
C TYR B 137 20.55 11.00 -9.14
N VAL B 138 19.85 11.01 -8.03
CA VAL B 138 20.02 9.99 -7.00
C VAL B 138 19.40 8.70 -7.50
N HIS B 139 20.11 7.60 -7.28
CA HIS B 139 19.64 6.26 -7.68
C HIS B 139 19.58 5.37 -6.43
N ILE B 140 18.41 4.78 -6.22
CA ILE B 140 18.18 3.83 -5.12
C ILE B 140 17.87 2.50 -5.75
N GLY B 141 18.84 1.56 -5.73
CA GLY B 141 18.64 0.27 -6.33
C GLY B 141 17.69 -0.67 -5.63
N HIS B 142 17.39 -1.79 -6.29
CA HIS B 142 16.48 -2.77 -5.78
C HIS B 142 16.85 -3.21 -4.38
N ASP B 143 15.83 -3.38 -3.54
CA ASP B 143 15.96 -3.93 -2.16
C ASP B 143 16.68 -3.02 -1.15
N CYS B 144 16.96 -1.78 -1.53
CA CYS B 144 17.48 -0.84 -0.52
C CYS B 144 16.46 -0.59 0.60
N ARG B 145 16.95 -0.29 1.81
CA ARG B 145 16.12 0.08 2.92
C ARG B 145 16.65 1.37 3.49
N VAL B 146 15.96 2.47 3.21
CA VAL B 146 16.42 3.81 3.61
C VAL B 146 15.45 4.26 4.71
N GLY B 147 16.01 4.86 5.75
CA GLY B 147 15.25 5.24 6.93
C GLY B 147 14.59 6.59 6.73
N SER B 148 14.73 7.44 7.76
CA SER B 148 14.10 8.74 7.84
C SER B 148 15.12 9.87 8.09
N HIS B 149 14.79 11.08 7.62
CA HIS B 149 15.65 12.24 7.77
C HIS B 149 17.00 12.08 7.11
N VAL B 150 17.07 11.24 6.10
CA VAL B 150 18.29 10.99 5.32
C VAL B 150 18.45 12.08 4.26
N VAL B 151 19.68 12.50 4.00
CA VAL B 151 19.97 13.39 2.89
C VAL B 151 20.79 12.60 1.87
N LEU B 152 20.27 12.45 0.66
CA LEU B 152 21.02 11.86 -0.43
C LEU B 152 21.26 13.01 -1.44
N SER B 153 22.51 13.47 -1.48
CA SER B 153 22.93 14.60 -2.29
C SER B 153 23.04 14.25 -3.76
N SER B 154 23.23 15.28 -4.60
CA SER B 154 23.07 15.07 -6.06
C SER B 154 24.00 13.97 -6.57
N ASN B 155 23.40 13.08 -7.34
CA ASN B 155 24.11 11.97 -8.02
C ASN B 155 24.74 10.96 -7.04
N ALA B 156 24.26 10.90 -5.80
CA ALA B 156 24.58 9.78 -4.90
C ALA B 156 23.86 8.55 -5.42
N GLN B 157 24.58 7.44 -5.62
CA GLN B 157 23.96 6.24 -6.22
C GLN B 157 24.30 4.99 -5.41
N MET B 158 23.25 4.26 -5.08
CA MET B 158 23.32 3.08 -4.22
C MET B 158 22.90 1.88 -5.02
N ALA B 159 23.72 0.81 -5.00
CA ALA B 159 23.43 -0.43 -5.71
C ALA B 159 22.40 -1.21 -4.90
N GLY B 160 22.22 -2.47 -5.16
CA GLY B 160 21.14 -3.18 -4.48
C GLY B 160 21.42 -3.41 -3.00
N HIS B 161 20.34 -3.53 -2.24
CA HIS B 161 20.35 -4.05 -0.88
C HIS B 161 21.17 -3.14 0.04
N VAL B 162 21.27 -1.83 -0.22
CA VAL B 162 21.98 -0.92 0.68
C VAL B 162 21.01 -0.46 1.79
N GLU B 163 21.48 -0.44 3.03
CA GLU B 163 20.67 0.01 4.14
C GLU B 163 21.22 1.34 4.58
N ILE B 164 20.34 2.31 4.85
CA ILE B 164 20.76 3.64 5.24
C ILE B 164 19.94 4.08 6.46
N GLY B 165 20.63 4.30 7.56
CA GLY B 165 20.01 4.60 8.82
C GLY B 165 19.56 6.05 8.94
N ASP B 166 18.69 6.28 9.90
CA ASP B 166 18.09 7.62 10.13
C ASP B 166 19.16 8.69 10.25
N TRP B 167 18.91 9.83 9.63
CA TRP B 167 19.75 11.05 9.74
C TRP B 167 21.08 10.95 9.00
N ALA B 168 21.34 9.84 8.30
CA ALA B 168 22.59 9.73 7.53
C ALA B 168 22.60 10.73 6.39
N ILE B 169 23.80 11.17 6.00
CA ILE B 169 24.03 12.08 4.88
C ILE B 169 25.00 11.44 3.91
N VAL B 170 24.60 11.30 2.66
CA VAL B 170 25.48 10.78 1.60
C VAL B 170 25.78 11.95 0.64
N GLY B 171 27.06 12.26 0.51
CA GLY B 171 27.53 13.36 -0.31
C GLY B 171 27.36 13.13 -1.80
N GLY B 172 27.44 14.23 -2.55
CA GLY B 172 27.17 14.17 -3.98
C GLY B 172 28.24 13.40 -4.76
N MET B 173 27.81 12.82 -5.87
CA MET B 173 28.68 12.06 -6.78
C MET B 173 29.40 10.90 -6.06
N SER B 174 28.72 10.28 -5.10
CA SER B 174 29.27 9.13 -4.37
C SER B 174 28.56 7.88 -4.85
N GLY B 175 29.28 6.77 -4.83
CA GLY B 175 28.71 5.45 -5.17
C GLY B 175 28.83 4.51 -3.99
N VAL B 176 27.79 3.74 -3.74
CA VAL B 176 27.75 2.81 -2.61
C VAL B 176 27.54 1.38 -3.13
N HIS B 177 28.48 0.49 -2.79
CA HIS B 177 28.46 -0.92 -3.22
C HIS B 177 27.24 -1.69 -2.69
N GLN B 178 26.80 -2.69 -3.45
CA GLN B 178 25.69 -3.51 -2.96
C GLN B 178 25.97 -4.12 -1.57
N TYR B 179 24.90 -4.25 -0.79
CA TYR B 179 24.88 -4.84 0.57
C TYR B 179 25.55 -4.01 1.66
N VAL B 180 26.08 -2.85 1.30
CA VAL B 180 26.70 -1.97 2.28
C VAL B 180 25.61 -1.36 3.22
N ARG B 181 25.95 -1.18 4.49
CA ARG B 181 25.09 -0.54 5.45
C ARG B 181 25.72 0.78 5.91
N ILE B 182 24.92 1.85 5.86
CA ILE B 182 25.31 3.17 6.33
C ILE B 182 24.57 3.43 7.65
N GLY B 183 25.34 3.62 8.72
CA GLY B 183 24.74 3.75 10.02
C GLY B 183 24.01 5.05 10.23
N ALA B 184 23.08 5.02 11.20
CA ALA B 184 22.36 6.24 11.61
C ALA B 184 23.32 7.35 11.97
N HIS B 185 23.00 8.58 11.59
CA HIS B 185 23.80 9.78 11.97
C HIS B 185 25.20 9.79 11.40
N SER B 186 25.49 8.89 10.44
CA SER B 186 26.78 8.87 9.76
C SER B 186 26.82 9.85 8.58
N MET B 187 28.01 10.04 8.01
CA MET B 187 28.14 10.92 6.86
C MET B 187 29.19 10.35 5.91
N LEU B 188 28.82 10.26 4.62
CA LEU B 188 29.75 9.92 3.51
C LEU B 188 30.06 11.22 2.74
N GLY B 189 31.34 11.61 2.73
CA GLY B 189 31.78 12.80 2.00
C GLY B 189 31.45 12.66 0.53
N GLY B 190 31.37 13.80 -0.16
CA GLY B 190 31.17 13.78 -1.60
C GLY B 190 32.34 13.15 -2.37
N ALA B 191 32.00 12.63 -3.54
CA ALA B 191 32.97 11.98 -4.44
C ALA B 191 33.69 10.81 -3.79
N SER B 192 32.92 10.02 -3.03
CA SER B 192 33.44 8.86 -2.34
C SER B 192 32.91 7.57 -2.92
N ALA B 193 33.70 6.52 -2.77
CA ALA B 193 33.33 5.16 -3.19
C ALA B 193 33.31 4.28 -1.95
N LEU B 194 32.12 3.85 -1.53
CA LEU B 194 31.94 3.18 -0.27
C LEU B 194 31.74 1.68 -0.51
N VAL B 195 32.64 0.83 -0.01
CA VAL B 195 32.55 -0.61 -0.26
C VAL B 195 32.35 -1.47 0.99
N GLN B 196 32.39 -0.86 2.17
CA GLN B 196 32.09 -1.52 3.46
C GLN B 196 31.23 -0.60 4.30
N ASP B 197 30.78 -1.10 5.45
CA ASP B 197 29.82 -0.40 6.29
C ASP B 197 30.42 0.83 6.98
N ILE B 198 29.62 1.90 7.05
CA ILE B 198 29.93 3.05 7.89
C ILE B 198 29.21 2.89 9.24
N PRO B 199 29.97 2.75 10.34
CA PRO B 199 29.24 2.65 11.62
C PRO B 199 28.43 3.90 11.91
N PRO B 200 27.38 3.76 12.72
CA PRO B 200 26.62 4.95 13.09
C PRO B 200 27.52 6.02 13.71
N PHE B 201 27.19 7.28 13.45
CA PHE B 201 27.84 8.44 14.04
C PHE B 201 29.21 8.75 13.46
N VAL B 202 29.65 8.02 12.44
CA VAL B 202 31.02 8.16 11.91
C VAL B 202 31.00 8.92 10.57
N ILE B 203 31.99 9.77 10.35
CA ILE B 203 32.28 10.40 9.05
C ILE B 203 33.23 9.51 8.25
N ALA B 204 32.87 9.28 7.00
CA ALA B 204 33.74 8.55 6.08
C ALA B 204 33.91 9.35 4.79
N ALA B 205 35.08 9.19 4.15
CA ALA B 205 35.35 9.87 2.88
C ALA B 205 36.51 9.20 2.14
N GLY B 206 36.46 9.31 0.82
CA GLY B 206 37.51 8.85 -0.04
C GLY B 206 37.10 7.79 -1.04
N ASN B 207 38.07 7.37 -1.86
CA ASN B 207 37.86 6.33 -2.87
C ASN B 207 39.07 5.37 -2.79
N LYS B 208 38.98 4.29 -2.01
CA LYS B 208 37.74 3.87 -1.32
C LYS B 208 37.60 4.63 0.00
N ALA B 209 36.37 4.73 0.50
CA ALA B 209 36.09 5.56 1.67
C ALA B 209 36.71 4.93 2.96
N GLU B 210 37.31 5.79 3.79
CA GLU B 210 37.90 5.45 5.06
C GLU B 210 37.27 6.31 6.19
N PRO B 211 37.32 5.80 7.43
CA PRO B 211 36.73 6.56 8.54
C PRO B 211 37.61 7.77 8.92
N HIS B 212 36.97 8.85 9.35
CA HIS B 212 37.63 10.14 9.71
C HIS B 212 36.91 10.76 10.89
N GLY B 213 36.62 9.97 11.91
CA GLY B 213 36.15 10.48 13.16
C GLY B 213 34.65 10.45 13.33
N ILE B 214 34.23 10.98 14.46
CA ILE B 214 32.81 11.12 14.76
C ILE B 214 32.21 12.35 14.02
N ASN B 215 30.96 12.19 13.60
CA ASN B 215 30.19 13.28 12.95
C ASN B 215 29.71 14.32 13.95
N VAL B 216 30.69 15.05 14.51
CA VAL B 216 30.42 15.93 15.65
C VAL B 216 29.44 17.04 15.31
N GLU B 217 29.62 17.67 14.15
CA GLU B 217 28.79 18.84 13.78
C GLU B 217 27.34 18.41 13.61
N GLY B 218 27.14 17.27 12.96
CA GLY B 218 25.82 16.70 12.84
C GLY B 218 25.13 16.36 14.16
N LEU B 219 25.86 15.72 15.06
CA LEU B 219 25.32 15.38 16.38
C LEU B 219 24.98 16.63 17.18
N ARG B 220 25.81 17.67 17.08
CA ARG B 220 25.49 18.94 17.77
C ARG B 220 24.18 19.55 17.29
N ARG B 221 23.98 19.59 15.97
CA ARG B 221 22.77 20.20 15.41
C ARG B 221 21.53 19.42 15.81
N ARG B 222 21.69 18.12 16.04
CA ARG B 222 20.57 17.28 16.40
C ARG B 222 20.30 17.13 17.90
N GLY B 223 21.06 17.83 18.73
CA GLY B 223 20.71 17.89 20.12
C GLY B 223 21.51 16.97 21.01
N PHE B 224 22.51 16.27 20.46
CA PHE B 224 23.36 15.41 21.27
C PHE B 224 24.19 16.28 22.23
N SER B 225 24.27 15.85 23.48
CA SER B 225 25.05 16.55 24.50
C SER B 225 26.56 16.37 24.35
N PRO B 226 27.34 17.30 24.93
CA PRO B 226 28.79 17.14 24.90
C PRO B 226 29.30 15.84 25.52
N ASP B 227 28.63 15.35 26.58
CA ASP B 227 28.97 14.06 27.19
C ASP B 227 28.69 12.89 26.27
N ALA B 228 27.54 12.91 25.59
CA ALA B 228 27.21 11.85 24.58
C ALA B 228 28.21 11.85 23.44
N ILE B 229 28.51 13.04 22.93
CA ILE B 229 29.50 13.15 21.88
C ILE B 229 30.90 12.69 22.34
N SER B 230 31.30 13.14 23.53
CA SER B 230 32.60 12.69 24.09
C SER B 230 32.69 11.15 24.29
N ALA B 231 31.59 10.50 24.67
CA ALA B 231 31.54 9.04 24.77
C ALA B 231 31.76 8.36 23.38
N LEU B 232 31.13 8.93 22.36
CA LEU B 232 31.30 8.44 20.98
C LEU B 232 32.72 8.66 20.48
N ARG B 233 33.36 9.76 20.89
CA ARG B 233 34.76 9.92 20.52
C ARG B 233 35.60 8.79 21.16
N SER B 234 35.31 8.45 22.41
CA SER B 234 35.99 7.31 23.07
CA SER B 234 36.01 7.33 23.04
C SER B 234 35.72 6.02 22.29
N ALA B 235 34.46 5.82 21.92
CA ALA B 235 34.05 4.64 21.19
C ALA B 235 34.80 4.52 19.89
N TYR B 236 35.01 5.64 19.20
CA TYR B 236 35.74 5.66 17.93
C TYR B 236 37.19 5.24 18.18
N ARG B 237 37.81 5.80 19.22
CA ARG B 237 39.17 5.38 19.61
C ARG B 237 39.29 3.89 19.91
N ILE B 238 38.33 3.37 20.66
CA ILE B 238 38.31 1.96 20.98
C ILE B 238 38.23 1.13 19.70
N LEU B 239 37.32 1.51 18.81
CA LEU B 239 37.06 0.72 17.59
C LEU B 239 38.24 0.76 16.62
N TYR B 240 38.91 1.91 16.50
CA TYR B 240 39.87 2.10 15.43
C TYR B 240 41.34 2.39 15.76
N LYS B 241 41.60 2.87 16.98
CA LYS B 241 42.89 3.48 17.31
C LYS B 241 43.67 2.80 18.42
N ASN B 242 43.30 1.58 18.77
CA ASN B 242 44.01 0.81 19.78
C ASN B 242 44.44 -0.59 19.38
N SER B 243 44.44 -0.88 18.08
CA SER B 243 44.82 -2.18 17.58
C SER B 243 43.92 -3.29 18.13
N LEU B 244 42.69 -2.97 18.49
CA LEU B 244 41.76 -4.00 18.97
C LEU B 244 41.13 -4.76 17.80
N SER B 245 41.06 -6.08 17.91
CA SER B 245 40.22 -6.87 17.00
C SER B 245 38.78 -6.43 17.14
N LEU B 246 37.97 -6.65 16.10
CA LEU B 246 36.53 -6.36 16.21
C LEU B 246 35.90 -7.03 17.45
N GLU B 247 36.24 -8.30 17.71
CA GLU B 247 35.73 -8.98 18.92
C GLU B 247 36.15 -8.32 20.25
N GLU B 248 37.41 -7.94 20.34
CA GLU B 248 37.89 -7.21 21.54
C GLU B 248 37.19 -5.86 21.68
N ALA B 249 37.01 -5.16 20.55
CA ALA B 249 36.34 -3.85 20.56
C ALA B 249 34.92 -3.97 21.03
N LYS B 250 34.23 -5.04 20.59
CA LYS B 250 32.85 -5.23 21.01
C LYS B 250 32.70 -5.39 22.53
N VAL B 251 33.64 -6.08 23.17
CA VAL B 251 33.66 -6.21 24.62
C VAL B 251 33.80 -4.84 25.30
N GLN B 252 34.80 -4.05 24.86
CA GLN B 252 35.02 -2.71 25.44
C GLN B 252 33.83 -1.75 25.19
N LEU B 253 33.30 -1.76 23.97
CA LEU B 253 32.16 -0.92 23.61
C LEU B 253 30.94 -1.30 24.43
N SER B 254 30.74 -2.59 24.67
CA SER B 254 29.59 -3.08 25.45
C SER B 254 29.67 -2.57 26.88
N GLU B 255 30.87 -2.46 27.41
CA GLU B 255 31.02 -1.95 28.76
C GLU B 255 30.82 -0.44 28.80
N LEU B 256 31.33 0.28 27.79
CA LEU B 256 31.14 1.72 27.66
C LEU B 256 29.62 2.07 27.56
N ALA B 257 28.87 1.27 26.81
CA ALA B 257 27.40 1.39 26.70
C ALA B 257 26.65 1.28 28.05
N GLN B 258 27.32 0.75 29.09
CA GLN B 258 26.70 0.59 30.41
C GLN B 258 27.31 1.52 31.46
N ALA B 259 27.97 2.60 31.02
CA ALA B 259 28.70 3.51 31.90
C ALA B 259 27.80 4.44 32.71
N GLY B 260 26.53 4.50 32.33
CA GLY B 260 25.55 5.34 33.00
C GLY B 260 25.58 6.79 32.52
N GLY B 261 26.17 7.03 31.36
CA GLY B 261 26.32 8.40 30.82
C GLY B 261 25.28 8.73 29.74
N ASP B 262 25.21 10.01 29.32
CA ASP B 262 24.29 10.42 28.21
C ASP B 262 24.52 9.56 26.96
N GLY B 263 25.77 9.19 26.73
CA GLY B 263 26.13 8.41 25.53
C GLY B 263 25.77 6.94 25.47
N ASP B 264 25.22 6.37 26.55
CA ASP B 264 24.96 4.94 26.65
C ASP B 264 24.16 4.37 25.45
N ALA B 265 23.05 5.02 25.11
CA ALA B 265 22.20 4.49 24.05
C ALA B 265 22.93 4.56 22.73
N ALA B 266 23.64 5.66 22.48
CA ALA B 266 24.38 5.83 21.22
C ALA B 266 25.46 4.78 21.09
N VAL B 267 26.23 4.56 22.16
CA VAL B 267 27.25 3.52 22.10
C VAL B 267 26.65 2.11 21.91
N LYS B 268 25.53 1.83 22.55
CA LYS B 268 24.85 0.54 22.36
C LYS B 268 24.43 0.34 20.89
N ALA B 269 23.96 1.42 20.25
CA ALA B 269 23.58 1.34 18.83
C ALA B 269 24.79 1.01 17.97
N LEU B 270 25.92 1.63 18.30
CA LEU B 270 27.18 1.35 17.61
C LEU B 270 27.59 -0.11 17.72
N VAL B 271 27.57 -0.68 18.92
CA VAL B 271 28.06 -2.04 19.04
C VAL B 271 27.05 -3.03 18.41
N ASP B 272 25.75 -2.74 18.52
CA ASP B 272 24.72 -3.57 17.82
C ASP B 272 24.94 -3.56 16.28
N PHE B 273 25.33 -2.40 15.74
CA PHE B 273 25.59 -2.30 14.29
C PHE B 273 26.85 -3.09 13.92
N VAL B 274 27.93 -2.94 14.68
CA VAL B 274 29.19 -3.64 14.33
C VAL B 274 29.09 -5.18 14.50
N GLU B 275 28.34 -5.62 15.50
CA GLU B 275 28.09 -7.06 15.71
C GLU B 275 27.35 -7.67 14.51
N SER B 276 26.50 -6.89 13.84
CA SER B 276 25.69 -7.39 12.72
C SER B 276 26.25 -7.14 11.31
N SER B 277 27.48 -6.66 11.17
CA SER B 277 28.00 -6.34 9.82
C SER B 277 28.27 -7.58 8.92
N GLN B 278 27.65 -7.57 7.75
CA GLN B 278 27.89 -8.50 6.62
C GLN B 278 29.21 -8.22 5.92
N ARG B 279 29.31 -7.05 5.25
CA ARG B 279 30.49 -6.66 4.48
C ARG B 279 31.75 -6.39 5.38
N GLY B 280 31.55 -6.30 6.69
CA GLY B 280 32.53 -5.70 7.63
C GLY B 280 32.47 -4.17 7.55
N ILE B 281 33.20 -3.50 8.46
CA ILE B 281 33.22 -2.04 8.51
C ILE B 281 34.45 -1.44 7.83
N ILE B 282 34.31 -0.19 7.37
CA ILE B 282 35.43 0.57 6.82
C ILE B 282 36.50 0.68 7.93
N ARG B 283 37.74 0.72 7.50
CA ARG B 283 38.86 0.88 8.45
C ARG B 283 39.90 1.72 7.70
N ARG C 24 6.23 27.44 -34.81
CA ARG C 24 7.51 27.49 -34.03
C ARG C 24 7.38 26.83 -32.64
N ILE C 25 6.20 26.96 -32.05
CA ILE C 25 5.87 26.35 -30.78
C ILE C 25 5.01 25.13 -31.05
N HIS C 26 5.50 23.95 -30.66
CA HIS C 26 4.79 22.73 -30.94
C HIS C 26 3.44 22.72 -30.21
N PRO C 27 2.38 22.23 -30.85
CA PRO C 27 1.06 22.33 -30.21
C PRO C 27 0.98 21.62 -28.86
N THR C 28 1.87 20.65 -28.62
CA THR C 28 1.87 19.96 -27.34
C THR C 28 2.72 20.67 -26.29
N ALA C 29 3.50 21.68 -26.66
CA ALA C 29 4.23 22.44 -25.65
C ALA C 29 3.25 23.24 -24.82
N ILE C 30 3.57 23.44 -23.55
CA ILE C 30 2.74 24.24 -22.64
C ILE C 30 3.50 25.52 -22.30
N ILE C 31 3.01 26.65 -22.81
CA ILE C 31 3.60 27.97 -22.52
C ILE C 31 2.63 28.61 -21.55
N GLU C 32 3.02 28.72 -20.28
CA GLU C 32 2.11 29.23 -19.26
C GLU C 32 1.83 30.69 -19.53
N PRO C 33 0.57 31.13 -19.32
CA PRO C 33 0.31 32.53 -19.54
C PRO C 33 1.25 33.40 -18.70
N GLY C 34 1.83 34.43 -19.30
CA GLY C 34 2.81 35.24 -18.59
C GLY C 34 4.23 35.09 -19.12
N ALA C 35 4.55 33.91 -19.64
CA ALA C 35 5.85 33.68 -20.28
C ALA C 35 6.04 34.65 -21.44
N GLN C 36 7.25 35.15 -21.57
CA GLN C 36 7.59 36.16 -22.57
C GLN C 36 8.63 35.57 -23.50
N LEU C 37 8.17 35.14 -24.67
CA LEU C 37 9.03 34.53 -25.67
C LEU C 37 9.11 35.44 -26.89
N HIS C 38 10.32 35.74 -27.33
CA HIS C 38 10.50 36.39 -28.63
C HIS C 38 9.79 35.59 -29.70
N GLU C 39 9.34 36.26 -30.76
CA GLU C 39 8.54 35.64 -31.83
C GLU C 39 9.28 34.49 -32.54
N THR C 40 10.59 34.55 -32.55
CA THR C 40 11.46 33.56 -33.20
C THR C 40 11.89 32.35 -32.30
N VAL C 41 11.44 32.31 -31.06
CA VAL C 41 11.79 31.18 -30.15
C VAL C 41 11.06 29.93 -30.63
N GLU C 42 11.76 28.80 -30.67
CA GLU C 42 11.14 27.52 -31.01
C GLU C 42 11.15 26.65 -29.75
N VAL C 43 10.03 25.93 -29.58
CA VAL C 43 9.78 25.09 -28.44
C VAL C 43 9.20 23.78 -28.94
N GLY C 44 9.88 22.70 -28.58
CA GLY C 44 9.56 21.38 -29.07
C GLY C 44 8.46 20.67 -28.32
N PRO C 45 8.08 19.46 -28.78
CA PRO C 45 6.97 18.69 -28.22
C PRO C 45 7.11 18.42 -26.73
N TYR C 46 6.01 18.54 -26.03
CA TYR C 46 5.95 18.18 -24.61
C TYR C 46 6.87 19.00 -23.70
N ALA C 47 7.35 20.14 -24.17
CA ALA C 47 8.13 21.04 -23.32
C ALA C 47 7.18 22.00 -22.58
N ILE C 48 7.66 22.57 -21.47
CA ILE C 48 6.90 23.46 -20.61
C ILE C 48 7.71 24.72 -20.34
N VAL C 49 7.09 25.87 -20.50
CA VAL C 49 7.76 27.13 -20.19
C VAL C 49 6.87 27.85 -19.18
N GLY C 50 7.43 28.09 -17.99
CA GLY C 50 6.69 28.75 -16.91
C GLY C 50 6.37 30.23 -17.10
N SER C 51 5.46 30.68 -16.25
CA SER C 51 4.89 31.98 -16.39
C SER C 51 5.88 33.11 -16.07
N ASN C 52 6.99 32.83 -15.36
CA ASN C 52 7.96 33.89 -15.06
C ASN C 52 9.24 33.81 -15.90
N VAL C 53 9.18 33.07 -17.00
CA VAL C 53 10.34 32.88 -17.88
C VAL C 53 10.29 33.90 -19.03
N THR C 54 11.47 34.44 -19.38
CA THR C 54 11.67 35.27 -20.56
CA THR C 54 11.62 35.21 -20.61
C THR C 54 12.72 34.58 -21.44
N ILE C 55 12.49 34.53 -22.75
CA ILE C 55 13.39 33.85 -23.67
C ILE C 55 13.57 34.72 -24.89
N GLY C 56 14.82 35.04 -25.20
CA GLY C 56 15.13 35.97 -26.29
C GLY C 56 15.26 35.30 -27.64
N ALA C 57 15.50 36.15 -28.64
CA ALA C 57 15.43 35.79 -30.04
C ALA C 57 16.28 34.58 -30.45
N ARG C 58 15.67 33.66 -31.21
CA ARG C 58 16.37 32.59 -31.91
C ARG C 58 16.84 31.46 -30.97
N THR C 59 16.45 31.53 -29.71
CA THR C 59 16.68 30.45 -28.75
C THR C 59 15.73 29.30 -29.06
N THR C 60 16.24 28.07 -29.00
CA THR C 60 15.44 26.88 -29.23
C THR C 60 15.45 26.02 -27.97
N ILE C 61 14.29 25.45 -27.68
CA ILE C 61 14.06 24.56 -26.52
C ILE C 61 13.62 23.20 -27.05
N GLY C 62 14.36 22.16 -26.71
CA GLY C 62 14.05 20.83 -27.21
C GLY C 62 12.93 20.13 -26.46
N SER C 63 12.52 19.00 -27.00
CA SER C 63 11.37 18.31 -26.47
C SER C 63 11.58 17.90 -25.01
N HIS C 64 10.48 17.82 -24.27
CA HIS C 64 10.45 17.35 -22.87
C HIS C 64 11.11 18.26 -21.83
N SER C 65 11.66 19.38 -22.24
CA SER C 65 12.35 20.27 -21.34
C SER C 65 11.38 21.10 -20.49
N VAL C 66 11.79 21.46 -19.28
CA VAL C 66 10.97 22.27 -18.38
C VAL C 66 11.79 23.47 -18.00
N ILE C 67 11.33 24.64 -18.43
CA ILE C 67 12.02 25.91 -18.21
C ILE C 67 11.08 26.63 -17.23
N GLU C 68 11.57 26.91 -16.05
CA GLU C 68 10.73 27.45 -14.96
C GLU C 68 11.50 28.44 -14.10
N GLY C 69 10.91 28.85 -12.98
CA GLY C 69 11.52 29.91 -12.13
C GLY C 69 11.44 31.31 -12.73
N HIS C 70 11.99 32.27 -11.99
CA HIS C 70 12.15 33.66 -12.46
C HIS C 70 13.42 33.70 -13.28
N THR C 71 13.26 33.28 -14.53
CA THR C 71 14.37 32.93 -15.38
C THR C 71 14.43 33.77 -16.63
N THR C 72 15.60 34.33 -16.88
CA THR C 72 15.86 35.11 -18.09
C THR C 72 16.89 34.41 -18.94
N ILE C 73 16.52 34.11 -20.18
CA ILE C 73 17.37 33.43 -21.15
C ILE C 73 17.53 34.34 -22.37
N GLY C 74 18.76 34.49 -22.83
CA GLY C 74 19.12 35.32 -23.95
C GLY C 74 18.88 34.78 -25.35
N GLU C 75 19.69 35.25 -26.29
CA GLU C 75 19.52 34.95 -27.70
C GLU C 75 20.40 33.79 -28.13
N ASP C 76 19.95 33.06 -29.14
CA ASP C 76 20.77 32.09 -29.86
C ASP C 76 21.25 30.93 -28.99
N ASN C 77 20.46 30.61 -27.98
CA ASN C 77 20.75 29.51 -27.09
C ASN C 77 20.16 28.26 -27.71
N ARG C 78 20.86 27.15 -27.54
CA ARG C 78 20.37 25.88 -28.02
C ARG C 78 20.26 24.95 -26.80
N ILE C 79 19.03 24.73 -26.35
CA ILE C 79 18.76 23.95 -25.15
C ILE C 79 18.08 22.69 -25.66
N GLY C 80 18.65 21.53 -25.27
CA GLY C 80 18.30 20.24 -25.81
C GLY C 80 17.08 19.63 -25.13
N HIS C 81 17.00 18.31 -25.15
CA HIS C 81 15.86 17.60 -24.59
C HIS C 81 16.10 17.35 -23.12
N TYR C 82 15.02 17.22 -22.34
CA TYR C 82 15.10 16.90 -20.90
C TYR C 82 16.03 17.87 -20.12
N ALA C 83 15.95 19.14 -20.47
CA ALA C 83 16.75 20.15 -19.79
C ALA C 83 15.86 20.76 -18.70
N SER C 84 16.31 20.69 -17.44
CA SER C 84 15.61 21.29 -16.30
C SER C 84 16.28 22.62 -16.00
N VAL C 85 15.66 23.71 -16.44
CA VAL C 85 16.29 25.03 -16.41
C VAL C 85 15.42 25.95 -15.59
N GLY C 86 15.94 26.39 -14.46
CA GLY C 86 15.19 27.31 -13.59
C GLY C 86 14.50 26.64 -12.42
N GLY C 87 14.88 25.38 -12.13
CA GLY C 87 14.33 24.61 -11.03
C GLY C 87 14.74 25.25 -9.71
N ARG C 88 14.02 24.96 -8.62
CA ARG C 88 14.33 25.62 -7.36
C ARG C 88 15.59 25.04 -6.73
N PRO C 89 16.25 25.82 -5.84
CA PRO C 89 17.43 25.31 -5.14
C PRO C 89 17.18 24.01 -4.39
N GLN C 90 18.24 23.21 -4.27
CA GLN C 90 18.19 22.03 -3.46
C GLN C 90 18.63 22.27 -2.01
N ASP C 91 18.72 23.53 -1.65
CA ASP C 91 18.99 24.02 -0.30
C ASP C 91 17.78 23.84 0.61
N MET C 92 17.95 23.10 1.71
CA MET C 92 16.85 22.88 2.64
C MET C 92 16.29 24.19 3.25
N LYS C 93 17.05 25.28 3.18
CA LYS C 93 16.60 26.57 3.69
C LYS C 93 15.66 27.34 2.73
N TYR C 94 15.60 26.94 1.46
CA TYR C 94 14.76 27.59 0.46
C TYR C 94 13.30 27.51 0.88
N LYS C 95 12.60 28.65 0.83
CA LYS C 95 11.19 28.71 1.16
C LYS C 95 10.39 29.47 0.08
N ASP C 96 10.58 29.05 -1.17
CA ASP C 96 9.77 29.49 -2.33
C ASP C 96 9.91 30.93 -2.75
N GLU C 97 11.01 31.57 -2.37
CA GLU C 97 11.22 32.94 -2.75
C GLU C 97 11.42 33.02 -4.28
N PRO C 98 11.08 34.17 -4.88
CA PRO C 98 11.16 34.39 -6.33
C PRO C 98 12.56 34.70 -6.78
N THR C 99 13.49 33.79 -6.49
CA THR C 99 14.86 33.99 -6.83
C THR C 99 15.08 33.73 -8.34
N ARG C 100 16.24 34.08 -8.83
CA ARG C 100 16.47 34.20 -10.25
C ARG C 100 17.54 33.29 -10.80
N LEU C 101 17.40 33.02 -12.10
CA LEU C 101 18.44 32.48 -12.96
C LEU C 101 18.52 33.36 -14.21
N VAL C 102 19.76 33.76 -14.55
CA VAL C 102 20.07 34.54 -15.73
C VAL C 102 21.09 33.78 -16.59
N ILE C 103 20.68 33.54 -17.84
CA ILE C 103 21.51 32.93 -18.88
C ILE C 103 21.61 33.89 -20.05
N GLY C 104 22.84 34.03 -20.54
CA GLY C 104 23.13 34.93 -21.63
C GLY C 104 22.83 34.32 -22.99
N ASP C 105 23.77 34.53 -23.92
CA ASP C 105 23.58 34.26 -25.33
C ASP C 105 24.50 33.19 -25.85
N ARG C 106 24.03 32.44 -26.85
CA ARG C 106 24.84 31.49 -27.59
C ARG C 106 25.38 30.34 -26.76
N ASN C 107 24.62 29.95 -25.73
CA ASN C 107 24.94 28.79 -24.90
C ASN C 107 24.34 27.49 -25.49
N THR C 108 25.07 26.38 -25.38
CA THR C 108 24.57 25.05 -25.81
C THR C 108 24.44 24.26 -24.53
N ILE C 109 23.25 23.75 -24.29
CA ILE C 109 22.90 23.03 -23.04
C ILE C 109 22.27 21.74 -23.47
N ARG C 110 22.90 20.63 -23.11
CA ARG C 110 22.48 19.30 -23.56
C ARG C 110 21.50 18.61 -22.56
N GLU C 111 21.36 17.30 -22.69
CA GLU C 111 20.30 16.53 -22.05
C GLU C 111 20.55 16.23 -20.55
N PHE C 112 19.46 16.12 -19.81
CA PHE C 112 19.48 15.70 -18.40
C PHE C 112 20.34 16.63 -17.56
N THR C 113 20.25 17.90 -17.89
CA THR C 113 20.93 18.98 -17.19
C THR C 113 19.99 19.60 -16.16
N THR C 114 20.59 20.15 -15.10
CA THR C 114 19.86 20.87 -14.06
C THR C 114 20.58 22.18 -13.77
N ILE C 115 19.87 23.28 -13.91
CA ILE C 115 20.40 24.58 -13.55
C ILE C 115 19.36 25.26 -12.68
N HIS C 116 19.75 25.61 -11.47
CA HIS C 116 18.82 26.10 -10.47
C HIS C 116 18.91 27.59 -10.24
N THR C 117 17.82 28.15 -9.73
CA THR C 117 17.77 29.56 -9.34
C THR C 117 18.57 29.78 -8.05
N GLY C 118 18.72 31.03 -7.63
CA GLY C 118 19.50 31.34 -6.42
C GLY C 118 18.73 31.24 -5.11
N THR C 119 19.42 31.65 -4.03
CA THR C 119 18.88 31.69 -2.69
C THR C 119 19.06 33.11 -2.07
N VAL C 120 18.08 33.50 -1.27
CA VAL C 120 18.10 34.82 -0.61
C VAL C 120 19.21 34.95 0.44
N GLN C 121 19.79 33.82 0.85
CA GLN C 121 20.92 33.84 1.76
C GLN C 121 22.25 34.25 1.09
N ASP C 122 22.35 34.17 -0.24
CA ASP C 122 23.51 34.65 -0.98
C ASP C 122 23.09 35.96 -1.68
N ALA C 123 23.03 36.01 -3.01
CA ALA C 123 22.58 37.22 -3.69
C ALA C 123 21.36 36.97 -4.54
N GLY C 124 20.70 35.82 -4.34
CA GLY C 124 19.40 35.56 -4.96
C GLY C 124 19.35 35.24 -6.43
N VAL C 125 20.50 34.91 -7.00
CA VAL C 125 20.59 34.72 -8.45
C VAL C 125 21.69 33.71 -8.83
N THR C 126 21.37 32.83 -9.76
CA THR C 126 22.38 32.00 -10.44
C THR C 126 22.59 32.60 -11.82
N THR C 127 23.86 32.68 -12.26
CA THR C 127 24.22 33.35 -13.52
C THR C 127 25.11 32.50 -14.44
N LEU C 128 24.80 32.51 -15.73
CA LEU C 128 25.63 31.96 -16.77
C LEU C 128 25.79 33.06 -17.82
N GLY C 129 27.02 33.27 -18.28
CA GLY C 129 27.29 34.23 -19.36
C GLY C 129 26.94 33.69 -20.75
N ASP C 130 27.90 33.85 -21.66
CA ASP C 130 27.70 33.62 -23.10
C ASP C 130 28.64 32.56 -23.61
N ASP C 131 28.23 31.92 -24.71
CA ASP C 131 29.13 31.02 -25.46
C ASP C 131 29.62 29.81 -24.64
N ASN C 132 28.81 29.35 -23.69
CA ASN C 132 29.18 28.23 -22.85
C ASN C 132 28.70 26.92 -23.48
N TRP C 133 29.41 25.83 -23.16
CA TRP C 133 29.12 24.50 -23.69
C TRP C 133 28.86 23.61 -22.50
N ILE C 134 27.58 23.27 -22.29
CA ILE C 134 27.11 22.59 -21.07
CA ILE C 134 27.16 22.56 -21.09
C ILE C 134 26.63 21.21 -21.52
N MET C 135 27.40 20.16 -21.25
CA MET C 135 27.10 18.84 -21.76
C MET C 135 26.07 18.11 -20.89
N ALA C 136 25.73 16.90 -21.34
CA ALA C 136 24.72 16.10 -20.66
C ALA C 136 25.09 15.84 -19.20
N TYR C 137 24.07 15.80 -18.34
CA TYR C 137 24.13 15.39 -16.93
C TYR C 137 24.85 16.47 -16.08
N VAL C 138 25.15 17.62 -16.67
CA VAL C 138 25.78 18.72 -15.88
C VAL C 138 24.74 19.29 -14.93
N HIS C 139 25.22 19.54 -13.72
CA HIS C 139 24.41 20.14 -12.66
C HIS C 139 25.06 21.44 -12.22
N ILE C 140 24.27 22.50 -12.24
CA ILE C 140 24.72 23.83 -11.76
C ILE C 140 23.79 24.22 -10.64
N GLY C 141 24.32 24.16 -9.42
CA GLY C 141 23.54 24.43 -8.23
C GLY C 141 23.23 25.90 -8.00
N HIS C 142 22.37 26.12 -7.02
CA HIS C 142 21.97 27.46 -6.67
C HIS C 142 23.14 28.39 -6.43
N ASP C 143 22.99 29.61 -6.95
CA ASP C 143 23.92 30.74 -6.70
C ASP C 143 25.28 30.58 -7.39
N CYS C 144 25.43 29.60 -8.31
CA CYS C 144 26.65 29.56 -9.10
C CYS C 144 26.75 30.79 -9.98
N ARG C 145 27.99 31.17 -10.30
CA ARG C 145 28.27 32.31 -11.16
C ARG C 145 29.25 31.84 -12.22
N VAL C 146 28.73 31.54 -13.41
CA VAL C 146 29.51 30.96 -14.50
C VAL C 146 29.69 32.03 -15.56
N GLY C 147 30.95 32.23 -15.96
CA GLY C 147 31.31 33.23 -16.94
C GLY C 147 30.94 32.84 -18.35
N SER C 148 31.88 33.08 -19.28
CA SER C 148 31.67 32.87 -20.72
C SER C 148 32.77 31.97 -21.30
N HIS C 149 32.42 31.29 -22.40
CA HIS C 149 33.33 30.34 -23.05
C HIS C 149 33.77 29.19 -22.17
N VAL C 150 32.91 28.80 -21.22
CA VAL C 150 33.22 27.74 -20.27
C VAL C 150 32.75 26.42 -20.89
N VAL C 151 33.54 25.37 -20.72
CA VAL C 151 33.11 24.02 -21.07
C VAL C 151 32.90 23.21 -19.79
N LEU C 152 31.67 22.71 -19.60
CA LEU C 152 31.34 21.77 -18.50
C LEU C 152 31.06 20.44 -19.19
N SER C 153 31.98 19.47 -19.06
CA SER C 153 31.89 18.16 -19.69
C SER C 153 30.87 17.26 -18.98
N SER C 154 30.51 16.18 -19.64
CA SER C 154 29.39 15.34 -19.18
C SER C 154 29.50 14.97 -17.72
N ASN C 155 28.39 15.21 -17.00
CA ASN C 155 28.23 14.82 -15.61
C ASN C 155 29.17 15.57 -14.66
N ALA C 156 29.66 16.72 -15.08
CA ALA C 156 30.36 17.63 -14.15
C ALA C 156 29.26 18.26 -13.29
N GLN C 157 29.43 18.25 -11.99
CA GLN C 157 28.40 18.74 -11.06
C GLN C 157 28.99 19.71 -10.03
N MET C 158 28.33 20.87 -9.93
CA MET C 158 28.76 21.98 -9.09
C MET C 158 27.71 22.24 -8.02
N ALA C 159 28.12 22.22 -6.78
CA ALA C 159 27.22 22.47 -5.67
C ALA C 159 26.98 23.99 -5.64
N GLY C 160 26.43 24.47 -4.55
CA GLY C 160 26.02 25.87 -4.51
C GLY C 160 27.20 26.82 -4.53
N HIS C 161 26.95 28.01 -5.06
CA HIS C 161 27.86 29.15 -4.90
C HIS C 161 29.21 28.86 -5.52
N VAL C 162 29.25 28.10 -6.61
CA VAL C 162 30.53 27.87 -7.30
C VAL C 162 30.73 28.96 -8.37
N GLU C 163 31.92 29.56 -8.39
CA GLU C 163 32.27 30.59 -9.37
C GLU C 163 33.18 29.99 -10.43
N ILE C 164 32.84 30.17 -11.70
CA ILE C 164 33.66 29.62 -12.79
C ILE C 164 34.04 30.73 -13.77
N GLY C 165 35.35 31.04 -13.81
CA GLY C 165 35.89 32.06 -14.65
C GLY C 165 35.86 31.79 -16.15
N ASP C 166 36.03 32.84 -16.95
CA ASP C 166 35.97 32.68 -18.38
C ASP C 166 37.01 31.66 -18.90
N TRP C 167 36.58 30.89 -19.91
CA TRP C 167 37.39 29.93 -20.64
C TRP C 167 37.77 28.67 -19.89
N ALA C 168 37.36 28.55 -18.62
CA ALA C 168 37.61 27.35 -17.84
C ALA C 168 36.96 26.12 -18.47
N ILE C 169 37.62 24.98 -18.28
CA ILE C 169 37.13 23.70 -18.76
C ILE C 169 37.12 22.76 -17.53
N VAL C 170 35.96 22.14 -17.31
CA VAL C 170 35.75 21.19 -16.25
C VAL C 170 35.49 19.83 -16.88
N GLY C 171 36.31 18.86 -16.55
CA GLY C 171 36.22 17.52 -17.14
C GLY C 171 35.02 16.72 -16.60
N GLY C 172 34.74 15.63 -17.29
CA GLY C 172 33.54 14.86 -17.04
C GLY C 172 33.65 14.10 -15.73
N MET C 173 32.46 13.83 -15.16
CA MET C 173 32.31 13.07 -13.90
CA MET C 173 32.35 13.08 -13.92
C MET C 173 33.13 13.70 -12.78
N SER C 174 33.24 15.02 -12.76
CA SER C 174 33.95 15.70 -11.67
C SER C 174 32.91 16.38 -10.76
N GLY C 175 33.23 16.49 -9.47
CA GLY C 175 32.38 17.18 -8.49
C GLY C 175 33.11 18.37 -7.91
N VAL C 176 32.41 19.50 -7.74
CA VAL C 176 33.01 20.72 -7.24
C VAL C 176 32.23 21.11 -5.97
N HIS C 177 32.94 21.13 -4.85
CA HIS C 177 32.39 21.51 -3.55
C HIS C 177 31.80 22.91 -3.51
N GLN C 178 30.82 23.11 -2.66
CA GLN C 178 30.22 24.45 -2.56
C GLN C 178 31.25 25.53 -2.21
N TYR C 179 31.02 26.73 -2.76
CA TYR C 179 31.87 27.90 -2.54
C TYR C 179 33.29 27.85 -3.18
N VAL C 180 33.61 26.79 -3.91
CA VAL C 180 34.87 26.74 -4.66
C VAL C 180 34.84 27.73 -5.83
N ARG C 181 36.00 28.35 -6.09
CA ARG C 181 36.15 29.22 -7.27
C ARG C 181 37.13 28.57 -8.24
N ILE C 182 36.70 28.46 -9.49
CA ILE C 182 37.54 27.99 -10.61
C ILE C 182 38.00 29.20 -11.42
N GLY C 183 39.32 29.44 -11.46
CA GLY C 183 39.84 30.64 -12.11
C GLY C 183 39.70 30.58 -13.61
N ALA C 184 39.68 31.76 -14.23
CA ALA C 184 39.62 31.90 -15.67
C ALA C 184 40.80 31.14 -16.33
N HIS C 185 40.54 30.48 -17.45
CA HIS C 185 41.57 29.75 -18.19
C HIS C 185 42.16 28.54 -17.49
N SER C 186 41.53 28.10 -16.42
CA SER C 186 41.96 26.89 -15.76
C SER C 186 41.34 25.63 -16.39
N MET C 187 41.82 24.47 -15.95
CA MET C 187 41.27 23.22 -16.40
C MET C 187 41.25 22.25 -15.23
N LEU C 188 40.13 21.53 -15.08
CA LEU C 188 39.97 20.45 -14.13
C LEU C 188 39.84 19.13 -14.89
N GLY C 189 40.74 18.17 -14.66
CA GLY C 189 40.68 16.87 -15.33
C GLY C 189 39.40 16.09 -14.97
N GLY C 190 39.02 15.14 -15.80
CA GLY C 190 37.87 14.30 -15.52
C GLY C 190 38.06 13.47 -14.26
N ALA C 191 36.93 13.07 -13.67
CA ALA C 191 36.90 12.21 -12.50
C ALA C 191 37.67 12.81 -11.33
N SER C 192 37.57 14.14 -11.17
CA SER C 192 38.29 14.84 -10.11
C SER C 192 37.26 15.32 -9.09
N ALA C 193 37.72 15.49 -7.87
CA ALA C 193 36.92 16.04 -6.81
C ALA C 193 37.65 17.29 -6.32
N LEU C 194 37.01 18.45 -6.49
CA LEU C 194 37.63 19.77 -6.21
C LEU C 194 37.02 20.33 -4.96
N VAL C 195 37.84 20.53 -3.95
CA VAL C 195 37.39 21.02 -2.64
C VAL C 195 38.02 22.37 -2.28
N GLN C 196 38.97 22.84 -3.08
CA GLN C 196 39.54 24.18 -2.92
C GLN C 196 39.65 24.87 -4.28
N ASP C 197 40.08 26.13 -4.28
CA ASP C 197 40.09 26.96 -5.50
C ASP C 197 41.20 26.57 -6.49
N ILE C 198 40.87 26.62 -7.78
CA ILE C 198 41.87 26.50 -8.84
C ILE C 198 42.23 27.91 -9.29
N PRO C 199 43.51 28.33 -9.09
CA PRO C 199 43.92 29.66 -9.58
C PRO C 199 43.74 29.76 -11.09
N PRO C 200 43.52 30.97 -11.61
CA PRO C 200 43.42 31.12 -13.06
C PRO C 200 44.67 30.59 -13.73
N PHE C 201 44.50 30.06 -14.94
CA PHE C 201 45.60 29.65 -15.80
C PHE C 201 46.21 28.29 -15.43
N VAL C 202 45.72 27.65 -14.36
CA VAL C 202 46.26 26.41 -13.81
C VAL C 202 45.48 25.13 -14.25
N ILE C 203 46.22 24.04 -14.43
CA ILE C 203 45.65 22.72 -14.67
C ILE C 203 45.56 21.98 -13.33
N ALA C 204 44.43 21.35 -13.05
CA ALA C 204 44.30 20.56 -11.84
C ALA C 204 43.68 19.21 -12.17
N ALA C 205 43.97 18.20 -11.36
CA ALA C 205 43.39 16.87 -11.57
C ALA C 205 43.55 16.03 -10.34
N GLY C 206 42.57 15.15 -10.15
CA GLY C 206 42.59 14.10 -9.11
C GLY C 206 41.42 14.12 -8.13
N ASN C 207 41.37 13.12 -7.24
CA ASN C 207 40.39 13.06 -6.15
C ASN C 207 41.19 12.89 -4.84
N LYS C 208 41.52 13.96 -4.10
CA LYS C 208 41.14 15.34 -4.42
C LYS C 208 42.09 15.95 -5.47
N ALA C 209 41.63 17.03 -6.13
CA ALA C 209 42.37 17.64 -7.24
C ALA C 209 43.59 18.42 -6.75
N GLU C 210 44.71 18.27 -7.47
CA GLU C 210 45.98 18.90 -7.15
C GLU C 210 46.44 19.68 -8.39
N PRO C 211 47.24 20.74 -8.20
CA PRO C 211 47.73 21.50 -9.34
C PRO C 211 48.85 20.79 -10.12
N HIS C 212 48.84 20.97 -11.45
CA HIS C 212 49.76 20.30 -12.37
C HIS C 212 50.25 21.19 -13.50
N GLY C 213 50.59 22.43 -13.15
CA GLY C 213 51.21 23.36 -14.07
C GLY C 213 50.26 24.36 -14.67
N ILE C 214 50.85 25.24 -15.47
CA ILE C 214 50.09 26.24 -16.28
C ILE C 214 49.44 25.56 -17.47
N ASN C 215 48.22 25.99 -17.79
CA ASN C 215 47.50 25.55 -18.99
C ASN C 215 48.07 26.18 -20.25
N VAL C 216 49.30 25.79 -20.60
CA VAL C 216 49.98 26.40 -21.71
C VAL C 216 49.26 26.25 -23.05
N GLU C 217 48.75 25.06 -23.34
CA GLU C 217 48.15 24.86 -24.64
C GLU C 217 46.91 25.72 -24.77
N GLY C 218 46.14 25.81 -23.69
CA GLY C 218 44.96 26.67 -23.65
C GLY C 218 45.28 28.14 -23.90
N LEU C 219 46.30 28.63 -23.21
CA LEU C 219 46.70 30.02 -23.35
C LEU C 219 47.19 30.32 -24.75
N ARG C 220 47.94 29.40 -25.35
CA ARG C 220 48.42 29.61 -26.72
C ARG C 220 47.28 29.77 -27.72
N ARG C 221 46.32 28.87 -27.63
CA ARG C 221 45.15 28.89 -28.50
C ARG C 221 44.32 30.15 -28.36
N ARG C 222 44.39 30.76 -27.18
CA ARG C 222 43.62 31.95 -26.91
C ARG C 222 44.38 33.26 -27.11
N GLY C 223 45.60 33.19 -27.62
CA GLY C 223 46.30 34.39 -28.00
C GLY C 223 47.28 34.97 -27.01
N PHE C 224 47.55 34.30 -25.90
CA PHE C 224 48.55 34.78 -24.95
C PHE C 224 49.92 34.69 -25.61
N SER C 225 50.75 35.71 -25.38
CA SER C 225 52.06 35.78 -26.01
C SER C 225 53.05 34.83 -25.31
N PRO C 226 54.15 34.49 -25.98
CA PRO C 226 55.17 33.67 -25.31
C PRO C 226 55.74 34.30 -24.04
N ASP C 227 55.91 35.62 -24.03
CA ASP C 227 56.40 36.31 -22.84
C ASP C 227 55.39 36.23 -21.68
N ALA C 228 54.11 36.39 -22.00
CA ALA C 228 53.07 36.25 -20.97
C ALA C 228 53.04 34.82 -20.39
N ILE C 229 53.19 33.82 -21.26
CA ILE C 229 53.22 32.43 -20.81
C ILE C 229 54.44 32.18 -19.90
N SER C 230 55.59 32.69 -20.28
CA SER C 230 56.80 32.52 -19.45
CA SER C 230 56.81 32.55 -19.47
C SER C 230 56.65 33.20 -18.09
N ALA C 231 56.01 34.36 -18.07
CA ALA C 231 55.71 35.05 -16.80
C ALA C 231 54.83 34.18 -15.92
N LEU C 232 53.81 33.58 -16.52
CA LEU C 232 52.89 32.77 -15.74
C LEU C 232 53.59 31.49 -15.22
N ARG C 233 54.47 30.91 -16.02
CA ARG C 233 55.26 29.76 -15.55
C ARG C 233 56.15 30.15 -14.37
N SER C 234 56.77 31.32 -14.47
CA SER C 234 57.55 31.87 -13.35
CA SER C 234 57.56 31.84 -13.35
C SER C 234 56.68 32.07 -12.12
N ALA C 235 55.49 32.65 -12.33
CA ALA C 235 54.51 32.84 -11.26
C ALA C 235 54.10 31.52 -10.61
N TYR C 236 53.90 30.48 -11.43
CA TYR C 236 53.53 29.16 -10.94
C TYR C 236 54.61 28.62 -9.97
N ARG C 237 55.86 28.75 -10.38
CA ARG C 237 56.98 28.27 -9.54
C ARG C 237 57.03 29.02 -8.22
N ILE C 238 56.84 30.34 -8.27
CA ILE C 238 56.82 31.19 -7.06
C ILE C 238 55.74 30.73 -6.06
N LEU C 239 54.54 30.46 -6.58
CA LEU C 239 53.41 30.05 -5.78
C LEU C 239 53.61 28.64 -5.18
N TYR C 240 54.09 27.70 -5.97
CA TYR C 240 54.01 26.28 -5.64
C TYR C 240 55.33 25.49 -5.49
N LYS C 241 56.40 25.97 -6.09
CA LYS C 241 57.61 25.17 -6.29
C LYS C 241 58.86 25.70 -5.59
N ASN C 242 58.78 26.88 -5.00
CA ASN C 242 59.96 27.54 -4.48
C ASN C 242 60.01 27.58 -2.95
N SER C 243 59.21 26.72 -2.31
CA SER C 243 59.15 26.58 -0.84
C SER C 243 58.81 27.86 -0.08
N LEU C 244 58.05 28.75 -0.71
CA LEU C 244 57.66 30.00 -0.10
C LEU C 244 56.39 29.81 0.71
N SER C 245 56.27 30.51 1.83
CA SER C 245 54.98 30.66 2.50
C SER C 245 54.03 31.37 1.53
N LEU C 246 52.74 31.30 1.84
CA LEU C 246 51.72 32.02 1.08
C LEU C 246 51.99 33.54 1.09
N GLU C 247 52.35 34.07 2.27
CA GLU C 247 52.59 35.51 2.41
C GLU C 247 53.78 35.98 1.57
N GLU C 248 54.84 35.16 1.55
CA GLU C 248 56.03 35.44 0.75
C GLU C 248 55.73 35.34 -0.73
N ALA C 249 54.92 34.34 -1.09
CA ALA C 249 54.61 34.08 -2.51
C ALA C 249 53.82 35.26 -3.01
N LYS C 250 52.89 35.76 -2.19
CA LYS C 250 52.05 36.90 -2.57
C LYS C 250 52.87 38.15 -2.82
N VAL C 251 53.84 38.43 -1.95
CA VAL C 251 54.73 39.59 -2.15
C VAL C 251 55.53 39.45 -3.44
N GLN C 252 56.09 38.26 -3.69
CA GLN C 252 56.89 38.02 -4.90
C GLN C 252 56.05 38.06 -6.18
N LEU C 253 54.85 37.51 -6.13
CA LEU C 253 53.92 37.65 -7.26
C LEU C 253 53.58 39.12 -7.51
N SER C 254 53.31 39.90 -6.45
CA SER C 254 53.02 41.31 -6.59
C SER C 254 54.20 42.06 -7.23
N GLU C 255 55.43 41.72 -6.83
CA GLU C 255 56.63 42.35 -7.39
C GLU C 255 56.77 42.00 -8.89
N LEU C 256 56.45 40.78 -9.26
CA LEU C 256 56.45 40.40 -10.70
C LEU C 256 55.38 41.19 -11.47
N ALA C 257 54.16 41.20 -10.95
CA ALA C 257 53.09 42.06 -11.50
C ALA C 257 53.46 43.55 -11.66
N GLN C 258 54.32 44.10 -10.80
CA GLN C 258 54.74 45.52 -10.88
C GLN C 258 55.92 45.76 -11.82
N ALA C 259 56.55 44.69 -12.30
CA ALA C 259 57.79 44.85 -13.05
C ALA C 259 57.59 45.33 -14.50
N GLY C 260 56.35 45.43 -14.97
CA GLY C 260 56.07 46.07 -16.28
C GLY C 260 56.30 45.22 -17.53
N GLY C 261 56.43 43.90 -17.37
CA GLY C 261 56.59 43.04 -18.55
C GLY C 261 55.28 42.59 -19.16
N ASP C 262 55.37 42.05 -20.36
CA ASP C 262 54.26 41.37 -20.98
C ASP C 262 53.89 40.21 -20.05
N GLY C 263 52.61 40.07 -19.72
CA GLY C 263 52.18 39.08 -18.70
C GLY C 263 51.90 39.67 -17.32
N ASP C 264 52.27 40.94 -17.12
CA ASP C 264 52.05 41.58 -15.83
C ASP C 264 50.60 41.59 -15.37
N ALA C 265 49.66 41.87 -16.28
CA ALA C 265 48.23 41.87 -15.94
C ALA C 265 47.72 40.48 -15.51
N ALA C 266 48.21 39.45 -16.18
CA ALA C 266 47.89 38.05 -15.92
C ALA C 266 48.40 37.64 -14.55
N VAL C 267 49.65 38.01 -14.25
CA VAL C 267 50.20 37.72 -12.92
C VAL C 267 49.39 38.47 -11.86
N LYS C 268 49.00 39.73 -12.12
CA LYS C 268 48.17 40.49 -11.18
C LYS C 268 46.85 39.78 -10.90
N ALA C 269 46.18 39.33 -11.97
CA ALA C 269 44.96 38.53 -11.82
C ALA C 269 45.17 37.29 -10.92
N LEU C 270 46.29 36.62 -11.10
CA LEU C 270 46.63 35.47 -10.29
C LEU C 270 46.72 35.85 -8.79
N VAL C 271 47.50 36.86 -8.47
CA VAL C 271 47.71 37.18 -7.05
C VAL C 271 46.44 37.74 -6.42
N ASP C 272 45.67 38.52 -7.17
CA ASP C 272 44.36 39.01 -6.68
C ASP C 272 43.42 37.84 -6.38
N PHE C 273 43.46 36.80 -7.22
CA PHE C 273 42.69 35.59 -6.97
C PHE C 273 43.16 34.87 -5.70
N VAL C 274 44.48 34.66 -5.58
CA VAL C 274 45.01 33.97 -4.43
C VAL C 274 44.71 34.78 -3.17
N GLU C 275 44.82 36.11 -3.23
CA GLU C 275 44.56 36.98 -2.06
C GLU C 275 43.10 36.97 -1.59
N SER C 276 42.19 36.76 -2.52
CA SER C 276 40.75 36.76 -2.22
C SER C 276 40.14 35.38 -1.93
N SER C 277 40.97 34.34 -1.90
CA SER C 277 40.44 32.99 -1.69
C SER C 277 39.91 32.84 -0.27
N GLN C 278 38.74 32.26 -0.13
CA GLN C 278 38.13 31.96 1.18
C GLN C 278 38.40 30.51 1.61
N ARG C 279 38.30 29.58 0.68
CA ARG C 279 38.55 28.17 0.95
C ARG C 279 40.01 27.78 0.83
N GLY C 280 40.79 28.71 0.26
CA GLY C 280 42.19 28.49 -0.02
C GLY C 280 42.33 27.84 -1.38
N ILE C 281 43.56 27.83 -1.85
CA ILE C 281 43.88 27.24 -3.13
C ILE C 281 44.33 25.78 -3.03
N ILE C 282 44.08 25.03 -4.10
CA ILE C 282 44.57 23.68 -4.17
C ILE C 282 46.10 23.67 -4.04
N ARG C 283 46.63 22.63 -3.41
CA ARG C 283 48.08 22.48 -3.35
C ARG C 283 48.45 20.99 -3.52
N SER D 23 6.51 -3.21 24.44
CA SER D 23 7.03 -2.98 23.06
C SER D 23 5.83 -2.76 22.14
N ARG D 24 6.04 -2.06 21.03
CA ARG D 24 4.89 -1.67 20.18
C ARG D 24 4.19 -2.87 19.55
N ILE D 25 4.97 -3.87 19.12
CA ILE D 25 4.46 -5.13 18.61
C ILE D 25 4.54 -6.20 19.71
N HIS D 26 3.40 -6.75 20.12
CA HIS D 26 3.39 -7.71 21.20
C HIS D 26 4.19 -8.91 20.80
N PRO D 27 4.93 -9.49 21.74
CA PRO D 27 5.75 -10.67 21.36
C PRO D 27 4.98 -11.85 20.76
N THR D 28 3.69 -11.97 21.05
CA THR D 28 2.87 -13.07 20.51
C THR D 28 2.25 -12.71 19.16
N ALA D 29 2.41 -11.47 18.70
CA ALA D 29 1.88 -11.07 17.36
C ALA D 29 2.76 -11.75 16.32
N ILE D 30 2.18 -12.15 15.18
CA ILE D 30 2.94 -12.73 14.10
C ILE D 30 2.94 -11.71 12.96
N ILE D 31 4.08 -11.11 12.68
CA ILE D 31 4.22 -10.22 11.56
C ILE D 31 4.94 -11.00 10.46
N GLU D 32 4.22 -11.36 9.39
CA GLU D 32 4.80 -12.25 8.37
C GLU D 32 5.87 -11.50 7.60
N PRO D 33 6.99 -12.17 7.27
CA PRO D 33 7.99 -11.53 6.42
C PRO D 33 7.39 -10.91 5.18
N GLY D 34 7.69 -9.64 4.94
CA GLY D 34 7.10 -8.92 3.81
C GLY D 34 6.14 -7.83 4.27
N ALA D 35 5.50 -8.03 5.41
CA ALA D 35 4.64 -6.96 5.96
C ALA D 35 5.45 -5.71 6.24
N GLN D 36 4.90 -4.54 5.89
CA GLN D 36 5.61 -3.27 6.10
C GLN D 36 4.85 -2.38 7.04
N LEU D 37 5.31 -2.33 8.28
CA LEU D 37 4.67 -1.51 9.28
C LEU D 37 5.55 -0.32 9.62
N HIS D 38 4.95 0.85 9.68
CA HIS D 38 5.64 2.05 10.22
C HIS D 38 6.12 1.74 11.63
N GLU D 39 7.24 2.36 12.02
CA GLU D 39 7.79 2.13 13.36
C GLU D 39 6.87 2.47 14.53
N THR D 40 5.86 3.32 14.29
CA THR D 40 4.93 3.75 15.34
C THR D 40 3.67 2.85 15.40
N VAL D 41 3.53 1.91 14.48
CA VAL D 41 2.38 0.97 14.48
C VAL D 41 2.42 0.06 15.73
N GLU D 42 1.28 -0.10 16.40
CA GLU D 42 1.17 -0.98 17.57
C GLU D 42 0.33 -2.16 17.17
N VAL D 43 0.78 -3.35 17.57
CA VAL D 43 0.03 -4.59 17.31
C VAL D 43 -0.13 -5.40 18.60
N GLY D 44 -1.37 -5.75 18.93
CA GLY D 44 -1.69 -6.41 20.20
C GLY D 44 -1.45 -7.91 20.17
N PRO D 45 -1.65 -8.57 21.34
CA PRO D 45 -1.35 -9.97 21.43
C PRO D 45 -2.15 -10.83 20.45
N TYR D 46 -1.49 -11.85 19.90
CA TYR D 46 -2.12 -12.91 19.11
C TYR D 46 -2.70 -12.36 17.79
N ALA D 47 -2.28 -11.16 17.37
CA ALA D 47 -2.71 -10.62 16.08
C ALA D 47 -1.73 -11.09 15.02
N ILE D 48 -2.21 -11.15 13.77
CA ILE D 48 -1.40 -11.58 12.64
C ILE D 48 -1.50 -10.51 11.56
N VAL D 49 -0.33 -10.19 10.99
CA VAL D 49 -0.27 -9.28 9.85
C VAL D 49 0.43 -10.01 8.70
N GLY D 50 -0.28 -10.13 7.58
CA GLY D 50 0.19 -10.89 6.43
C GLY D 50 1.27 -10.23 5.61
N SER D 51 1.94 -11.04 4.77
CA SER D 51 3.11 -10.61 4.02
C SER D 51 2.92 -9.50 2.99
N ASN D 52 1.68 -9.26 2.53
CA ASN D 52 1.41 -8.25 1.50
C ASN D 52 0.68 -7.00 2.05
N VAL D 53 0.76 -6.86 3.38
CA VAL D 53 0.15 -5.71 4.08
C VAL D 53 1.14 -4.57 4.32
N THR D 54 0.68 -3.34 4.09
CA THR D 54 1.40 -2.13 4.56
CA THR D 54 1.40 -2.18 4.50
C THR D 54 0.53 -1.37 5.50
N ILE D 55 1.12 -0.90 6.58
CA ILE D 55 0.36 -0.16 7.57
C ILE D 55 1.08 1.14 7.95
N GLY D 56 0.36 2.24 7.86
CA GLY D 56 0.93 3.57 8.06
C GLY D 56 0.99 4.03 9.51
N ALA D 57 1.67 5.16 9.70
CA ALA D 57 2.02 5.68 11.03
C ALA D 57 0.83 5.81 11.98
N ARG D 58 1.08 5.35 13.21
CA ARG D 58 0.26 5.59 14.38
C ARG D 58 -1.06 4.77 14.33
N THR D 59 -1.17 3.87 13.37
CA THR D 59 -2.25 2.87 13.39
C THR D 59 -2.02 1.81 14.48
N THR D 60 -3.13 1.46 15.15
CA THR D 60 -3.08 0.43 16.18
C THR D 60 -4.00 -0.71 15.75
N ILE D 61 -3.52 -1.92 15.99
CA ILE D 61 -4.22 -3.15 15.65
C ILE D 61 -4.45 -3.89 16.98
N GLY D 62 -5.70 -4.19 17.28
CA GLY D 62 -6.03 -4.87 18.54
C GLY D 62 -5.73 -6.36 18.59
N SER D 63 -5.87 -6.96 19.79
CA SER D 63 -5.58 -8.39 19.95
C SER D 63 -6.44 -9.30 19.04
N HIS D 64 -5.87 -10.41 18.58
CA HIS D 64 -6.59 -11.45 17.86
C HIS D 64 -7.00 -11.07 16.46
N SER D 65 -6.65 -9.88 15.97
CA SER D 65 -7.04 -9.44 14.63
C SER D 65 -6.15 -10.06 13.55
N VAL D 66 -6.69 -10.25 12.36
CA VAL D 66 -5.98 -10.87 11.24
C VAL D 66 -6.06 -9.92 10.05
N ILE D 67 -4.92 -9.33 9.70
CA ILE D 67 -4.84 -8.36 8.63
C ILE D 67 -4.10 -9.08 7.52
N GLU D 68 -4.73 -9.19 6.35
CA GLU D 68 -4.18 -10.01 5.27
C GLU D 68 -4.52 -9.43 3.91
N GLY D 69 -4.22 -10.20 2.86
CA GLY D 69 -4.47 -9.72 1.51
C GLY D 69 -3.43 -8.71 1.01
N HIS D 70 -3.62 -8.25 -0.22
CA HIS D 70 -2.85 -7.13 -0.77
C HIS D 70 -3.50 -5.85 -0.32
N THR D 71 -3.11 -5.44 0.89
CA THR D 71 -3.87 -4.47 1.68
C THR D 71 -2.99 -3.32 2.12
N THR D 72 -3.46 -2.11 1.86
CA THR D 72 -2.81 -0.87 2.28
C THR D 72 -3.66 -0.18 3.34
N ILE D 73 -3.09 0.10 4.51
CA ILE D 73 -3.81 0.76 5.59
C ILE D 73 -3.08 2.04 5.87
N GLY D 74 -3.83 3.14 6.01
CA GLY D 74 -3.24 4.44 6.28
C GLY D 74 -2.86 4.71 7.74
N GLU D 75 -2.90 5.99 8.10
CA GLU D 75 -2.38 6.48 9.38
C GLU D 75 -3.49 6.73 10.40
N ASP D 76 -3.16 6.61 11.69
CA ASP D 76 -4.07 7.00 12.77
C ASP D 76 -5.38 6.20 12.78
N ASN D 77 -5.34 4.98 12.23
CA ASN D 77 -6.47 4.03 12.34
C ASN D 77 -6.47 3.30 13.67
N ARG D 78 -7.65 3.09 14.24
CA ARG D 78 -7.82 2.33 15.45
C ARG D 78 -8.65 1.08 15.10
N ILE D 79 -7.95 -0.02 14.93
CA ILE D 79 -8.55 -1.28 14.56
C ILE D 79 -8.59 -2.15 15.81
N GLY D 80 -9.79 -2.59 16.16
CA GLY D 80 -10.04 -3.32 17.40
C GLY D 80 -9.63 -4.77 17.42
N HIS D 81 -10.27 -5.51 18.31
CA HIS D 81 -10.04 -6.95 18.43
C HIS D 81 -10.84 -7.77 17.45
N TYR D 82 -10.32 -8.95 17.10
CA TYR D 82 -11.02 -9.85 16.17
C TYR D 82 -11.47 -9.10 14.90
N ALA D 83 -10.64 -8.24 14.35
CA ALA D 83 -10.97 -7.61 13.06
C ALA D 83 -10.33 -8.41 11.92
N SER D 84 -11.15 -8.79 10.95
CA SER D 84 -10.71 -9.54 9.77
C SER D 84 -10.64 -8.54 8.64
N VAL D 85 -9.40 -8.07 8.37
CA VAL D 85 -9.20 -7.00 7.39
C VAL D 85 -8.37 -7.52 6.24
N GLY D 86 -8.95 -7.55 5.04
CA GLY D 86 -8.25 -7.99 3.86
C GLY D 86 -8.45 -9.43 3.49
N GLY D 87 -9.47 -10.05 4.08
CA GLY D 87 -9.88 -11.41 3.71
C GLY D 87 -10.33 -11.54 2.28
N ARG D 88 -10.32 -12.75 1.75
CA ARG D 88 -10.64 -12.87 0.32
C ARG D 88 -12.12 -12.74 0.06
N PRO D 89 -12.49 -12.35 -1.16
CA PRO D 89 -13.91 -12.26 -1.48
C PRO D 89 -14.70 -13.55 -1.21
N GLN D 90 -15.98 -13.35 -0.92
CA GLN D 90 -16.98 -14.40 -0.90
C GLN D 90 -17.69 -14.19 -2.25
N ASP D 91 -17.08 -14.73 -3.28
CA ASP D 91 -17.62 -14.67 -4.61
C ASP D 91 -17.19 -16.00 -5.15
N MET D 92 -18.12 -16.80 -5.64
CA MET D 92 -17.72 -18.11 -6.07
C MET D 92 -16.82 -18.08 -7.33
N LYS D 93 -16.77 -16.96 -8.02
CA LYS D 93 -15.83 -16.79 -9.15
C LYS D 93 -14.36 -16.53 -8.75
N TYR D 94 -14.12 -16.14 -7.48
CA TYR D 94 -12.74 -15.82 -7.02
C TYR D 94 -11.75 -17.01 -7.08
N LYS D 95 -10.58 -16.77 -7.70
CA LYS D 95 -9.58 -17.81 -7.89
C LYS D 95 -8.20 -17.38 -7.38
N ASP D 96 -8.18 -16.81 -6.19
CA ASP D 96 -6.95 -16.36 -5.50
C ASP D 96 -6.12 -15.29 -6.18
N GLU D 97 -6.76 -14.47 -6.99
CA GLU D 97 -6.08 -13.37 -7.63
C GLU D 97 -5.62 -12.38 -6.52
N PRO D 98 -4.51 -11.67 -6.77
CA PRO D 98 -3.98 -10.78 -5.75
C PRO D 98 -4.72 -9.42 -5.80
N THR D 99 -6.02 -9.47 -5.51
CA THR D 99 -6.84 -8.26 -5.50
C THR D 99 -6.56 -7.44 -4.23
N ARG D 100 -7.10 -6.21 -4.22
CA ARG D 100 -6.57 -5.20 -3.32
C ARG D 100 -7.64 -4.64 -2.37
N LEU D 101 -7.16 -4.13 -1.25
CA LEU D 101 -7.97 -3.34 -0.32
C LEU D 101 -7.12 -2.11 0.06
N VAL D 102 -7.72 -0.94 0.01
CA VAL D 102 -7.07 0.28 0.44
C VAL D 102 -7.96 0.99 1.43
N ILE D 103 -7.40 1.32 2.58
CA ILE D 103 -8.09 2.00 3.67
C ILE D 103 -7.26 3.26 3.94
N GLY D 104 -7.96 4.38 4.12
CA GLY D 104 -7.35 5.69 4.39
C GLY D 104 -6.97 5.88 5.86
N ASP D 105 -7.24 7.08 6.40
CA ASP D 105 -6.71 7.47 7.72
C ASP D 105 -7.82 7.68 8.73
N ARG D 106 -7.49 7.60 10.01
CA ARG D 106 -8.36 8.05 11.08
C ARG D 106 -9.73 7.30 11.14
N ASN D 107 -9.70 6.03 10.72
CA ASN D 107 -10.87 5.12 10.76
C ASN D 107 -10.86 4.40 12.07
N THR D 108 -12.06 4.20 12.65
CA THR D 108 -12.24 3.37 13.83
C THR D 108 -13.00 2.12 13.37
N ILE D 109 -12.41 0.95 13.60
CA ILE D 109 -12.98 -0.33 13.14
C ILE D 109 -13.06 -1.24 14.33
N ARG D 110 -14.27 -1.67 14.65
CA ARG D 110 -14.51 -2.42 15.89
C ARG D 110 -14.49 -3.94 15.68
N GLU D 111 -15.07 -4.67 16.64
CA GLU D 111 -14.89 -6.10 16.77
C GLU D 111 -15.76 -6.93 15.80
N PHE D 112 -15.23 -8.07 15.38
CA PHE D 112 -15.96 -9.07 14.56
C PHE D 112 -16.37 -8.46 13.22
N THR D 113 -15.50 -7.60 12.71
CA THR D 113 -15.71 -6.95 11.43
C THR D 113 -15.03 -7.73 10.31
N THR D 114 -15.57 -7.62 9.10
CA THR D 114 -14.96 -8.23 7.92
C THR D 114 -14.92 -7.21 6.79
N ILE D 115 -13.73 -7.00 6.21
CA ILE D 115 -13.55 -6.11 5.07
C ILE D 115 -12.74 -6.89 4.02
N HIS D 116 -13.33 -7.16 2.87
CA HIS D 116 -12.70 -8.04 1.85
C HIS D 116 -12.05 -7.29 0.77
N THR D 117 -11.08 -7.93 0.11
CA THR D 117 -10.44 -7.41 -1.08
C THR D 117 -11.41 -7.51 -2.28
N GLY D 118 -11.00 -6.97 -3.42
CA GLY D 118 -11.85 -6.93 -4.59
C GLY D 118 -11.81 -8.18 -5.46
N THR D 119 -12.48 -8.09 -6.63
CA THR D 119 -12.51 -9.17 -7.59
C THR D 119 -12.05 -8.69 -8.97
N VAL D 120 -11.49 -9.60 -9.76
CA VAL D 120 -10.95 -9.17 -11.05
C VAL D 120 -12.09 -8.97 -12.03
N GLN D 121 -13.26 -9.57 -11.80
CA GLN D 121 -14.39 -9.33 -12.67
C GLN D 121 -14.91 -7.91 -12.56
N ASP D 122 -14.65 -7.22 -11.43
CA ASP D 122 -15.07 -5.83 -11.25
C ASP D 122 -13.90 -4.85 -11.50
N ALA D 123 -13.38 -4.16 -10.49
CA ALA D 123 -12.18 -3.33 -10.73
C ALA D 123 -11.02 -3.74 -9.85
N GLY D 124 -11.11 -4.92 -9.20
CA GLY D 124 -9.99 -5.46 -8.49
C GLY D 124 -9.68 -4.87 -7.11
N VAL D 125 -10.49 -3.97 -6.61
CA VAL D 125 -10.17 -3.28 -5.37
C VAL D 125 -11.38 -2.90 -4.52
N THR D 126 -11.24 -3.05 -3.21
CA THR D 126 -12.18 -2.52 -2.23
C THR D 126 -11.54 -1.27 -1.60
N THR D 127 -12.29 -0.20 -1.45
CA THR D 127 -11.73 1.02 -0.87
C THR D 127 -12.60 1.56 0.28
N LEU D 128 -11.89 2.09 1.27
CA LEU D 128 -12.49 2.83 2.37
CA LEU D 128 -12.46 2.86 2.38
C LEU D 128 -11.65 4.12 2.52
N GLY D 129 -12.33 5.25 2.69
CA GLY D 129 -11.69 6.52 2.82
C GLY D 129 -11.19 6.84 4.22
N ASP D 130 -11.49 8.06 4.66
CA ASP D 130 -10.98 8.58 5.94
C ASP D 130 -12.09 8.88 6.94
N ASP D 131 -11.73 8.88 8.22
CA ASP D 131 -12.61 9.41 9.27
C ASP D 131 -13.93 8.63 9.36
N ASN D 132 -13.87 7.34 9.06
CA ASN D 132 -15.06 6.47 9.13
C ASN D 132 -15.18 5.80 10.51
N TRP D 133 -16.42 5.40 10.87
CA TRP D 133 -16.76 4.77 12.13
C TRP D 133 -17.46 3.47 11.79
N ILE D 134 -16.73 2.38 11.95
CA ILE D 134 -17.14 1.04 11.52
CA ILE D 134 -17.17 1.06 11.55
C ILE D 134 -17.35 0.23 12.80
N MET D 135 -18.62 -0.02 13.15
CA MET D 135 -18.95 -0.65 14.43
C MET D 135 -18.85 -2.17 14.34
N ALA D 136 -19.12 -2.82 15.46
CA ALA D 136 -18.95 -4.27 15.55
C ALA D 136 -19.88 -5.00 14.57
N TYR D 137 -19.44 -6.17 14.10
CA TYR D 137 -20.19 -7.05 13.18
C TYR D 137 -20.40 -6.47 11.79
N VAL D 138 -19.78 -5.33 11.44
CA VAL D 138 -19.98 -4.76 10.12
C VAL D 138 -19.22 -5.60 9.09
N HIS D 139 -19.87 -5.81 7.94
CA HIS D 139 -19.33 -6.56 6.83
C HIS D 139 -19.30 -5.68 5.57
N ILE D 140 -18.11 -5.55 4.99
CA ILE D 140 -17.91 -4.78 3.75
C ILE D 140 -17.43 -5.78 2.72
N GLY D 141 -18.31 -6.13 1.81
CA GLY D 141 -18.07 -7.10 0.77
C GLY D 141 -17.10 -6.64 -0.30
N HIS D 142 -16.62 -7.61 -1.08
CA HIS D 142 -15.75 -7.32 -2.19
C HIS D 142 -16.21 -6.21 -3.09
N ASP D 143 -15.26 -5.34 -3.47
CA ASP D 143 -15.44 -4.27 -4.47
C ASP D 143 -16.27 -3.07 -3.98
N CYS D 144 -16.60 -3.03 -2.70
CA CYS D 144 -17.27 -1.83 -2.13
C CYS D 144 -16.34 -0.64 -2.22
N ARG D 145 -16.94 0.55 -2.35
CA ARG D 145 -16.20 1.81 -2.34
C ARG D 145 -16.89 2.71 -1.34
N VAL D 146 -16.30 2.82 -0.18
CA VAL D 146 -16.84 3.57 0.97
C VAL D 146 -16.02 4.85 1.08
N GLY D 147 -16.71 5.99 1.17
CA GLY D 147 -16.04 7.28 1.19
C GLY D 147 -15.47 7.64 2.55
N SER D 148 -15.77 8.85 3.02
CA SER D 148 -15.22 9.42 4.23
C SER D 148 -16.34 9.93 5.17
N HIS D 149 -16.06 9.96 6.49
CA HIS D 149 -17.04 10.43 7.48
C HIS D 149 -18.31 9.58 7.51
N VAL D 150 -18.21 8.33 7.12
CA VAL D 150 -19.38 7.41 7.09
C VAL D 150 -19.47 6.68 8.40
N VAL D 151 -20.69 6.45 8.85
CA VAL D 151 -20.96 5.64 10.03
C VAL D 151 -21.69 4.37 9.56
N LEU D 152 -21.10 3.22 9.86
CA LEU D 152 -21.69 1.93 9.68
C LEU D 152 -21.93 1.32 11.06
N SER D 153 -23.21 1.30 11.45
CA SER D 153 -23.63 0.89 12.78
C SER D 153 -23.59 -0.63 12.94
N SER D 154 -23.73 -1.11 14.17
CA SER D 154 -23.46 -2.55 14.42
C SER D 154 -24.22 -3.48 13.51
N ASN D 155 -23.50 -4.43 12.92
CA ASN D 155 -24.12 -5.48 12.12
C ASN D 155 -24.75 -4.98 10.80
N ALA D 156 -24.34 -3.78 10.35
CA ALA D 156 -24.64 -3.29 8.99
C ALA D 156 -23.78 -4.11 8.01
N GLN D 157 -24.43 -4.73 7.02
CA GLN D 157 -23.69 -5.62 6.11
C GLN D 157 -23.99 -5.29 4.66
N MET D 158 -22.93 -5.06 3.91
CA MET D 158 -22.97 -4.64 2.48
C MET D 158 -22.45 -5.78 1.64
N ALA D 159 -23.21 -6.16 0.63
CA ALA D 159 -22.77 -7.16 -0.32
C ALA D 159 -21.79 -6.54 -1.31
N GLY D 160 -21.54 -7.21 -2.42
CA GLY D 160 -20.50 -6.75 -3.35
C GLY D 160 -20.84 -5.41 -4.01
N HIS D 161 -19.79 -4.62 -4.28
CA HIS D 161 -19.88 -3.50 -5.18
C HIS D 161 -20.83 -2.43 -4.67
N VAL D 162 -21.00 -2.26 -3.37
CA VAL D 162 -21.83 -1.17 -2.82
C VAL D 162 -20.99 0.10 -2.75
N GLU D 163 -21.55 1.22 -3.18
CA GLU D 163 -20.87 2.52 -3.06
C GLU D 163 -21.60 3.33 -2.00
N ILE D 164 -20.80 3.90 -1.10
CA ILE D 164 -21.32 4.68 0.04
C ILE D 164 -20.63 6.05 0.00
N GLY D 165 -21.44 7.07 -0.22
CA GLY D 165 -21.00 8.43 -0.25
C GLY D 165 -20.62 9.01 1.10
N ASP D 166 -19.88 10.12 1.03
CA ASP D 166 -19.37 10.78 2.22
C ASP D 166 -20.50 11.17 3.19
N TRP D 167 -20.22 11.03 4.48
CA TRP D 167 -21.17 11.39 5.56
C TRP D 167 -22.42 10.53 5.67
N ALA D 168 -22.57 9.50 4.85
CA ALA D 168 -23.71 8.56 4.97
C ALA D 168 -23.68 7.82 6.30
N ILE D 169 -24.87 7.53 6.83
CA ILE D 169 -25.08 6.74 8.04
C ILE D 169 -25.92 5.52 7.69
N VAL D 170 -25.43 4.35 8.05
CA VAL D 170 -26.16 3.10 7.87
C VAL D 170 -26.47 2.53 9.24
N GLY D 171 -27.77 2.35 9.53
CA GLY D 171 -28.20 1.87 10.85
C GLY D 171 -27.89 0.41 11.10
N GLY D 172 -28.00 0.01 12.38
CA GLY D 172 -27.59 -1.35 12.78
C GLY D 172 -28.54 -2.40 12.27
N MET D 173 -27.99 -3.62 12.07
CA MET D 173 -28.75 -4.76 11.60
C MET D 173 -29.41 -4.53 10.22
N SER D 174 -28.77 -3.74 9.37
CA SER D 174 -29.29 -3.41 8.08
C SER D 174 -28.43 -4.14 7.03
N GLY D 175 -29.08 -4.54 5.93
CA GLY D 175 -28.45 -5.22 4.84
C GLY D 175 -28.59 -4.44 3.52
N VAL D 176 -27.49 -4.39 2.72
CA VAL D 176 -27.51 -3.63 1.49
C VAL D 176 -27.17 -4.53 0.32
N HIS D 177 -28.08 -4.57 -0.65
CA HIS D 177 -27.98 -5.44 -1.82
C HIS D 177 -26.78 -5.05 -2.68
N GLN D 178 -26.16 -6.04 -3.34
CA GLN D 178 -25.05 -5.75 -4.22
C GLN D 178 -25.43 -4.70 -5.30
N TYR D 179 -24.42 -3.90 -5.66
CA TYR D 179 -24.52 -2.83 -6.66
C TYR D 179 -25.38 -1.63 -6.21
N VAL D 180 -25.87 -1.61 -4.99
CA VAL D 180 -26.60 -0.41 -4.51
C VAL D 180 -25.65 0.73 -4.26
N ARG D 181 -26.11 1.95 -4.51
CA ARG D 181 -25.37 3.15 -4.19
C ARG D 181 -26.12 3.90 -3.08
N ILE D 182 -25.38 4.31 -2.06
CA ILE D 182 -25.91 5.08 -0.93
C ILE D 182 -25.35 6.49 -1.09
N GLY D 183 -26.24 7.47 -1.29
CA GLY D 183 -25.79 8.83 -1.52
C GLY D 183 -25.14 9.51 -0.33
N ALA D 184 -24.28 10.48 -0.64
CA ALA D 184 -23.65 11.32 0.35
C ALA D 184 -24.68 11.93 1.29
N HIS D 185 -24.40 11.98 2.59
CA HIS D 185 -25.30 12.63 3.58
C HIS D 185 -26.65 11.97 3.74
N SER D 186 -26.83 10.78 3.19
CA SER D 186 -28.05 10.00 3.40
C SER D 186 -28.04 9.24 4.73
N MET D 187 -29.18 8.66 5.12
CA MET D 187 -29.26 7.82 6.32
C MET D 187 -30.20 6.66 6.06
N LEU D 188 -29.71 5.46 6.34
CA LEU D 188 -30.53 4.25 6.32
C LEU D 188 -30.85 3.89 7.76
N GLY D 189 -32.13 3.81 8.12
CA GLY D 189 -32.51 3.48 9.48
C GLY D 189 -32.12 2.05 9.84
N GLY D 190 -32.12 1.72 11.11
CA GLY D 190 -31.78 0.36 11.55
C GLY D 190 -32.79 -0.67 11.09
N ALA D 191 -32.33 -1.90 10.98
CA ALA D 191 -33.16 -3.05 10.68
C ALA D 191 -33.85 -2.86 9.33
N SER D 192 -33.10 -2.32 8.37
CA SER D 192 -33.59 -2.07 7.04
C SER D 192 -32.88 -2.95 6.02
N ALA D 193 -33.61 -3.22 4.95
CA ALA D 193 -33.11 -4.00 3.84
C ALA D 193 -33.19 -3.11 2.60
N LEU D 194 -32.03 -2.70 2.11
CA LEU D 194 -31.92 -1.73 1.02
C LEU D 194 -31.61 -2.42 -0.30
N VAL D 195 -32.54 -2.36 -1.25
CA VAL D 195 -32.35 -3.03 -2.55
C VAL D 195 -32.22 -2.08 -3.76
N GLN D 196 -32.40 -0.78 -3.53
CA GLN D 196 -32.23 0.25 -4.55
C GLN D 196 -31.47 1.43 -3.96
N ASP D 197 -31.07 2.39 -4.80
CA ASP D 197 -30.21 3.48 -4.39
C ASP D 197 -30.95 4.45 -3.44
N ILE D 198 -30.21 4.94 -2.43
CA ILE D 198 -30.71 6.05 -1.60
C ILE D 198 -30.09 7.31 -2.16
N PRO D 199 -30.94 8.27 -2.60
CA PRO D 199 -30.38 9.53 -3.09
C PRO D 199 -29.64 10.31 -2.01
N PRO D 200 -28.67 11.13 -2.39
CA PRO D 200 -27.98 11.87 -1.35
C PRO D 200 -28.97 12.70 -0.57
N PHE D 201 -28.65 12.95 0.70
CA PHE D 201 -29.45 13.80 1.60
C PHE D 201 -30.76 13.20 2.09
N VAL D 202 -31.08 11.99 1.70
CA VAL D 202 -32.37 11.34 2.01
C VAL D 202 -32.27 10.33 3.14
N ILE D 203 -33.31 10.31 3.97
CA ILE D 203 -33.51 9.31 5.01
C ILE D 203 -34.35 8.19 4.41
N ALA D 204 -33.92 6.95 4.64
CA ALA D 204 -34.70 5.77 4.22
C ALA D 204 -34.80 4.77 5.35
N ALA D 205 -35.89 4.00 5.41
CA ALA D 205 -35.99 2.94 6.39
C ALA D 205 -37.05 1.92 6.00
N GLY D 206 -36.91 0.72 6.57
CA GLY D 206 -37.81 -0.42 6.36
C GLY D 206 -37.26 -1.64 5.68
N ASN D 207 -38.07 -2.70 5.62
CA ASN D 207 -37.72 -3.91 4.86
C ASN D 207 -38.89 -4.21 3.92
N LYS D 208 -38.81 -3.82 2.63
CA LYS D 208 -37.66 -3.09 2.02
C LYS D 208 -37.66 -1.58 2.34
N ALA D 209 -36.50 -0.93 2.26
CA ALA D 209 -36.32 0.45 2.66
C ALA D 209 -37.03 1.38 1.68
N GLU D 210 -37.76 2.34 2.24
CA GLU D 210 -38.50 3.38 1.51
C GLU D 210 -38.05 4.77 2.00
N PRO D 211 -38.21 5.79 1.15
CA PRO D 211 -37.77 7.12 1.53
C PRO D 211 -38.73 7.78 2.53
N HIS D 212 -38.16 8.57 3.44
CA HIS D 212 -38.88 9.26 4.53
C HIS D 212 -38.27 10.63 4.82
N GLY D 213 -37.96 11.38 3.80
CA GLY D 213 -37.72 12.81 3.93
C GLY D 213 -36.25 13.11 3.78
N ILE D 214 -35.93 14.39 3.96
CA ILE D 214 -34.54 14.87 3.95
C ILE D 214 -33.93 14.64 5.34
N ASN D 215 -32.64 14.30 5.35
CA ASN D 215 -31.84 14.15 6.56
C ASN D 215 -31.51 15.52 7.17
N VAL D 216 -32.53 16.21 7.65
CA VAL D 216 -32.39 17.55 8.16
C VAL D 216 -31.41 17.68 9.33
N GLU D 217 -31.49 16.75 10.27
CA GLU D 217 -30.62 16.85 11.45
C GLU D 217 -29.16 16.69 11.09
N GLY D 218 -28.86 15.77 10.19
CA GLY D 218 -27.48 15.58 9.68
C GLY D 218 -26.95 16.81 8.95
N LEU D 219 -27.77 17.38 8.08
CA LEU D 219 -27.37 18.55 7.33
C LEU D 219 -27.15 19.75 8.26
N ARG D 220 -28.00 19.91 9.27
CA ARG D 220 -27.79 21.00 10.25
C ARG D 220 -26.47 20.88 10.95
N ARG D 221 -26.17 19.68 11.43
CA ARG D 221 -24.94 19.40 12.20
C ARG D 221 -23.69 19.59 11.37
N ARG D 222 -23.82 19.47 10.04
CA ARG D 222 -22.71 19.58 9.14
C ARG D 222 -22.57 20.94 8.49
N GLY D 223 -23.41 21.89 8.91
CA GLY D 223 -23.26 23.29 8.50
C GLY D 223 -24.02 23.76 7.28
N PHE D 224 -24.97 22.97 6.79
CA PHE D 224 -25.78 23.39 5.65
C PHE D 224 -26.72 24.49 6.14
N SER D 225 -26.94 25.50 5.30
CA SER D 225 -27.77 26.62 5.66
C SER D 225 -29.26 26.26 5.61
N PRO D 226 -30.11 27.07 6.29
CA PRO D 226 -31.55 26.84 6.19
C PRO D 226 -32.02 26.89 4.72
N ASP D 227 -31.48 27.82 3.95
CA ASP D 227 -31.89 27.92 2.51
C ASP D 227 -31.52 26.67 1.72
N ALA D 228 -30.33 26.11 1.97
CA ALA D 228 -29.89 24.89 1.29
C ALA D 228 -30.81 23.72 1.70
N ILE D 229 -31.10 23.60 2.99
CA ILE D 229 -31.96 22.49 3.47
C ILE D 229 -33.38 22.66 2.88
N SER D 230 -33.88 23.90 2.83
CA SER D 230 -35.21 24.16 2.26
C SER D 230 -35.32 23.82 0.77
N ALA D 231 -34.25 24.09 0.00
CA ALA D 231 -34.15 23.70 -1.42
C ALA D 231 -34.21 22.17 -1.54
N LEU D 232 -33.55 21.46 -0.63
CA LEU D 232 -33.57 20.03 -0.63
C LEU D 232 -34.94 19.49 -0.20
N ARG D 233 -35.62 20.14 0.73
CA ARG D 233 -36.99 19.69 1.04
C ARG D 233 -37.89 19.82 -0.23
N SER D 234 -37.71 20.89 -0.96
CA SER D 234 -38.47 21.08 -2.18
CA SER D 234 -38.45 21.12 -2.20
C SER D 234 -38.14 20.01 -3.21
N ALA D 235 -36.83 19.69 -3.31
CA ALA D 235 -36.32 18.66 -4.19
C ALA D 235 -36.95 17.32 -3.87
N TYR D 236 -37.04 17.01 -2.58
CA TYR D 236 -37.67 15.78 -2.11
C TYR D 236 -39.13 15.70 -2.54
N ARG D 237 -39.90 16.78 -2.37
CA ARG D 237 -41.30 16.77 -2.81
C ARG D 237 -41.41 16.60 -4.33
N ILE D 238 -40.58 17.32 -5.09
CA ILE D 238 -40.50 17.14 -6.55
C ILE D 238 -40.27 15.67 -6.96
N LEU D 239 -39.32 15.04 -6.30
CA LEU D 239 -38.95 13.68 -6.63
C LEU D 239 -40.04 12.68 -6.19
N TYR D 240 -40.62 12.87 -5.02
CA TYR D 240 -41.40 11.81 -4.41
C TYR D 240 -42.85 12.11 -4.07
N LYS D 241 -43.23 13.35 -3.90
CA LYS D 241 -44.53 13.66 -3.30
C LYS D 241 -45.47 14.38 -4.23
N ASN D 242 -44.98 14.73 -5.41
CA ASN D 242 -45.71 15.61 -6.31
C ASN D 242 -46.35 14.87 -7.50
N SER D 243 -46.42 13.53 -7.39
CA SER D 243 -46.97 12.68 -8.43
C SER D 243 -46.35 12.91 -9.83
N LEU D 244 -45.07 13.29 -9.86
CA LEU D 244 -44.35 13.44 -11.13
C LEU D 244 -43.69 12.12 -11.54
N SER D 245 -43.70 11.84 -12.83
CA SER D 245 -42.87 10.76 -13.35
C SER D 245 -41.41 11.14 -13.10
N LEU D 246 -40.53 10.16 -13.19
CA LEU D 246 -39.11 10.44 -13.04
C LEU D 246 -38.60 11.47 -14.05
N GLU D 247 -39.02 11.34 -15.30
CA GLU D 247 -38.64 12.28 -16.36
CA GLU D 247 -38.57 12.29 -16.31
C GLU D 247 -39.10 13.70 -15.99
N GLU D 248 -40.35 13.79 -15.54
CA GLU D 248 -40.93 15.09 -15.14
C GLU D 248 -40.15 15.71 -13.96
N ALA D 249 -39.83 14.86 -12.99
CA ALA D 249 -39.06 15.22 -11.78
C ALA D 249 -37.66 15.70 -12.13
N LYS D 250 -37.00 15.03 -13.09
CA LYS D 250 -35.66 15.48 -13.49
C LYS D 250 -35.67 16.88 -14.10
N VAL D 251 -36.67 17.19 -14.91
CA VAL D 251 -36.76 18.52 -15.48
C VAL D 251 -36.87 19.57 -14.37
N GLN D 252 -37.77 19.35 -13.41
CA GLN D 252 -37.93 20.34 -12.34
C GLN D 252 -36.73 20.43 -11.40
N LEU D 253 -36.11 19.29 -11.11
CA LEU D 253 -34.86 19.30 -10.31
C LEU D 253 -33.78 20.07 -11.02
N SER D 254 -33.63 19.89 -12.32
CA SER D 254 -32.60 20.69 -13.03
C SER D 254 -32.89 22.19 -13.01
N GLU D 255 -34.15 22.57 -13.05
CA GLU D 255 -34.52 23.98 -12.91
C GLU D 255 -34.17 24.47 -11.51
N LEU D 256 -34.52 23.67 -10.49
CA LEU D 256 -34.29 24.06 -9.09
C LEU D 256 -32.79 24.22 -8.85
N ALA D 257 -31.99 23.35 -9.48
CA ALA D 257 -30.53 23.38 -9.32
C ALA D 257 -29.94 24.69 -9.89
N GLN D 258 -30.72 25.41 -10.69
CA GLN D 258 -30.26 26.71 -11.25
C GLN D 258 -30.99 27.88 -10.67
N ALA D 259 -31.63 27.72 -9.52
CA ALA D 259 -32.48 28.80 -8.97
C ALA D 259 -31.69 29.97 -8.39
N GLY D 260 -30.36 29.82 -8.27
CA GLY D 260 -29.51 30.89 -7.76
C GLY D 260 -29.41 30.97 -6.24
N GLY D 261 -29.68 29.88 -5.53
CA GLY D 261 -29.60 29.85 -4.06
C GLY D 261 -28.51 28.96 -3.48
N ASP D 262 -28.43 29.00 -2.13
CA ASP D 262 -27.47 28.20 -1.39
C ASP D 262 -27.59 26.72 -1.74
N GLY D 263 -28.78 26.27 -2.06
CA GLY D 263 -29.06 24.86 -2.35
C GLY D 263 -28.68 24.37 -3.75
N ASP D 264 -28.22 25.26 -4.62
CA ASP D 264 -27.97 24.89 -6.03
C ASP D 264 -27.06 23.67 -6.17
N ALA D 265 -25.90 23.66 -5.48
CA ALA D 265 -24.93 22.57 -5.70
C ALA D 265 -25.46 21.24 -5.17
N ALA D 266 -26.20 21.29 -4.06
CA ALA D 266 -26.77 20.10 -3.42
C ALA D 266 -27.85 19.53 -4.32
N VAL D 267 -28.70 20.37 -4.88
CA VAL D 267 -29.78 19.89 -5.76
C VAL D 267 -29.16 19.31 -7.01
N LYS D 268 -28.16 19.98 -7.56
CA LYS D 268 -27.44 19.43 -8.73
C LYS D 268 -26.82 18.05 -8.45
N ALA D 269 -26.22 17.86 -7.27
CA ALA D 269 -25.70 16.56 -6.86
C ALA D 269 -26.79 15.48 -6.81
N LEU D 270 -27.95 15.86 -6.35
CA LEU D 270 -29.10 14.97 -6.26
C LEU D 270 -29.54 14.53 -7.63
N VAL D 271 -29.72 15.50 -8.52
CA VAL D 271 -30.26 15.13 -9.85
C VAL D 271 -29.21 14.35 -10.65
N ASP D 272 -27.94 14.71 -10.55
CA ASP D 272 -26.85 13.90 -11.13
C ASP D 272 -26.81 12.45 -10.63
N PHE D 273 -27.03 12.26 -9.33
CA PHE D 273 -27.12 10.91 -8.78
C PHE D 273 -28.33 10.16 -9.34
N VAL D 274 -29.51 10.78 -9.30
CA VAL D 274 -30.73 10.13 -9.81
C VAL D 274 -30.54 9.69 -11.29
N GLU D 275 -29.93 10.57 -12.06
CA GLU D 275 -29.68 10.32 -13.48
C GLU D 275 -28.71 9.16 -13.69
N SER D 276 -27.74 8.99 -12.79
CA SER D 276 -26.74 7.94 -12.97
C SER D 276 -27.11 6.56 -12.34
N SER D 277 -28.33 6.44 -11.82
CA SER D 277 -28.72 5.23 -11.10
C SER D 277 -28.90 4.07 -12.06
N GLN D 278 -28.40 2.89 -11.71
CA GLN D 278 -28.60 1.69 -12.53
C GLN D 278 -29.69 0.82 -11.95
N ARG D 279 -29.70 0.63 -10.64
CA ARG D 279 -30.74 -0.14 -9.98
C ARG D 279 -32.03 0.65 -9.83
N GLY D 280 -31.96 1.96 -10.06
CA GLY D 280 -33.07 2.87 -9.76
C GLY D 280 -33.03 3.31 -8.30
N ILE D 281 -33.79 4.35 -7.98
CA ILE D 281 -33.85 4.85 -6.59
C ILE D 281 -35.02 4.21 -5.83
N ILE D 282 -34.87 4.17 -4.50
CA ILE D 282 -35.94 3.73 -3.62
C ILE D 282 -37.17 4.63 -3.80
N ARG D 283 -38.34 4.03 -3.60
CA ARG D 283 -39.63 4.72 -3.65
C ARG D 283 -40.60 4.15 -2.64
N ARG E 24 -5.42 -23.57 36.72
CA ARG E 24 -6.74 -23.09 36.22
C ARG E 24 -6.63 -21.98 35.17
N ILE E 25 -5.50 -21.31 35.12
CA ILE E 25 -5.29 -20.27 34.13
C ILE E 25 -4.28 -20.80 33.11
N HIS E 26 -4.69 -20.87 31.85
CA HIS E 26 -3.86 -21.48 30.82
C HIS E 26 -2.59 -20.69 30.68
N PRO E 27 -1.44 -21.36 30.52
CA PRO E 27 -0.16 -20.60 30.33
C PRO E 27 -0.13 -19.55 29.23
N THR E 28 -0.97 -19.67 28.18
CA THR E 28 -1.05 -18.68 27.11
C THR E 28 -2.06 -17.54 27.34
N ALA E 29 -2.80 -17.59 28.42
CA ALA E 29 -3.72 -16.50 28.76
C ALA E 29 -2.90 -15.35 29.31
N ILE E 30 -3.39 -14.14 29.13
CA ILE E 30 -2.71 -12.96 29.60
C ILE E 30 -3.60 -12.29 30.64
N ILE E 31 -3.12 -12.30 31.89
CA ILE E 31 -3.85 -11.73 33.01
C ILE E 31 -3.05 -10.49 33.39
N GLU E 32 -3.60 -9.30 33.12
CA GLU E 32 -2.83 -8.06 33.27
C GLU E 32 -2.62 -7.79 34.75
N PRO E 33 -1.45 -7.24 35.14
CA PRO E 33 -1.31 -6.90 36.56
C PRO E 33 -2.41 -5.95 37.02
N GLY E 34 -3.05 -6.28 38.14
CA GLY E 34 -4.15 -5.47 38.64
C GLY E 34 -5.45 -6.22 38.61
N ALA E 35 -5.58 -7.15 37.65
CA ALA E 35 -6.82 -7.94 37.53
C ALA E 35 -7.01 -8.74 38.81
N GLN E 36 -8.25 -8.89 39.27
CA GLN E 36 -8.55 -9.53 40.53
C GLN E 36 -9.46 -10.73 40.29
N LEU E 37 -8.85 -11.91 40.32
CA LEU E 37 -9.56 -13.16 40.03
C LEU E 37 -9.62 -14.05 41.27
N HIS E 38 -10.81 -14.47 41.66
CA HIS E 38 -10.94 -15.51 42.68
C HIS E 38 -10.09 -16.71 42.29
N GLU E 39 -9.52 -17.38 43.29
CA GLU E 39 -8.64 -18.52 43.08
C GLU E 39 -9.27 -19.63 42.25
N THR E 40 -10.60 -19.73 42.27
CA THR E 40 -11.30 -20.77 41.49
C THR E 40 -11.65 -20.40 40.04
N VAL E 41 -11.37 -19.16 39.61
CA VAL E 41 -11.61 -18.77 38.20
C VAL E 41 -10.73 -19.53 37.18
N GLU E 42 -11.35 -20.05 36.11
CA GLU E 42 -10.60 -20.73 35.05
C GLU E 42 -10.58 -19.84 33.81
N VAL E 43 -9.41 -19.75 33.17
CA VAL E 43 -9.24 -18.92 31.96
C VAL E 43 -8.53 -19.77 30.92
N GLY E 44 -9.17 -19.90 29.74
CA GLY E 44 -8.67 -20.71 28.67
C GLY E 44 -7.54 -20.10 27.85
N PRO E 45 -7.03 -20.88 26.88
CA PRO E 45 -5.90 -20.44 26.08
C PRO E 45 -6.18 -19.15 25.30
N TYR E 46 -5.15 -18.32 25.18
CA TYR E 46 -5.20 -17.09 24.34
C TYR E 46 -6.27 -16.09 24.79
N ALA E 47 -6.85 -16.25 25.98
CA ALA E 47 -7.74 -15.23 26.53
C ALA E 47 -6.92 -14.15 27.22
N ILE E 48 -7.52 -12.98 27.35
CA ILE E 48 -6.93 -11.81 27.98
C ILE E 48 -7.89 -11.20 29.02
N VAL E 49 -7.35 -10.86 30.20
CA VAL E 49 -8.15 -10.29 31.26
C VAL E 49 -7.44 -9.00 31.67
N GLY E 50 -8.13 -7.87 31.52
CA GLY E 50 -7.51 -6.57 31.77
C GLY E 50 -7.33 -6.21 33.24
N SER E 51 -6.53 -5.19 33.48
CA SER E 51 -6.10 -4.83 34.82
C SER E 51 -7.19 -4.26 35.73
N ASN E 52 -8.31 -3.85 35.15
CA ASN E 52 -9.42 -3.28 35.92
C ASN E 52 -10.63 -4.22 36.03
N VAL E 53 -10.42 -5.49 35.68
CA VAL E 53 -11.43 -6.53 35.80
C VAL E 53 -11.38 -7.24 37.16
N THR E 54 -12.56 -7.58 37.71
CA THR E 54 -12.70 -8.41 38.89
CA THR E 54 -12.66 -8.45 38.87
C THR E 54 -13.59 -9.59 38.52
N ILE E 55 -13.19 -10.81 38.86
CA ILE E 55 -14.00 -11.99 38.52
C ILE E 55 -14.19 -12.88 39.74
N GLY E 56 -15.46 -13.19 40.03
CA GLY E 56 -15.83 -14.00 41.17
C GLY E 56 -15.68 -15.51 40.99
N ALA E 57 -15.95 -16.19 42.09
CA ALA E 57 -15.70 -17.62 42.24
C ALA E 57 -16.42 -18.49 41.20
N ARG E 58 -15.67 -19.46 40.67
CA ARG E 58 -16.15 -20.55 39.84
C ARG E 58 -16.61 -20.11 38.42
N THR E 59 -16.38 -18.85 38.09
CA THR E 59 -16.60 -18.34 36.73
C THR E 59 -15.51 -18.90 35.80
N THR E 60 -15.91 -19.27 34.58
CA THR E 60 -14.96 -19.78 33.59
C THR E 60 -15.00 -18.85 32.38
N ILE E 61 -13.84 -18.59 31.81
CA ILE E 61 -13.64 -17.75 30.63
C ILE E 61 -13.01 -18.61 29.56
N GLY E 62 -13.66 -18.71 28.40
CA GLY E 62 -13.25 -19.62 27.35
C GLY E 62 -12.15 -19.03 26.48
N SER E 63 -11.60 -19.85 25.60
CA SER E 63 -10.41 -19.47 24.84
C SER E 63 -10.68 -18.22 23.98
N HIS E 64 -9.63 -17.43 23.73
CA HIS E 64 -9.66 -16.27 22.80
C HIS E 64 -10.54 -15.11 23.28
N SER E 65 -11.09 -15.19 24.47
CA SER E 65 -11.96 -14.12 24.95
C SER E 65 -11.16 -12.94 25.53
N VAL E 66 -11.73 -11.73 25.44
CA VAL E 66 -11.11 -10.52 25.91
C VAL E 66 -12.04 -9.79 26.88
N ILE E 67 -11.65 -9.79 28.15
CA ILE E 67 -12.38 -9.19 29.23
C ILE E 67 -11.60 -7.95 29.63
N GLU E 68 -12.25 -6.80 29.55
CA GLU E 68 -11.57 -5.54 29.70
C GLU E 68 -12.49 -4.53 30.34
N GLY E 69 -12.05 -3.29 30.40
CA GLY E 69 -12.83 -2.23 31.02
C GLY E 69 -12.81 -2.30 32.54
N HIS E 70 -13.51 -1.37 33.18
CA HIS E 70 -13.76 -1.41 34.62
C HIS E 70 -14.96 -2.29 34.88
N THR E 71 -14.68 -3.58 34.95
CA THR E 71 -15.69 -4.60 34.79
C THR E 71 -15.67 -5.55 35.97
N THR E 72 -16.86 -5.75 36.55
CA THR E 72 -17.05 -6.66 37.67
C THR E 72 -17.96 -7.83 37.24
N ILE E 73 -17.47 -9.06 37.38
CA ILE E 73 -18.18 -10.27 37.02
C ILE E 73 -18.34 -11.13 38.26
N GLY E 74 -19.57 -11.61 38.49
CA GLY E 74 -19.84 -12.46 39.67
C GLY E 74 -19.45 -13.93 39.59
N GLU E 75 -20.24 -14.76 40.26
CA GLU E 75 -19.91 -16.16 40.50
C GLU E 75 -20.63 -17.07 39.54
N ASP E 76 -20.00 -18.18 39.17
CA ASP E 76 -20.64 -19.26 38.43
C ASP E 76 -21.07 -18.88 37.01
N ASN E 77 -20.39 -17.89 36.44
CA ASN E 77 -20.66 -17.47 35.07
C ASN E 77 -19.90 -18.39 34.11
N ARG E 78 -20.52 -18.68 32.99
CA ARG E 78 -19.89 -19.51 31.97
C ARG E 78 -19.76 -18.65 30.71
N ILE E 79 -18.58 -18.06 30.54
CA ILE E 79 -18.30 -17.19 29.38
C ILE E 79 -17.53 -17.98 28.36
N GLY E 80 -18.05 -18.05 27.12
CA GLY E 80 -17.47 -18.90 26.06
C GLY E 80 -16.25 -18.32 25.36
N HIS E 81 -16.07 -18.74 24.12
CA HIS E 81 -14.92 -18.37 23.32
C HIS E 81 -15.25 -17.10 22.59
N TYR E 82 -14.25 -16.28 22.30
CA TYR E 82 -14.44 -15.09 21.49
C TYR E 82 -15.52 -14.17 22.10
N ALA E 83 -15.52 -14.05 23.43
CA ALA E 83 -16.46 -13.13 24.09
C ALA E 83 -15.74 -11.81 24.32
N SER E 84 -16.31 -10.70 23.85
CA SER E 84 -15.79 -9.36 24.12
C SER E 84 -16.63 -8.73 25.22
N VAL E 85 -16.07 -8.71 26.42
CA VAL E 85 -16.82 -8.33 27.61
C VAL E 85 -16.11 -7.10 28.19
N GLY E 86 -16.83 -5.99 28.23
CA GLY E 86 -16.29 -4.75 28.79
C GLY E 86 -15.49 -3.84 27.88
N GLY E 87 -15.65 -4.06 26.58
CA GLY E 87 -15.17 -3.18 25.54
C GLY E 87 -15.79 -1.79 25.68
N ARG E 88 -15.14 -0.80 25.12
CA ARG E 88 -15.65 0.55 25.31
C ARG E 88 -16.91 0.83 24.48
N PRO E 89 -17.66 1.88 24.88
CA PRO E 89 -18.86 2.24 24.13
C PRO E 89 -18.58 2.54 22.68
N GLN E 90 -19.54 2.22 21.82
CA GLN E 90 -19.59 2.73 20.45
C GLN E 90 -20.55 3.92 20.60
N ASP E 91 -19.99 5.01 21.00
CA ASP E 91 -20.71 6.25 21.11
C ASP E 91 -19.59 7.19 20.76
N MET E 92 -19.80 8.03 19.76
CA MET E 92 -18.74 8.93 19.31
C MET E 92 -18.34 9.95 20.37
N LYS E 93 -19.18 10.19 21.36
CA LYS E 93 -18.88 11.11 22.47
C LYS E 93 -17.95 10.52 23.53
N TYR E 94 -17.76 9.18 23.52
CA TYR E 94 -16.93 8.51 24.52
C TYR E 94 -15.46 8.96 24.44
N LYS E 95 -14.93 9.39 25.59
CA LYS E 95 -13.58 9.95 25.69
C LYS E 95 -12.73 9.19 26.73
N ASP E 96 -12.76 7.87 26.68
CA ASP E 96 -11.97 6.99 27.55
C ASP E 96 -12.18 7.11 29.06
N GLU E 97 -13.35 7.55 29.46
CA GLU E 97 -13.67 7.59 30.88
C GLU E 97 -13.74 6.17 31.40
N PRO E 98 -13.37 5.97 32.69
CA PRO E 98 -13.39 4.65 33.35
C PRO E 98 -14.81 4.25 33.75
N THR E 99 -15.70 4.14 32.75
CA THR E 99 -17.08 3.79 33.01
C THR E 99 -17.14 2.29 33.25
N ARG E 100 -18.28 1.74 33.69
CA ARG E 100 -18.32 0.38 34.26
C ARG E 100 -19.25 -0.59 33.55
N LEU E 101 -18.96 -1.88 33.73
CA LEU E 101 -19.87 -2.95 33.35
C LEU E 101 -19.97 -3.82 34.61
N VAL E 102 -21.18 -4.17 35.01
CA VAL E 102 -21.42 -5.06 36.15
C VAL E 102 -22.28 -6.26 35.70
N ILE E 103 -21.74 -7.46 35.87
CA ILE E 103 -22.41 -8.70 35.52
C ILE E 103 -22.57 -9.53 36.78
N GLY E 104 -23.77 -10.09 36.98
CA GLY E 104 -24.06 -10.88 38.18
C GLY E 104 -23.58 -12.32 38.14
N ASP E 105 -24.44 -13.24 38.60
CA ASP E 105 -24.08 -14.62 38.82
C ASP E 105 -24.82 -15.57 37.88
N ARG E 106 -24.19 -16.69 37.54
CA ARG E 106 -24.85 -17.82 36.84
C ARG E 106 -25.39 -17.45 35.45
N ASN E 107 -24.71 -16.54 34.79
CA ASN E 107 -25.00 -16.18 33.41
C ASN E 107 -24.23 -17.06 32.45
N THR E 108 -24.86 -17.36 31.31
CA THR E 108 -24.20 -18.08 30.23
C THR E 108 -24.05 -17.06 29.11
N ILE E 109 -22.82 -16.88 28.62
CA ILE E 109 -22.52 -15.92 27.55
C ILE E 109 -21.73 -16.65 26.45
N ARG E 110 -22.30 -16.73 25.24
CA ARG E 110 -21.70 -17.52 24.16
C ARG E 110 -20.77 -16.68 23.26
N GLU E 111 -20.49 -17.23 22.07
CA GLU E 111 -19.42 -16.80 21.22
C GLU E 111 -19.75 -15.51 20.41
N PHE E 112 -18.73 -14.73 20.10
CA PHE E 112 -18.89 -13.52 19.26
C PHE E 112 -19.89 -12.55 19.87
N THR E 113 -19.90 -12.48 21.19
CA THR E 113 -20.75 -11.54 21.95
C THR E 113 -19.98 -10.24 22.24
N THR E 114 -20.71 -9.15 22.32
CA THR E 114 -20.17 -7.86 22.69
C THR E 114 -21.03 -7.26 23.81
N ILE E 115 -20.40 -6.97 24.94
CA ILE E 115 -21.07 -6.27 26.05
C ILE E 115 -20.20 -5.09 26.45
N HIS E 116 -20.71 -3.87 26.34
CA HIS E 116 -19.92 -2.65 26.50
C HIS E 116 -20.15 -2.00 27.83
N THR E 117 -19.17 -1.22 28.26
CA THR E 117 -19.27 -0.40 29.45
C THR E 117 -20.20 0.77 29.19
N GLY E 118 -20.44 1.57 30.24
CA GLY E 118 -21.42 2.67 30.14
C GLY E 118 -20.80 3.97 29.65
N THR E 119 -21.59 5.04 29.63
CA THR E 119 -21.13 6.38 29.22
C THR E 119 -21.43 7.38 30.35
N VAL E 120 -20.61 8.44 30.44
CA VAL E 120 -20.81 9.48 31.48
C VAL E 120 -22.05 10.34 31.24
N GLN E 121 -22.51 10.37 29.99
CA GLN E 121 -23.74 11.12 29.66
C GLN E 121 -25.01 10.46 30.20
N ASP E 122 -24.97 9.16 30.49
CA ASP E 122 -26.11 8.45 31.07
C ASP E 122 -25.75 8.21 32.55
N ALA E 123 -25.61 6.97 33.00
CA ALA E 123 -25.22 6.75 34.40
C ALA E 123 -23.89 6.05 34.57
N GLY E 124 -23.09 5.97 33.49
CA GLY E 124 -21.74 5.46 33.60
C GLY E 124 -21.61 3.97 33.81
N VAL E 125 -22.68 3.22 33.60
CA VAL E 125 -22.64 1.79 33.88
C VAL E 125 -23.61 0.98 33.00
N THR E 126 -23.13 -0.17 32.51
CA THR E 126 -23.96 -1.20 31.88
C THR E 126 -24.12 -2.34 32.91
N THR E 127 -25.32 -2.87 33.04
CA THR E 127 -25.61 -3.88 34.08
C THR E 127 -26.38 -5.09 33.53
N LEU E 128 -25.91 -6.27 33.95
CA LEU E 128 -26.58 -7.55 33.72
CA LEU E 128 -26.60 -7.54 33.74
C LEU E 128 -26.76 -8.19 35.10
N GLY E 129 -27.93 -8.79 35.33
CA GLY E 129 -28.25 -9.44 36.58
C GLY E 129 -27.80 -10.87 36.61
N ASP E 130 -28.68 -11.77 37.07
CA ASP E 130 -28.32 -13.19 37.26
C ASP E 130 -29.07 -14.14 36.35
N ASP E 131 -28.50 -15.33 36.13
CA ASP E 131 -29.23 -16.44 35.48
C ASP E 131 -29.71 -16.09 34.04
N ASN E 132 -28.94 -15.28 33.34
CA ASN E 132 -29.30 -14.89 31.99
C ASN E 132 -28.66 -15.86 31.00
N TRP E 133 -29.26 -15.95 29.80
CA TRP E 133 -28.86 -16.91 28.74
C TRP E 133 -28.58 -16.07 27.54
N ILE E 134 -27.30 -15.82 27.26
CA ILE E 134 -26.89 -14.85 26.20
CA ILE E 134 -26.92 -14.87 26.20
C ILE E 134 -26.23 -15.66 25.09
N MET E 135 -26.92 -15.77 23.95
CA MET E 135 -26.45 -16.61 22.90
C MET E 135 -25.46 -15.87 21.99
N ALA E 136 -24.97 -16.63 21.01
CA ALA E 136 -23.93 -16.14 20.11
C ALA E 136 -24.39 -14.91 19.36
N TYR E 137 -23.43 -14.00 19.12
CA TYR E 137 -23.64 -12.79 18.32
C TYR E 137 -24.51 -11.71 19.00
N VAL E 138 -24.81 -11.87 20.27
CA VAL E 138 -25.61 -10.92 21.00
C VAL E 138 -24.74 -9.69 21.28
N HIS E 139 -25.35 -8.52 21.09
CA HIS E 139 -24.71 -7.21 21.31
C HIS E 139 -25.51 -6.46 22.34
N ILE E 140 -24.86 -6.10 23.44
CA ILE E 140 -25.44 -5.29 24.52
C ILE E 140 -24.67 -3.97 24.55
N GLY E 141 -25.29 -2.93 24.01
CA GLY E 141 -24.71 -1.59 23.94
C GLY E 141 -24.52 -0.91 25.30
N HIS E 142 -23.78 0.20 25.24
CA HIS E 142 -23.50 1.02 26.41
C HIS E 142 -24.76 1.40 27.15
N ASP E 143 -24.66 1.31 28.48
CA ASP E 143 -25.72 1.77 29.40
C ASP E 143 -26.97 0.90 29.43
N CYS E 144 -26.95 -0.27 28.83
CA CYS E 144 -28.12 -1.14 28.94
C CYS E 144 -28.26 -1.63 30.40
N ARG E 145 -29.48 -1.92 30.78
CA ARG E 145 -29.81 -2.47 32.11
C ARG E 145 -30.63 -3.72 31.89
N VAL E 146 -29.99 -4.87 32.05
CA VAL E 146 -30.61 -6.17 31.81
C VAL E 146 -30.81 -6.83 33.16
N GLY E 147 -32.03 -7.34 33.39
CA GLY E 147 -32.36 -7.97 34.67
C GLY E 147 -31.86 -9.40 34.81
N SER E 148 -32.74 -10.28 35.26
CA SER E 148 -32.42 -11.67 35.55
C SER E 148 -33.32 -12.66 34.81
N HIS E 149 -32.80 -13.86 34.52
CA HIS E 149 -33.54 -14.90 33.78
C HIS E 149 -33.95 -14.47 32.39
N VAL E 150 -33.16 -13.58 31.79
CA VAL E 150 -33.45 -13.09 30.44
C VAL E 150 -32.79 -14.02 29.43
N VAL E 151 -33.49 -14.26 28.30
CA VAL E 151 -32.90 -15.00 27.20
C VAL E 151 -32.73 -14.02 26.04
N LEU E 152 -31.49 -13.88 25.58
CA LEU E 152 -31.17 -13.07 24.42
C LEU E 152 -30.68 -14.08 23.35
N SER E 153 -31.54 -14.35 22.37
CA SER E 153 -31.27 -15.34 21.33
C SER E 153 -30.25 -14.87 20.31
N SER E 154 -29.79 -15.81 19.49
CA SER E 154 -28.63 -15.58 18.64
C SER E 154 -28.80 -14.31 17.79
N ASN E 155 -27.79 -13.44 17.80
CA ASN E 155 -27.78 -12.20 17.03
C ASN E 155 -28.87 -11.17 17.42
N ALA E 156 -29.46 -11.28 18.62
CA ALA E 156 -30.27 -10.15 19.18
C ALA E 156 -29.30 -9.00 19.56
N GLN E 157 -29.57 -7.80 19.08
CA GLN E 157 -28.66 -6.67 19.27
C GLN E 157 -29.44 -5.47 19.78
N MET E 158 -28.92 -4.90 20.88
CA MET E 158 -29.58 -3.81 21.65
C MET E 158 -28.65 -2.59 21.58
N ALA E 159 -29.21 -1.46 21.18
CA ALA E 159 -28.46 -0.24 21.10
C ALA E 159 -28.30 0.32 22.51
N GLY E 160 -27.93 1.58 22.64
CA GLY E 160 -27.62 2.13 23.97
C GLY E 160 -28.84 2.24 24.86
N HIS E 161 -28.65 2.10 26.18
CA HIS E 161 -29.69 2.46 27.16
C HIS E 161 -30.98 1.65 27.03
N VAL E 162 -30.91 0.39 26.63
CA VAL E 162 -32.10 -0.46 26.53
C VAL E 162 -32.28 -1.13 27.87
N GLU E 163 -33.50 -1.15 28.40
CA GLU E 163 -33.80 -1.82 29.68
C GLU E 163 -34.57 -3.08 29.38
N ILE E 164 -34.14 -4.21 29.96
CA ILE E 164 -34.81 -5.49 29.76
C ILE E 164 -35.19 -6.09 31.10
N GLY E 165 -36.50 -6.25 31.31
CA GLY E 165 -37.00 -6.77 32.56
C GLY E 165 -36.83 -8.27 32.70
N ASP E 166 -37.02 -8.74 33.94
CA ASP E 166 -36.77 -10.15 34.30
C ASP E 166 -37.64 -11.09 33.48
N TRP E 167 -37.06 -12.24 33.12
CA TRP E 167 -37.72 -13.27 32.32
C TRP E 167 -38.09 -12.90 30.90
N ALA E 168 -37.72 -11.72 30.42
CA ALA E 168 -37.97 -11.36 29.02
C ALA E 168 -37.17 -12.26 28.06
N ILE E 169 -37.73 -12.50 26.90
CA ILE E 169 -37.08 -13.31 25.82
C ILE E 169 -37.01 -12.45 24.57
N VAL E 170 -35.81 -12.31 23.99
CA VAL E 170 -35.62 -11.57 22.73
C VAL E 170 -35.19 -12.56 21.65
N GLY E 171 -36.01 -12.69 20.61
CA GLY E 171 -35.76 -13.65 19.53
C GLY E 171 -34.54 -13.32 18.70
N GLY E 172 -34.10 -14.32 17.95
CA GLY E 172 -32.88 -14.22 17.19
C GLY E 172 -33.01 -13.25 16.04
N MET E 173 -31.89 -12.61 15.71
CA MET E 173 -31.79 -11.69 14.55
C MET E 173 -32.74 -10.51 14.74
N SER E 174 -32.99 -10.12 15.99
CA SER E 174 -33.81 -8.92 16.26
C SER E 174 -32.93 -7.75 16.66
N GLY E 175 -33.45 -6.54 16.42
CA GLY E 175 -32.72 -5.30 16.72
C GLY E 175 -33.60 -4.43 17.61
N VAL E 176 -33.01 -3.82 18.64
CA VAL E 176 -33.76 -2.99 19.57
C VAL E 176 -33.14 -1.58 19.57
N HIS E 177 -33.97 -0.59 19.32
CA HIS E 177 -33.57 0.82 19.24
C HIS E 177 -33.17 1.32 20.62
N GLN E 178 -32.24 2.28 20.63
CA GLN E 178 -31.82 2.86 21.89
C GLN E 178 -33.00 3.39 22.73
N TYR E 179 -32.85 3.27 24.05
CA TYR E 179 -33.83 3.81 25.02
C TYR E 179 -35.15 3.02 25.09
N VAL E 180 -35.29 1.94 24.32
CA VAL E 180 -36.50 1.12 24.43
C VAL E 180 -36.46 0.33 25.74
N ARG E 181 -37.64 0.10 26.33
CA ARG E 181 -37.79 -0.74 27.51
C ARG E 181 -38.59 -2.02 27.16
N ILE E 182 -38.01 -3.15 27.50
CA ILE E 182 -38.65 -4.46 27.30
C ILE E 182 -39.16 -4.89 28.68
N GLY E 183 -40.47 -5.01 28.80
CA GLY E 183 -41.09 -5.31 30.10
C GLY E 183 -40.83 -6.73 30.54
N ALA E 184 -40.85 -6.95 31.86
CA ALA E 184 -40.71 -8.30 32.43
C ALA E 184 -41.70 -9.28 31.83
N HIS E 185 -41.25 -10.51 31.59
CA HIS E 185 -42.08 -11.60 31.04
C HIS E 185 -42.62 -11.38 29.64
N SER E 186 -42.06 -10.41 28.90
CA SER E 186 -42.49 -10.14 27.52
C SER E 186 -41.65 -11.00 26.55
N MET E 187 -42.04 -11.04 25.29
CA MET E 187 -41.27 -11.79 24.31
C MET E 187 -41.31 -11.03 23.00
N LEU E 188 -40.12 -10.83 22.43
CA LEU E 188 -39.98 -10.28 21.08
C LEU E 188 -39.64 -11.42 20.16
N GLY E 189 -40.45 -11.62 19.11
CA GLY E 189 -40.22 -12.70 18.19
C GLY E 189 -38.96 -12.46 17.37
N GLY E 190 -38.47 -13.51 16.75
CA GLY E 190 -37.30 -13.47 15.91
C GLY E 190 -37.49 -12.51 14.75
N ALA E 191 -36.38 -11.96 14.29
CA ALA E 191 -36.34 -11.12 13.11
C ALA E 191 -37.27 -9.93 13.21
N SER E 192 -37.28 -9.34 14.40
CA SER E 192 -38.14 -8.20 14.68
C SER E 192 -37.29 -6.94 14.91
N ALA E 193 -37.91 -5.80 14.62
CA ALA E 193 -37.28 -4.51 14.80
C ALA E 193 -38.15 -3.74 15.79
N LEU E 194 -37.64 -3.54 16.99
CA LEU E 194 -38.40 -2.89 18.08
C LEU E 194 -37.96 -1.44 18.30
N VAL E 195 -38.90 -0.52 18.10
CA VAL E 195 -38.62 0.90 18.22
C VAL E 195 -39.41 1.60 19.36
N GLN E 196 -40.30 0.86 20.04
CA GLN E 196 -41.07 1.37 21.18
C GLN E 196 -41.11 0.31 22.27
N ASP E 197 -41.62 0.68 23.46
CA ASP E 197 -41.62 -0.24 24.60
C ASP E 197 -42.55 -1.45 24.38
N ILE E 198 -42.10 -2.61 24.85
CA ILE E 198 -42.98 -3.79 25.00
C ILE E 198 -43.47 -3.86 26.43
N PRO E 199 -44.80 -3.72 26.64
CA PRO E 199 -45.30 -3.89 27.99
C PRO E 199 -44.99 -5.28 28.59
N PRO E 200 -44.81 -5.35 29.90
CA PRO E 200 -44.64 -6.67 30.55
C PRO E 200 -45.76 -7.62 30.15
N PHE E 201 -45.42 -8.91 30.01
CA PHE E 201 -46.38 -9.99 29.76
C PHE E 201 -46.86 -10.05 28.31
N VAL E 202 -46.36 -9.18 27.42
CA VAL E 202 -46.90 -9.11 26.05
C VAL E 202 -45.94 -9.74 25.04
N ILE E 203 -46.47 -10.38 23.99
CA ILE E 203 -45.66 -10.84 22.87
C ILE E 203 -45.68 -9.73 21.83
N ALA E 204 -44.52 -9.49 21.21
CA ALA E 204 -44.42 -8.52 20.10
C ALA E 204 -43.66 -9.21 18.95
N ALA E 205 -44.03 -8.92 17.70
CA ALA E 205 -43.28 -9.45 16.55
C ALA E 205 -43.44 -8.53 15.36
N GLY E 206 -42.45 -8.59 14.45
CA GLY E 206 -42.49 -7.95 13.13
C GLY E 206 -41.44 -6.87 12.99
N ASN E 207 -41.37 -6.29 11.81
CA ASN E 207 -40.47 -5.20 11.53
C ASN E 207 -41.35 -4.12 10.83
N LYS E 208 -41.83 -3.09 11.55
CA LYS E 208 -41.59 -2.89 12.94
C LYS E 208 -42.46 -3.77 13.83
N ALA E 209 -42.01 -3.99 15.07
CA ALA E 209 -42.69 -4.92 15.97
C ALA E 209 -44.02 -4.35 16.51
N GLU E 210 -45.04 -5.19 16.47
CA GLU E 210 -46.40 -4.86 16.93
C GLU E 210 -46.87 -5.89 17.96
N PRO E 211 -47.80 -5.48 18.84
CA PRO E 211 -48.21 -6.43 19.88
C PRO E 211 -49.09 -7.56 19.32
N HIS E 212 -48.92 -8.76 19.87
CA HIS E 212 -49.65 -9.94 19.38
C HIS E 212 -50.11 -10.81 20.54
N GLY E 213 -50.73 -10.19 21.53
CA GLY E 213 -51.34 -10.88 22.68
C GLY E 213 -50.44 -11.04 23.90
N ILE E 214 -51.00 -11.68 24.92
CA ILE E 214 -50.24 -12.01 26.13
C ILE E 214 -49.32 -13.21 25.85
N ASN E 215 -48.17 -13.22 26.51
CA ASN E 215 -47.19 -14.31 26.50
C ASN E 215 -47.65 -15.48 27.39
N VAL E 216 -48.71 -16.18 26.95
CA VAL E 216 -49.37 -17.15 27.82
C VAL E 216 -48.51 -18.36 28.18
N GLU E 217 -47.76 -18.91 27.22
CA GLU E 217 -46.92 -20.11 27.45
CA GLU E 217 -46.96 -20.09 27.49
C GLU E 217 -45.76 -19.78 28.40
N GLY E 218 -45.15 -18.61 28.24
CA GLY E 218 -44.11 -18.23 29.20
C GLY E 218 -44.66 -18.10 30.62
N LEU E 219 -45.80 -17.42 30.75
CA LEU E 219 -46.43 -17.25 32.06
C LEU E 219 -46.84 -18.58 32.63
N ARG E 220 -47.45 -19.45 31.83
CA ARG E 220 -47.81 -20.81 32.29
C ARG E 220 -46.59 -21.51 32.90
N ARG E 221 -45.51 -21.55 32.13
CA ARG E 221 -44.29 -22.25 32.51
C ARG E 221 -43.63 -21.64 33.75
N ARG E 222 -43.98 -20.40 34.10
CA ARG E 222 -43.39 -19.75 35.30
C ARG E 222 -44.37 -19.68 36.47
N GLY E 223 -45.50 -20.37 36.33
CA GLY E 223 -46.37 -20.63 37.46
C GLY E 223 -47.49 -19.62 37.70
N PHE E 224 -47.76 -18.76 36.73
CA PHE E 224 -48.96 -17.91 36.78
C PHE E 224 -50.17 -18.84 36.61
N SER E 225 -51.21 -18.60 37.40
CA SER E 225 -52.43 -19.39 37.37
C SER E 225 -53.26 -19.05 36.16
N PRO E 226 -54.13 -19.98 35.74
CA PRO E 226 -55.04 -19.66 34.63
C PRO E 226 -55.87 -18.38 34.87
N ASP E 227 -56.29 -18.13 36.12
CA ASP E 227 -57.09 -16.92 36.41
C ASP E 227 -56.24 -15.61 36.32
N ALA E 228 -54.97 -15.69 36.68
CA ALA E 228 -54.02 -14.57 36.51
C ALA E 228 -53.86 -14.25 35.05
N ILE E 229 -53.74 -15.31 34.26
CA ILE E 229 -53.55 -15.15 32.83
C ILE E 229 -54.83 -14.56 32.18
N SER E 230 -56.01 -15.01 32.64
CA SER E 230 -57.27 -14.46 32.12
C SER E 230 -57.38 -12.96 32.43
N ALA E 231 -57.00 -12.57 33.64
CA ALA E 231 -56.95 -11.13 34.01
C ALA E 231 -56.05 -10.31 33.05
N LEU E 232 -54.86 -10.84 32.78
CA LEU E 232 -53.94 -10.20 31.82
C LEU E 232 -54.50 -10.13 30.40
N ARG E 233 -55.27 -11.14 29.98
CA ARG E 233 -55.92 -11.04 28.66
C ARG E 233 -56.96 -9.91 28.65
N SER E 234 -57.71 -9.76 29.75
CA SER E 234 -58.68 -8.67 29.82
C SER E 234 -57.94 -7.32 29.76
N ALA E 235 -56.80 -7.28 30.43
CA ALA E 235 -55.93 -6.11 30.46
C ALA E 235 -55.41 -5.75 29.09
N TYR E 236 -55.00 -6.77 28.35
CA TYR E 236 -54.54 -6.57 26.99
C TYR E 236 -55.67 -5.97 26.16
N ARG E 237 -56.89 -6.47 26.32
CA ARG E 237 -58.01 -5.95 25.53
C ARG E 237 -58.31 -4.51 25.92
N ILE E 238 -58.30 -4.19 27.21
CA ILE E 238 -58.49 -2.81 27.63
C ILE E 238 -57.46 -1.87 26.98
N LEU E 239 -56.21 -2.32 26.94
CA LEU E 239 -55.14 -1.46 26.51
C LEU E 239 -55.22 -1.26 24.98
N TYR E 240 -55.46 -2.35 24.25
CA TYR E 240 -55.22 -2.34 22.80
C TYR E 240 -56.45 -2.52 21.91
N LYS E 241 -57.50 -3.17 22.44
CA LYS E 241 -58.57 -3.70 21.59
C LYS E 241 -59.95 -3.05 21.76
N ASN E 242 -60.08 -2.10 22.70
CA ASN E 242 -61.39 -1.57 23.11
C ASN E 242 -61.61 -0.08 22.76
N SER E 243 -60.79 0.42 21.82
CA SER E 243 -60.88 1.79 21.30
C SER E 243 -60.71 2.85 22.37
N LEU E 244 -59.99 2.54 23.44
CA LEU E 244 -59.81 3.49 24.52
C LEU E 244 -58.61 4.39 24.27
N SER E 245 -58.70 5.65 24.68
CA SER E 245 -57.50 6.48 24.74
C SER E 245 -56.53 5.88 25.76
N LEU E 246 -55.28 6.27 25.64
CA LEU E 246 -54.27 5.86 26.61
C LEU E 246 -54.72 6.23 28.04
N GLU E 247 -55.16 7.47 28.23
CA GLU E 247 -55.51 7.90 29.57
C GLU E 247 -56.70 7.11 30.11
N GLU E 248 -57.66 6.81 29.24
CA GLU E 248 -58.79 6.03 29.69
C GLU E 248 -58.40 4.55 29.94
N ALA E 249 -57.50 4.01 29.11
CA ALA E 249 -56.98 2.64 29.33
C ALA E 249 -56.31 2.55 30.70
N LYS E 250 -55.53 3.57 31.05
CA LYS E 250 -54.81 3.59 32.34
C LYS E 250 -55.82 3.57 33.48
N VAL E 251 -56.88 4.38 33.37
CA VAL E 251 -57.97 4.34 34.37
C VAL E 251 -58.59 2.94 34.52
N GLN E 252 -58.96 2.31 33.41
CA GLN E 252 -59.53 0.98 33.50
C GLN E 252 -58.55 -0.12 33.95
N LEU E 253 -57.28 -0.07 33.53
CA LEU E 253 -56.30 -1.04 34.07
C LEU E 253 -56.14 -0.88 35.58
N SER E 254 -56.15 0.37 36.04
CA SER E 254 -56.01 0.69 37.44
C SER E 254 -57.18 0.08 38.25
N GLU E 255 -58.39 0.14 37.69
CA GLU E 255 -59.56 -0.46 38.32
C GLU E 255 -59.44 -1.97 38.32
N LEU E 256 -59.07 -2.56 37.18
CA LEU E 256 -58.88 -4.01 37.11
C LEU E 256 -57.84 -4.51 38.13
N ALA E 257 -56.78 -3.73 38.35
CA ALA E 257 -55.67 -4.09 39.25
C ALA E 257 -56.15 -4.22 40.72
N GLN E 258 -57.37 -3.78 41.01
CA GLN E 258 -57.94 -3.87 42.36
C GLN E 258 -59.13 -4.82 42.43
N ALA E 259 -59.27 -5.67 41.43
CA ALA E 259 -60.39 -6.62 41.33
C ALA E 259 -60.42 -7.62 42.49
N GLY E 260 -59.25 -7.91 43.06
CA GLY E 260 -59.14 -8.89 44.13
C GLY E 260 -58.91 -10.33 43.66
N GLY E 261 -58.31 -10.50 42.50
CA GLY E 261 -58.08 -11.84 41.94
C GLY E 261 -56.61 -12.16 41.83
N ASP E 262 -56.31 -13.32 41.24
CA ASP E 262 -54.92 -13.77 41.13
C ASP E 262 -54.04 -12.79 40.34
N GLY E 263 -54.63 -12.03 39.42
CA GLY E 263 -53.82 -11.20 38.51
C GLY E 263 -53.57 -9.77 38.94
N ASP E 264 -53.97 -9.40 40.16
CA ASP E 264 -53.96 -7.98 40.58
C ASP E 264 -52.58 -7.33 40.45
N ALA E 265 -51.58 -8.00 40.99
CA ALA E 265 -50.21 -7.44 40.97
C ALA E 265 -49.64 -7.36 39.55
N ALA E 266 -49.97 -8.33 38.71
CA ALA E 266 -49.51 -8.31 37.34
C ALA E 266 -50.13 -7.15 36.57
N VAL E 267 -51.45 -6.96 36.73
CA VAL E 267 -52.11 -5.84 36.06
C VAL E 267 -51.55 -4.51 36.55
N LYS E 268 -51.23 -4.44 37.84
CA LYS E 268 -50.65 -3.25 38.42
C LYS E 268 -49.27 -2.96 37.82
N ALA E 269 -48.46 -4.00 37.65
CA ALA E 269 -47.16 -3.85 37.00
C ALA E 269 -47.31 -3.39 35.55
N LEU E 270 -48.33 -3.89 34.87
CA LEU E 270 -48.60 -3.49 33.50
C LEU E 270 -48.92 -2.00 33.41
N VAL E 271 -49.90 -1.53 34.19
CA VAL E 271 -50.28 -0.11 34.10
C VAL E 271 -49.12 0.81 34.54
N ASP E 272 -48.39 0.43 35.59
CA ASP E 272 -47.23 1.19 36.02
C ASP E 272 -46.18 1.32 34.93
N PHE E 273 -45.99 0.28 34.11
CA PHE E 273 -45.04 0.32 33.02
C PHE E 273 -45.52 1.28 31.92
N VAL E 274 -46.80 1.13 31.56
CA VAL E 274 -47.39 1.99 30.55
C VAL E 274 -47.27 3.46 31.01
N GLU E 275 -47.56 3.74 32.27
CA GLU E 275 -47.49 5.12 32.81
CA GLU E 275 -47.49 5.12 32.79
C GLU E 275 -46.09 5.73 32.72
N SER E 276 -45.06 4.89 32.82
CA SER E 276 -43.68 5.38 32.84
C SER E 276 -42.96 5.34 31.50
N SER E 277 -43.68 5.05 30.41
CA SER E 277 -43.09 4.96 29.08
C SER E 277 -42.71 6.34 28.54
N GLN E 278 -41.49 6.48 28.06
CA GLN E 278 -41.00 7.71 27.43
C GLN E 278 -41.12 7.66 25.90
N ARG E 279 -40.78 6.52 25.30
CA ARG E 279 -40.85 6.38 23.86
C ARG E 279 -42.26 6.00 23.41
N GLY E 280 -43.11 5.63 24.36
CA GLY E 280 -44.43 5.11 24.06
C GLY E 280 -44.35 3.59 23.98
N ILE E 281 -45.51 2.95 24.04
CA ILE E 281 -45.61 1.51 23.85
C ILE E 281 -45.92 1.19 22.38
N ILE E 282 -45.50 0.00 21.98
CA ILE E 282 -45.85 -0.53 20.65
C ILE E 282 -47.39 -0.62 20.51
N ARG E 283 -47.87 -0.40 19.28
CA ARG E 283 -49.27 -0.51 18.93
C ARG E 283 -49.40 -1.22 17.60
N ARG F 24 2.94 -28.74 9.08
CA ARG F 24 1.55 -28.33 8.70
C ARG F 24 0.74 -27.75 9.84
N ILE F 25 1.09 -28.13 11.06
CA ILE F 25 0.43 -27.64 12.27
C ILE F 25 1.30 -26.53 12.85
N HIS F 26 0.76 -25.32 12.91
CA HIS F 26 1.52 -24.21 13.44
C HIS F 26 1.92 -24.46 14.89
N PRO F 27 3.15 -24.08 15.27
CA PRO F 27 3.59 -24.43 16.64
C PRO F 27 2.73 -23.81 17.77
N THR F 28 1.99 -22.75 17.45
CA THR F 28 1.06 -22.13 18.40
C THR F 28 -0.35 -22.72 18.40
N ALA F 29 -0.63 -23.66 17.51
CA ALA F 29 -1.92 -24.36 17.54
C ALA F 29 -1.89 -25.39 18.68
N ILE F 30 -3.05 -25.59 19.31
CA ILE F 30 -3.19 -26.54 20.40
C ILE F 30 -4.02 -27.70 19.87
N ILE F 31 -3.39 -28.87 19.72
CA ILE F 31 -4.07 -30.10 19.31
C ILE F 31 -4.18 -30.98 20.56
N GLU F 32 -5.38 -31.13 21.09
CA GLU F 32 -5.54 -31.83 22.36
C GLU F 32 -5.26 -33.32 22.15
N PRO F 33 -4.56 -33.94 23.11
CA PRO F 33 -4.39 -35.37 23.02
C PRO F 33 -5.72 -36.09 22.82
N GLY F 34 -5.76 -36.99 21.82
CA GLY F 34 -6.96 -37.68 21.41
C GLY F 34 -7.44 -37.28 20.01
N ALA F 35 -7.22 -36.02 19.63
CA ALA F 35 -7.64 -35.49 18.30
C ALA F 35 -6.99 -36.35 17.23
N GLN F 36 -7.75 -36.69 16.18
CA GLN F 36 -7.26 -37.56 15.09
C GLN F 36 -7.24 -36.75 13.79
N LEU F 37 -6.05 -36.35 13.38
CA LEU F 37 -5.90 -35.50 12.20
C LEU F 37 -5.13 -36.30 11.17
N HIS F 38 -5.62 -36.35 9.94
CA HIS F 38 -4.86 -36.92 8.82
C HIS F 38 -3.56 -36.14 8.72
N GLU F 39 -2.52 -36.84 8.31
CA GLU F 39 -1.18 -36.27 8.15
C GLU F 39 -1.12 -34.98 7.29
N THR F 40 -2.03 -34.83 6.34
CA THR F 40 -2.02 -33.68 5.46
C THR F 40 -2.91 -32.53 5.97
N VAL F 41 -3.54 -32.68 7.14
CA VAL F 41 -4.31 -31.56 7.73
C VAL F 41 -3.40 -30.41 8.11
N GLU F 42 -3.84 -29.18 7.79
CA GLU F 42 -3.10 -27.96 8.14
C GLU F 42 -3.89 -27.19 9.14
N VAL F 43 -3.19 -26.65 10.14
CA VAL F 43 -3.84 -25.90 11.21
C VAL F 43 -3.01 -24.64 11.49
N GLY F 44 -3.68 -23.50 11.39
CA GLY F 44 -3.01 -22.20 11.52
C GLY F 44 -2.76 -21.74 12.95
N PRO F 45 -2.08 -20.61 13.09
CA PRO F 45 -1.72 -20.08 14.40
C PRO F 45 -2.90 -19.91 15.35
N TYR F 46 -2.69 -20.28 16.60
CA TYR F 46 -3.64 -19.98 17.70
C TYR F 46 -4.98 -20.69 17.57
N ALA F 47 -5.07 -21.67 16.66
CA ALA F 47 -6.23 -22.54 16.58
C ALA F 47 -6.17 -23.66 17.62
N ILE F 48 -7.34 -24.19 17.95
CA ILE F 48 -7.50 -25.28 18.91
C ILE F 48 -8.36 -26.40 18.30
N VAL F 49 -7.87 -27.63 18.39
CA VAL F 49 -8.62 -28.84 17.97
C VAL F 49 -8.75 -29.73 19.21
N GLY F 50 -10.00 -29.99 19.57
CA GLY F 50 -10.34 -30.74 20.77
C GLY F 50 -10.13 -32.23 20.66
N SER F 51 -10.12 -32.89 21.82
CA SER F 51 -9.70 -34.28 21.91
C SER F 51 -10.64 -35.28 21.23
N ASN F 52 -11.86 -34.86 20.91
CA ASN F 52 -12.81 -35.77 20.25
C ASN F 52 -13.08 -35.42 18.79
N VAL F 53 -12.23 -34.61 18.21
CA VAL F 53 -12.35 -34.24 16.80
C VAL F 53 -11.55 -35.19 15.91
N THR F 54 -12.15 -35.56 14.78
CA THR F 54 -11.48 -36.26 13.69
CA THR F 54 -11.42 -36.22 13.71
C THR F 54 -11.49 -35.36 12.45
N ILE F 55 -10.34 -35.21 11.77
CA ILE F 55 -10.26 -34.34 10.59
C ILE F 55 -9.60 -35.09 9.44
N GLY F 56 -10.25 -35.07 8.28
CA GLY F 56 -9.83 -35.84 7.11
C GLY F 56 -8.82 -35.11 6.22
N ALA F 57 -8.30 -35.86 5.23
CA ALA F 57 -7.20 -35.42 4.43
C ALA F 57 -7.43 -34.08 3.73
N ARG F 58 -6.38 -33.28 3.75
CA ARG F 58 -6.28 -32.04 2.96
C ARG F 58 -7.20 -30.93 3.47
N THR F 59 -7.85 -31.14 4.60
CA THR F 59 -8.61 -30.07 5.24
C THR F 59 -7.62 -29.04 5.87
N THR F 60 -7.98 -27.77 5.75
CA THR F 60 -7.21 -26.69 6.32
C THR F 60 -8.10 -25.95 7.35
N ILE F 61 -7.48 -25.63 8.48
CA ILE F 61 -8.13 -24.91 9.58
C ILE F 61 -7.37 -23.61 9.78
N GLY F 62 -8.06 -22.50 9.63
CA GLY F 62 -7.46 -21.18 9.75
C GLY F 62 -7.17 -20.74 11.16
N SER F 63 -6.40 -19.67 11.28
CA SER F 63 -6.00 -19.16 12.56
C SER F 63 -7.18 -18.81 13.46
N HIS F 64 -6.99 -19.03 14.76
CA HIS F 64 -7.88 -18.60 15.82
C HIS F 64 -9.13 -19.44 15.90
N SER F 65 -9.26 -20.49 15.06
CA SER F 65 -10.47 -21.28 15.03
C SER F 65 -10.49 -22.31 16.17
N VAL F 66 -11.68 -22.67 16.65
CA VAL F 66 -11.84 -23.65 17.73
C VAL F 66 -12.73 -24.76 17.25
N ILE F 67 -12.11 -25.92 17.03
CA ILE F 67 -12.82 -27.11 16.59
C ILE F 67 -12.93 -28.01 17.82
N GLU F 68 -14.16 -28.33 18.21
CA GLU F 68 -14.43 -29.02 19.46
C GLU F 68 -15.64 -29.95 19.32
N GLY F 69 -16.07 -30.57 20.41
CA GLY F 69 -17.19 -31.49 20.35
C GLY F 69 -16.75 -32.85 19.80
N HIS F 70 -17.69 -33.78 19.80
CA HIS F 70 -17.52 -35.07 19.12
C HIS F 70 -17.81 -34.83 17.66
N THR F 71 -16.79 -34.36 16.96
CA THR F 71 -16.97 -33.77 15.63
C THR F 71 -16.10 -34.50 14.60
N THR F 72 -16.71 -34.85 13.48
CA THR F 72 -16.04 -35.51 12.36
C THR F 72 -16.11 -34.60 11.16
N ILE F 73 -14.95 -34.33 10.56
CA ILE F 73 -14.80 -33.43 9.41
C ILE F 73 -14.08 -34.23 8.32
N GLY F 74 -14.63 -34.18 7.09
CA GLY F 74 -14.10 -34.94 5.97
C GLY F 74 -12.91 -34.29 5.29
N GLU F 75 -12.84 -34.49 3.98
CA GLU F 75 -11.69 -34.16 3.18
C GLU F 75 -11.85 -32.85 2.41
N ASP F 76 -10.72 -32.19 2.17
CA ASP F 76 -10.65 -31.01 1.31
C ASP F 76 -11.56 -29.86 1.77
N ASN F 77 -11.83 -29.79 3.07
CA ASN F 77 -12.56 -28.63 3.62
C ASN F 77 -11.63 -27.45 3.83
N ARG F 78 -12.18 -26.27 3.57
CA ARG F 78 -11.46 -25.01 3.80
C ARG F 78 -12.20 -24.25 4.88
N ILE F 79 -11.68 -24.31 6.10
CA ILE F 79 -12.30 -23.68 7.27
C ILE F 79 -11.43 -22.47 7.62
N GLY F 80 -12.04 -21.28 7.64
CA GLY F 80 -11.33 -20.03 7.75
C GLY F 80 -10.93 -19.71 9.17
N HIS F 81 -10.74 -18.41 9.42
CA HIS F 81 -10.38 -17.87 10.74
C HIS F 81 -11.60 -17.69 11.62
N TYR F 82 -11.40 -17.84 12.92
CA TYR F 82 -12.46 -17.57 13.88
C TYR F 82 -13.71 -18.42 13.60
N ALA F 83 -13.50 -19.67 13.23
CA ALA F 83 -14.61 -20.60 13.00
C ALA F 83 -14.80 -21.38 14.27
N SER F 84 -16.02 -21.33 14.81
CA SER F 84 -16.40 -22.10 15.98
C SER F 84 -17.19 -23.33 15.51
N VAL F 85 -16.50 -24.46 15.41
CA VAL F 85 -17.05 -25.67 14.82
C VAL F 85 -17.13 -26.75 15.87
N GLY F 86 -18.37 -27.15 16.25
CA GLY F 86 -18.59 -28.25 17.19
C GLY F 86 -18.85 -27.82 18.60
N GLY F 87 -19.11 -26.51 18.77
CA GLY F 87 -19.57 -25.92 20.02
C GLY F 87 -20.85 -26.57 20.51
N ARG F 88 -21.13 -26.43 21.79
CA ARG F 88 -22.29 -27.15 22.33
C ARG F 88 -23.60 -26.44 21.94
N PRO F 89 -24.70 -27.18 21.96
CA PRO F 89 -25.99 -26.57 21.68
C PRO F 89 -26.33 -25.38 22.58
N GLN F 90 -27.11 -24.46 22.02
CA GLN F 90 -27.63 -23.34 22.80
C GLN F 90 -28.99 -23.63 23.43
N ASP F 91 -29.36 -24.91 23.42
CA ASP F 91 -30.58 -25.43 24.04
C ASP F 91 -30.41 -25.51 25.56
N MET F 92 -31.36 -24.93 26.28
CA MET F 92 -31.24 -24.89 27.74
C MET F 92 -31.35 -26.26 28.40
N LYS F 93 -31.86 -27.25 27.67
CA LYS F 93 -32.02 -28.62 28.17
C LYS F 93 -30.72 -29.43 28.02
N TYR F 94 -29.73 -28.89 27.30
CA TYR F 94 -28.46 -29.62 27.07
C TYR F 94 -27.70 -29.84 28.37
N LYS F 95 -27.28 -31.08 28.62
CA LYS F 95 -26.57 -31.43 29.86
C LYS F 95 -25.24 -32.14 29.56
N ASP F 96 -24.43 -31.53 28.69
CA ASP F 96 -23.09 -32.00 28.35
C ASP F 96 -23.00 -33.40 27.76
N GLU F 97 -24.08 -33.89 27.14
CA GLU F 97 -24.03 -35.20 26.49
C GLU F 97 -23.04 -35.16 25.29
N PRO F 98 -22.40 -36.31 24.97
CA PRO F 98 -21.44 -36.39 23.87
C PRO F 98 -22.09 -36.47 22.49
N THR F 99 -22.93 -35.49 22.17
CA THR F 99 -23.60 -35.45 20.90
C THR F 99 -22.62 -35.03 19.80
N ARG F 100 -23.07 -35.13 18.56
CA ARG F 100 -22.17 -35.16 17.44
C ARG F 100 -22.42 -34.04 16.43
N LEU F 101 -21.37 -33.72 15.71
CA LEU F 101 -21.43 -32.90 14.50
C LEU F 101 -20.66 -33.65 13.41
N VAL F 102 -21.27 -33.82 12.25
CA VAL F 102 -20.65 -34.53 11.13
C VAL F 102 -20.64 -33.58 9.93
N ILE F 103 -19.47 -33.34 9.37
CA ILE F 103 -19.29 -32.47 8.22
C ILE F 103 -18.58 -33.27 7.13
N GLY F 104 -19.09 -33.15 5.89
CA GLY F 104 -18.60 -33.91 4.74
C GLY F 104 -17.33 -33.28 4.13
N ASP F 105 -17.27 -33.29 2.80
CA ASP F 105 -16.09 -32.92 2.04
C ASP F 105 -16.29 -31.66 1.23
N ARG F 106 -15.18 -30.97 0.97
CA ARG F 106 -15.14 -29.84 0.04
C ARG F 106 -16.08 -28.71 0.42
N ASN F 107 -16.25 -28.49 1.70
CA ASN F 107 -16.99 -27.35 2.22
C ASN F 107 -16.06 -26.18 2.45
N THR F 108 -16.58 -24.98 2.21
CA THR F 108 -15.91 -23.78 2.54
C THR F 108 -16.70 -23.13 3.67
N ILE F 109 -16.01 -22.79 4.76
CA ILE F 109 -16.65 -22.21 5.94
C ILE F 109 -15.85 -20.98 6.32
N ARG F 110 -16.49 -19.81 6.28
CA ARG F 110 -15.78 -18.57 6.51
C ARG F 110 -15.80 -18.13 7.99
N GLU F 111 -15.48 -16.86 8.20
CA GLU F 111 -15.18 -16.30 9.52
C GLU F 111 -16.40 -16.06 10.40
N PHE F 112 -16.19 -16.18 11.70
CA PHE F 112 -17.21 -15.85 12.72
C PHE F 112 -18.47 -16.72 12.53
N THR F 113 -18.23 -17.96 12.15
CA THR F 113 -19.27 -18.94 11.95
C THR F 113 -19.45 -19.81 13.20
N THR F 114 -20.66 -20.30 13.41
CA THR F 114 -20.95 -21.20 14.54
C THR F 114 -21.74 -22.38 14.00
N ILE F 115 -21.20 -23.58 14.26
CA ILE F 115 -21.88 -24.81 13.91
C ILE F 115 -21.86 -25.68 15.20
N HIS F 116 -23.04 -26.06 15.68
CA HIS F 116 -23.15 -26.76 16.95
C HIS F 116 -23.47 -28.23 16.79
N THR F 117 -23.14 -29.00 17.83
CA THR F 117 -23.47 -30.40 17.91
C THR F 117 -24.95 -30.57 18.15
N GLY F 118 -25.41 -31.85 18.13
CA GLY F 118 -26.84 -32.15 18.30
C GLY F 118 -27.30 -32.25 19.73
N THR F 119 -28.58 -32.64 19.90
CA THR F 119 -29.16 -32.81 21.24
C THR F 119 -29.78 -34.21 21.34
N VAL F 120 -29.79 -34.77 22.56
CA VAL F 120 -30.34 -36.13 22.74
C VAL F 120 -31.85 -36.18 22.54
N GLN F 121 -32.53 -35.04 22.69
CA GLN F 121 -33.98 -34.99 22.43
C GLN F 121 -34.35 -35.13 20.96
N ASP F 122 -33.40 -34.96 20.05
CA ASP F 122 -33.68 -35.16 18.63
C ASP F 122 -33.00 -36.50 18.29
N ALA F 123 -31.92 -36.45 17.52
CA ALA F 123 -31.17 -37.61 17.10
C ALA F 123 -29.69 -37.52 17.47
N GLY F 124 -29.35 -36.56 18.34
CA GLY F 124 -28.00 -36.37 18.85
C GLY F 124 -26.94 -35.96 17.85
N VAL F 125 -27.33 -35.44 16.68
CA VAL F 125 -26.36 -35.11 15.63
C VAL F 125 -26.80 -33.92 14.79
N THR F 126 -25.84 -33.06 14.48
CA THR F 126 -25.93 -32.05 13.43
C THR F 126 -25.11 -32.52 12.24
N THR F 127 -25.66 -32.36 11.04
CA THR F 127 -25.02 -32.88 9.82
C THR F 127 -24.95 -31.82 8.71
N LEU F 128 -23.80 -31.78 8.04
CA LEU F 128 -23.57 -31.03 6.81
C LEU F 128 -22.96 -31.99 5.81
N GLY F 129 -23.42 -31.93 4.57
CA GLY F 129 -22.92 -32.78 3.50
C GLY F 129 -21.67 -32.22 2.84
N ASP F 130 -21.66 -32.23 1.52
CA ASP F 130 -20.49 -31.88 0.73
C ASP F 130 -20.70 -30.63 -0.07
N ASP F 131 -19.60 -29.97 -0.46
CA ASP F 131 -19.63 -28.93 -1.49
C ASP F 131 -20.49 -27.73 -1.08
N ASN F 132 -20.56 -27.45 0.22
CA ASN F 132 -21.36 -26.35 0.71
C ASN F 132 -20.51 -25.08 0.87
N TRP F 133 -21.18 -23.92 0.79
CA TRP F 133 -20.53 -22.63 0.86
C TRP F 133 -21.18 -21.92 2.01
N ILE F 134 -20.43 -21.83 3.12
CA ILE F 134 -20.94 -21.26 4.36
CA ILE F 134 -20.92 -21.29 4.40
C ILE F 134 -20.20 -19.95 4.65
N MET F 135 -20.90 -18.84 4.43
CA MET F 135 -20.24 -17.50 4.48
C MET F 135 -20.13 -17.00 5.92
N ALA F 136 -19.48 -15.83 6.05
CA ALA F 136 -19.19 -15.30 7.36
C ALA F 136 -20.49 -15.05 8.11
N TYR F 137 -20.39 -15.19 9.44
CA TYR F 137 -21.47 -14.91 10.40
C TYR F 137 -22.62 -15.91 10.34
N VAL F 138 -22.42 -16.98 9.56
CA VAL F 138 -23.49 -17.98 9.43
C VAL F 138 -23.55 -18.80 10.73
N HIS F 139 -24.79 -19.04 11.18
CA HIS F 139 -25.09 -19.83 12.38
C HIS F 139 -25.92 -21.03 11.99
N ILE F 140 -25.43 -22.21 12.36
CA ILE F 140 -26.13 -23.51 12.19
C ILE F 140 -26.34 -24.15 13.58
N GLY F 141 -27.58 -24.01 14.05
CA GLY F 141 -27.97 -24.49 15.37
C GLY F 141 -28.00 -26.00 15.53
N HIS F 142 -28.08 -26.43 16.76
CA HIS F 142 -28.14 -27.85 17.09
C HIS F 142 -29.16 -28.60 16.26
N ASP F 143 -28.77 -29.79 15.80
CA ASP F 143 -29.67 -30.74 15.13
C ASP F 143 -30.08 -30.32 13.71
N CYS F 144 -29.44 -29.32 13.15
CA CYS F 144 -29.70 -29.01 11.74
C CYS F 144 -29.20 -30.18 10.86
N ARG F 145 -29.87 -30.35 9.71
CA ARG F 145 -29.51 -31.31 8.71
C ARG F 145 -29.37 -30.58 7.36
N VAL F 146 -28.12 -30.33 6.94
CA VAL F 146 -27.83 -29.56 5.75
C VAL F 146 -27.23 -30.52 4.71
N GLY F 147 -27.75 -30.46 3.49
CA GLY F 147 -27.32 -31.38 2.44
C GLY F 147 -26.03 -30.95 1.79
N SER F 148 -26.03 -30.92 0.45
CA SER F 148 -24.85 -30.70 -0.35
C SER F 148 -25.13 -29.59 -1.36
N HIS F 149 -24.06 -28.89 -1.77
CA HIS F 149 -24.16 -27.80 -2.71
C HIS F 149 -25.04 -26.66 -2.22
N VAL F 150 -25.15 -26.50 -0.90
CA VAL F 150 -25.98 -25.42 -0.33
C VAL F 150 -25.12 -24.16 -0.21
N VAL F 151 -25.75 -23.01 -0.45
CA VAL F 151 -25.10 -21.74 -0.21
C VAL F 151 -25.82 -21.06 0.97
N LEU F 152 -25.08 -20.78 2.04
CA LEU F 152 -25.56 -19.97 3.17
C LEU F 152 -24.81 -18.63 3.18
N SER F 153 -25.52 -17.58 2.79
CA SER F 153 -24.93 -16.27 2.61
C SER F 153 -24.69 -15.58 3.94
N SER F 154 -23.89 -14.52 3.90
CA SER F 154 -23.45 -13.89 5.13
C SER F 154 -24.54 -13.59 6.16
N ASN F 155 -24.35 -14.09 7.40
CA ASN F 155 -25.23 -13.81 8.51
C ASN F 155 -26.62 -14.45 8.35
N ALA F 156 -26.72 -15.49 7.52
CA ALA F 156 -27.92 -16.38 7.54
C ALA F 156 -27.79 -17.26 8.80
N GLN F 157 -28.85 -17.29 9.59
CA GLN F 157 -28.83 -17.96 10.86
C GLN F 157 -30.04 -18.88 11.00
N MET F 158 -29.73 -20.12 11.31
CA MET F 158 -30.73 -21.15 11.44
C MET F 158 -30.77 -21.61 12.89
N ALA F 159 -31.97 -21.65 13.46
CA ALA F 159 -32.12 -22.10 14.83
C ALA F 159 -32.12 -23.65 14.82
N GLY F 160 -32.58 -24.27 15.88
CA GLY F 160 -32.39 -25.72 15.99
C GLY F 160 -33.20 -26.49 14.97
N HIS F 161 -32.72 -27.68 14.61
CA HIS F 161 -33.52 -28.64 13.86
C HIS F 161 -33.96 -28.17 12.46
N VAL F 162 -33.21 -27.30 11.80
CA VAL F 162 -33.58 -26.83 10.45
C VAL F 162 -33.03 -27.79 9.43
N GLU F 163 -33.84 -28.15 8.44
CA GLU F 163 -33.40 -29.04 7.38
CA GLU F 163 -33.44 -29.07 7.36
C GLU F 163 -33.20 -28.22 6.11
N ILE F 164 -32.07 -28.43 5.44
CA ILE F 164 -31.80 -27.67 4.20
C ILE F 164 -31.38 -28.65 3.13
N GLY F 165 -32.21 -28.76 2.10
CA GLY F 165 -31.98 -29.72 1.02
C GLY F 165 -30.92 -29.27 0.03
N ASP F 166 -30.52 -30.21 -0.80
CA ASP F 166 -29.44 -30.00 -1.74
C ASP F 166 -29.68 -28.80 -2.66
N TRP F 167 -28.61 -28.05 -2.93
CA TRP F 167 -28.64 -26.90 -3.85
C TRP F 167 -29.40 -25.66 -3.41
N ALA F 168 -29.97 -25.67 -2.20
CA ALA F 168 -30.72 -24.54 -1.70
C ALA F 168 -29.78 -23.36 -1.50
N ILE F 169 -30.30 -22.14 -1.71
CA ILE F 169 -29.56 -20.89 -1.50
C ILE F 169 -30.31 -20.05 -0.48
N VAL F 170 -29.62 -19.65 0.59
CA VAL F 170 -30.25 -18.83 1.64
C VAL F 170 -29.56 -17.46 1.64
N GLY F 171 -30.34 -16.39 1.41
CA GLY F 171 -29.76 -15.04 1.33
C GLY F 171 -29.26 -14.53 2.68
N GLY F 172 -28.40 -13.53 2.61
CA GLY F 172 -27.76 -12.97 3.79
C GLY F 172 -28.73 -12.27 4.73
N MET F 173 -28.33 -12.20 6.00
CA MET F 173 -29.11 -11.52 7.06
CA MET F 173 -29.10 -11.53 7.06
C MET F 173 -30.53 -12.06 7.17
N SER F 174 -30.69 -13.36 6.99
CA SER F 174 -32.00 -13.97 7.07
C SER F 174 -32.00 -14.81 8.36
N GLY F 175 -33.18 -15.01 8.95
CA GLY F 175 -33.32 -15.85 10.17
C GLY F 175 -34.32 -16.93 9.88
N VAL F 176 -34.00 -18.17 10.26
CA VAL F 176 -34.90 -19.30 9.97
C VAL F 176 -35.30 -19.95 11.31
N HIS F 177 -36.60 -20.08 11.54
CA HIS F 177 -37.20 -20.56 12.79
C HIS F 177 -36.86 -22.02 12.96
N GLN F 178 -36.79 -22.48 14.21
CA GLN F 178 -36.54 -23.89 14.51
C GLN F 178 -37.57 -24.78 13.84
N TYR F 179 -37.11 -25.95 13.40
CA TYR F 179 -37.92 -26.99 12.76
C TYR F 179 -38.41 -26.69 11.32
N VAL F 180 -38.05 -25.53 10.75
CA VAL F 180 -38.38 -25.24 9.36
C VAL F 180 -37.55 -26.11 8.45
N ARG F 181 -38.14 -26.50 7.34
CA ARG F 181 -37.44 -27.19 6.29
C ARG F 181 -37.38 -26.36 5.04
N ILE F 182 -36.18 -26.27 4.49
CA ILE F 182 -35.89 -25.58 3.24
C ILE F 182 -35.66 -26.63 2.17
N GLY F 183 -36.56 -26.65 1.21
CA GLY F 183 -36.57 -27.68 0.18
C GLY F 183 -35.35 -27.62 -0.72
N ALA F 184 -34.99 -28.77 -1.29
CA ALA F 184 -33.95 -28.83 -2.32
C ALA F 184 -34.24 -27.90 -3.48
N HIS F 185 -33.19 -27.21 -3.96
CA HIS F 185 -33.29 -26.29 -5.10
C HIS F 185 -34.13 -25.08 -4.87
N SER F 186 -34.44 -24.76 -3.62
CA SER F 186 -35.22 -23.58 -3.32
C SER F 186 -34.27 -22.36 -3.11
N MET F 187 -34.83 -21.16 -3.01
CA MET F 187 -34.02 -19.98 -2.67
C MET F 187 -34.76 -19.12 -1.69
N LEU F 188 -34.05 -18.55 -0.72
CA LEU F 188 -34.63 -17.58 0.21
C LEU F 188 -33.89 -16.26 0.01
N GLY F 189 -34.62 -15.20 -0.30
CA GLY F 189 -34.03 -13.86 -0.58
C GLY F 189 -33.38 -13.34 0.69
N GLY F 190 -32.45 -12.40 0.54
CA GLY F 190 -31.82 -11.79 1.69
C GLY F 190 -32.80 -11.03 2.55
N ALA F 191 -32.41 -10.86 3.82
CA ALA F 191 -33.15 -10.10 4.80
C ALA F 191 -34.56 -10.69 4.97
N SER F 192 -34.66 -12.01 4.96
CA SER F 192 -35.95 -12.67 5.12
C SER F 192 -36.07 -13.33 6.48
N ALA F 193 -37.32 -13.51 6.91
CA ALA F 193 -37.65 -14.20 8.17
C ALA F 193 -38.55 -15.36 7.79
N LEU F 194 -38.06 -16.57 8.00
CA LEU F 194 -38.73 -17.75 7.45
C LEU F 194 -39.27 -18.55 8.64
N VAL F 195 -40.58 -18.64 8.75
CA VAL F 195 -41.21 -19.32 9.87
C VAL F 195 -41.98 -20.60 9.48
N GLN F 196 -42.08 -20.88 8.18
CA GLN F 196 -42.67 -22.11 7.64
C GLN F 196 -41.78 -22.64 6.51
N ASP F 197 -42.09 -23.83 6.02
CA ASP F 197 -41.25 -24.54 5.10
C ASP F 197 -41.27 -23.87 3.69
N ILE F 198 -40.14 -23.90 3.03
CA ILE F 198 -40.07 -23.58 1.58
C ILE F 198 -40.11 -24.87 0.84
N PRO F 199 -41.12 -25.07 0.01
CA PRO F 199 -41.11 -26.32 -0.77
C PRO F 199 -39.91 -26.37 -1.71
N PRO F 200 -39.48 -27.59 -2.06
CA PRO F 200 -38.43 -27.67 -3.05
C PRO F 200 -38.79 -26.92 -4.31
N PHE F 201 -37.76 -26.39 -4.99
CA PHE F 201 -37.90 -25.74 -6.29
C PHE F 201 -38.52 -24.32 -6.27
N VAL F 202 -38.80 -23.78 -5.08
CA VAL F 202 -39.59 -22.54 -4.91
C VAL F 202 -38.66 -21.40 -4.47
N ILE F 203 -38.92 -20.21 -4.99
CA ILE F 203 -38.31 -18.96 -4.53
C ILE F 203 -39.19 -18.33 -3.46
N ALA F 204 -38.59 -17.91 -2.35
CA ALA F 204 -39.32 -17.23 -1.28
C ALA F 204 -38.56 -16.00 -0.85
N ALA F 205 -39.29 -15.02 -0.32
CA ALA F 205 -38.63 -13.82 0.22
C ALA F 205 -39.57 -13.03 1.12
N GLY F 206 -38.98 -12.25 2.04
CA GLY F 206 -39.72 -11.27 2.81
C GLY F 206 -39.66 -11.54 4.30
N ASN F 207 -40.26 -10.62 5.08
CA ASN F 207 -40.39 -10.79 6.53
C ASN F 207 -41.89 -10.55 6.88
N LYS F 208 -42.71 -11.61 6.97
CA LYS F 208 -42.26 -13.01 6.87
C LYS F 208 -42.17 -13.46 5.40
N ALA F 209 -41.42 -14.51 5.16
CA ALA F 209 -41.18 -14.95 3.79
C ALA F 209 -42.42 -15.53 3.17
N GLU F 210 -42.68 -15.17 1.90
CA GLU F 210 -43.78 -15.63 1.09
C GLU F 210 -43.26 -16.25 -0.21
N PRO F 211 -44.04 -17.15 -0.84
CA PRO F 211 -43.53 -17.78 -2.09
C PRO F 211 -43.69 -16.84 -3.30
N HIS F 212 -42.74 -16.90 -4.25
CA HIS F 212 -42.68 -16.05 -5.47
C HIS F 212 -42.28 -16.84 -6.72
N GLY F 213 -42.79 -18.06 -6.83
CA GLY F 213 -42.68 -18.85 -8.05
C GLY F 213 -41.60 -19.92 -7.96
N ILE F 214 -41.50 -20.68 -9.05
CA ILE F 214 -40.47 -21.71 -9.22
C ILE F 214 -39.11 -21.06 -9.51
N ASN F 215 -38.05 -21.69 -9.01
CA ASN F 215 -36.68 -21.25 -9.22
C ASN F 215 -36.22 -21.72 -10.63
N VAL F 216 -36.77 -21.08 -11.64
CA VAL F 216 -36.62 -21.55 -13.00
C VAL F 216 -35.14 -21.50 -13.42
N GLU F 217 -34.45 -20.42 -13.09
CA GLU F 217 -33.07 -20.29 -13.56
C GLU F 217 -32.11 -21.29 -12.88
N GLY F 218 -32.26 -21.48 -11.56
CA GLY F 218 -31.49 -22.49 -10.88
C GLY F 218 -31.71 -23.89 -11.43
N LEU F 219 -32.96 -24.25 -11.71
CA LEU F 219 -33.24 -25.58 -12.24
C LEU F 219 -32.63 -25.71 -13.62
N ARG F 220 -32.74 -24.65 -14.42
CA ARG F 220 -32.20 -24.73 -15.81
C ARG F 220 -30.69 -24.94 -15.73
N ARG F 221 -30.01 -24.21 -14.85
CA ARG F 221 -28.57 -24.33 -14.70
C ARG F 221 -28.13 -25.70 -14.21
N ARG F 222 -28.99 -26.41 -13.49
CA ARG F 222 -28.64 -27.69 -12.90
C ARG F 222 -29.10 -28.87 -13.78
N GLY F 223 -29.58 -28.59 -14.99
CA GLY F 223 -29.85 -29.65 -15.95
C GLY F 223 -31.26 -30.23 -15.97
N PHE F 224 -32.22 -29.56 -15.31
CA PHE F 224 -33.63 -29.95 -15.41
C PHE F 224 -34.11 -29.57 -16.80
N SER F 225 -34.92 -30.44 -17.36
CA SER F 225 -35.40 -30.30 -18.74
C SER F 225 -36.51 -29.27 -18.79
N PRO F 226 -36.74 -28.66 -19.98
CA PRO F 226 -37.89 -27.77 -20.09
C PRO F 226 -39.21 -28.41 -19.65
N ASP F 227 -39.43 -29.68 -19.97
CA ASP F 227 -40.67 -30.35 -19.59
C ASP F 227 -40.80 -30.51 -18.08
N ALA F 228 -39.69 -30.76 -17.39
CA ALA F 228 -39.74 -30.89 -15.94
C ALA F 228 -40.07 -29.54 -15.30
N ILE F 229 -39.43 -28.47 -15.79
CA ILE F 229 -39.64 -27.12 -15.25
C ILE F 229 -41.10 -26.71 -15.46
N SER F 230 -41.64 -27.05 -16.64
CA SER F 230 -43.03 -26.73 -16.98
CA SER F 230 -43.02 -26.72 -16.99
C SER F 230 -44.00 -27.44 -16.05
N ALA F 231 -43.72 -28.71 -15.75
CA ALA F 231 -44.58 -29.45 -14.80
C ALA F 231 -44.58 -28.82 -13.39
N LEU F 232 -43.42 -28.31 -13.00
CA LEU F 232 -43.24 -27.65 -11.70
C LEU F 232 -43.93 -26.30 -11.69
N ARG F 233 -43.90 -25.58 -12.80
CA ARG F 233 -44.74 -24.39 -12.89
C ARG F 233 -46.23 -24.70 -12.75
N SER F 234 -46.71 -25.78 -13.38
CA SER F 234 -48.09 -26.22 -13.20
CA SER F 234 -48.09 -26.22 -13.20
C SER F 234 -48.37 -26.61 -11.73
N ALA F 235 -47.42 -27.34 -11.13
CA ALA F 235 -47.52 -27.74 -9.72
C ALA F 235 -47.62 -26.53 -8.81
N TYR F 236 -46.87 -25.47 -9.11
CA TYR F 236 -46.89 -24.28 -8.28
C TYR F 236 -48.27 -23.63 -8.30
N ARG F 237 -48.85 -23.53 -9.49
CA ARG F 237 -50.20 -23.00 -9.61
C ARG F 237 -51.23 -23.86 -8.86
N ILE F 238 -51.14 -25.18 -9.00
CA ILE F 238 -52.03 -26.09 -8.25
C ILE F 238 -51.95 -25.85 -6.74
N LEU F 239 -50.72 -25.71 -6.25
CA LEU F 239 -50.54 -25.51 -4.82
C LEU F 239 -50.99 -24.16 -4.30
N TYR F 240 -50.78 -23.10 -5.08
CA TYR F 240 -50.89 -21.71 -4.60
C TYR F 240 -51.83 -20.75 -5.33
N LYS F 241 -52.19 -21.03 -6.57
CA LYS F 241 -52.85 -20.00 -7.43
C LYS F 241 -54.22 -20.38 -7.93
N ASN F 242 -54.65 -21.60 -7.66
CA ASN F 242 -55.87 -22.12 -8.23
C ASN F 242 -57.04 -22.20 -7.24
N SER F 243 -56.93 -21.45 -6.15
CA SER F 243 -57.95 -21.42 -5.10
C SER F 243 -58.34 -22.80 -4.58
N LEU F 244 -57.36 -23.72 -4.51
CA LEU F 244 -57.58 -25.04 -3.92
C LEU F 244 -57.31 -25.05 -2.44
N SER F 245 -58.11 -25.83 -1.73
CA SER F 245 -57.77 -26.20 -0.36
C SER F 245 -56.49 -27.03 -0.38
N LEU F 246 -55.85 -27.17 0.77
CA LEU F 246 -54.63 -27.98 0.85
C LEU F 246 -54.90 -29.43 0.42
N GLU F 247 -56.02 -29.99 0.85
CA GLU F 247 -56.30 -31.39 0.56
C GLU F 247 -56.47 -31.62 -0.94
N GLU F 248 -57.20 -30.73 -1.59
CA GLU F 248 -57.41 -30.87 -3.03
CA GLU F 248 -57.42 -30.77 -3.03
C GLU F 248 -56.11 -30.64 -3.80
N ALA F 249 -55.27 -29.70 -3.36
CA ALA F 249 -53.94 -29.50 -3.97
C ALA F 249 -53.11 -30.79 -3.88
N LYS F 250 -53.13 -31.45 -2.73
CA LYS F 250 -52.37 -32.72 -2.56
C LYS F 250 -52.87 -33.79 -3.55
N VAL F 251 -54.18 -33.86 -3.74
CA VAL F 251 -54.77 -34.84 -4.68
C VAL F 251 -54.36 -34.53 -6.11
N GLN F 252 -54.47 -33.26 -6.50
CA GLN F 252 -54.08 -32.86 -7.84
C GLN F 252 -52.57 -33.01 -8.07
N LEU F 253 -51.74 -32.72 -7.07
CA LEU F 253 -50.32 -32.88 -7.30
C LEU F 253 -49.97 -34.37 -7.41
N SER F 254 -50.64 -35.21 -6.63
CA SER F 254 -50.38 -36.64 -6.72
CA SER F 254 -50.46 -36.65 -6.70
C SER F 254 -50.72 -37.20 -8.10
N GLU F 255 -51.73 -36.62 -8.77
CA GLU F 255 -52.05 -37.00 -10.14
C GLU F 255 -51.03 -36.48 -11.15
N LEU F 256 -50.64 -35.20 -10.99
CA LEU F 256 -49.58 -34.61 -11.82
C LEU F 256 -48.28 -35.40 -11.72
N ALA F 257 -47.96 -35.88 -10.53
CA ALA F 257 -46.76 -36.71 -10.31
C ALA F 257 -46.79 -38.05 -11.05
N GLN F 258 -47.98 -38.43 -11.56
CA GLN F 258 -48.12 -39.66 -12.31
C GLN F 258 -48.43 -39.39 -13.79
N ALA F 259 -48.08 -38.19 -14.27
CA ALA F 259 -48.41 -37.75 -15.64
C ALA F 259 -47.60 -38.48 -16.73
N GLY F 260 -46.51 -39.14 -16.36
CA GLY F 260 -45.67 -39.85 -17.32
C GLY F 260 -44.70 -38.93 -18.06
N GLY F 261 -44.36 -37.78 -17.47
CA GLY F 261 -43.43 -36.83 -18.07
C GLY F 261 -42.12 -36.74 -17.31
N ASP F 262 -41.21 -35.92 -17.82
CA ASP F 262 -39.89 -35.71 -17.22
CA ASP F 262 -39.92 -35.82 -17.18
C ASP F 262 -40.06 -35.20 -15.80
N GLY F 263 -41.16 -34.48 -15.57
CA GLY F 263 -41.42 -33.83 -14.28
C GLY F 263 -41.93 -34.70 -13.15
N ASP F 264 -42.25 -35.97 -13.44
CA ASP F 264 -42.91 -36.84 -12.46
C ASP F 264 -42.14 -36.90 -11.12
N ALA F 265 -40.83 -37.22 -11.18
CA ALA F 265 -40.06 -37.38 -9.94
C ALA F 265 -39.98 -36.07 -9.14
N ALA F 266 -39.80 -34.94 -9.83
CA ALA F 266 -39.79 -33.62 -9.15
C ALA F 266 -41.12 -33.30 -8.47
N VAL F 267 -42.23 -33.48 -9.20
CA VAL F 267 -43.54 -33.19 -8.61
C VAL F 267 -43.80 -34.15 -7.47
N LYS F 268 -43.42 -35.41 -7.62
CA LYS F 268 -43.56 -36.36 -6.51
C LYS F 268 -42.75 -35.90 -5.26
N ALA F 269 -41.52 -35.47 -5.45
CA ALA F 269 -40.74 -34.89 -4.34
C ALA F 269 -41.46 -33.70 -3.69
N LEU F 270 -42.09 -32.87 -4.51
CA LEU F 270 -42.85 -31.70 -4.02
C LEU F 270 -44.02 -32.16 -3.16
N VAL F 271 -44.83 -33.10 -3.64
CA VAL F 271 -46.01 -33.51 -2.85
C VAL F 271 -45.57 -34.26 -1.56
N ASP F 272 -44.51 -35.04 -1.65
CA ASP F 272 -43.99 -35.82 -0.52
C ASP F 272 -43.52 -34.80 0.56
N PHE F 273 -42.93 -33.71 0.10
CA PHE F 273 -42.54 -32.61 0.99
C PHE F 273 -43.73 -31.91 1.65
N VAL F 274 -44.72 -31.51 0.86
CA VAL F 274 -45.91 -30.87 1.42
C VAL F 274 -46.59 -31.78 2.44
N GLU F 275 -46.65 -33.09 2.17
CA GLU F 275 -47.35 -34.01 3.07
C GLU F 275 -46.57 -34.36 4.35
N SER F 276 -45.25 -34.12 4.39
CA SER F 276 -44.44 -34.40 5.57
C SER F 276 -44.05 -33.16 6.43
N SER F 277 -44.69 -32.03 6.19
CA SER F 277 -44.30 -30.76 6.82
C SER F 277 -44.75 -30.75 8.30
N GLN F 278 -43.88 -30.27 9.20
CA GLN F 278 -44.20 -30.13 10.62
C GLN F 278 -44.76 -28.71 10.83
N ARG F 279 -44.14 -27.72 10.21
CA ARG F 279 -44.61 -26.35 10.41
C ARG F 279 -45.67 -25.85 9.45
N GLY F 280 -45.94 -26.61 8.40
CA GLY F 280 -46.76 -26.15 7.29
C GLY F 280 -45.83 -25.43 6.33
N ILE F 281 -46.34 -25.13 5.12
CA ILE F 281 -45.57 -24.43 4.10
C ILE F 281 -45.89 -22.95 4.04
N ILE F 282 -44.93 -22.18 3.58
CA ILE F 282 -45.16 -20.74 3.36
C ILE F 282 -46.30 -20.57 2.35
N ARG F 283 -47.00 -19.44 2.47
N ARG F 283 -46.96 -19.41 2.40
CA ARG F 283 -48.06 -19.04 1.53
CA ARG F 283 -48.01 -19.06 1.43
C ARG F 283 -47.96 -17.57 1.21
C ARG F 283 -48.24 -17.56 1.39
N HIS G 1 -19.43 -39.87 3.39
CA HIS G 1 -18.21 -40.59 2.89
C HIS G 1 -17.19 -40.69 3.98
N HIS G 2 -16.72 -41.91 4.27
CA HIS G 2 -15.95 -42.15 5.48
C HIS G 2 -14.44 -42.12 5.26
N HIS G 3 -14.01 -42.21 4.01
CA HIS G 3 -12.57 -42.27 3.69
C HIS G 3 -11.77 -43.01 4.73
#